data_8GTF
#
_entry.id   8GTF
#
loop_
_entity.id
_entity.type
_entity.pdbx_description
1 polymer 'Head-to-tail joining protein'
2 polymer 'Major tail protein'
3 polymer 'Terminator protein'
#
loop_
_entity_poly.entity_id
_entity_poly.type
_entity_poly.pdbx_seq_one_letter_code
_entity_poly.pdbx_strand_id
1 'polypeptide(L)'
;MIESLADWSIFTDPDVFGEPVTWTTPPLPDPVPAIFTDASEDRPATLGPGVLTIAPTLTLGAAQLPFSPARNHRCTVRGI
TYRVAEVQPDGSGGLRLLLERV
;
M,N,O,P,Q,X
2 'polypeptide(L)'
;MLKGKDGVVKNASTGDSIGHLQSWALDTQRDEVSGWGMGDDAERAFTTVGRASGNFEVYLDPADPSDDLEPGDLVDLELY
PGGESTGSGYRSVAGALILSTAESASKDGIPMLTVNWRTSGALPQKATVS
;
e,f,g,h,i,j
3 'polypeptide(L)'
;MSEAIIAAARGRLISPPFSDATGDVYRTPEAALPAIIVELDYTDAERISMGGGFIASAELRVEILAKRDDWSLLTPTPAN
TAEGMARLAALVRTAILAPPSDLSGLAWSIAPAGYEFETERGETPLARATQSFALQILQP
;
k,l,m,n,o,p
#
# COMPACT_ATOMS: atom_id res chain seq x y z
N MET A 1 0.65 -56.89 3.56
CA MET A 1 0.55 -57.36 2.17
C MET A 1 -0.29 -58.61 2.15
N ILE A 2 -0.87 -58.94 3.29
CA ILE A 2 -1.63 -60.16 3.40
C ILE A 2 -2.81 -60.10 2.48
N GLU A 3 -3.39 -58.92 2.33
CA GLU A 3 -4.60 -58.81 1.55
C GLU A 3 -4.48 -59.23 0.09
N SER A 4 -3.43 -58.80 -0.59
CA SER A 4 -3.21 -59.15 -2.00
C SER A 4 -4.42 -59.60 -2.82
N LEU A 5 -4.33 -60.79 -3.40
CA LEU A 5 -5.43 -61.34 -4.16
C LEU A 5 -6.80 -61.30 -3.52
N ALA A 6 -6.89 -61.67 -2.26
CA ALA A 6 -8.21 -61.74 -1.70
C ALA A 6 -8.80 -60.38 -1.74
N ASP A 7 -8.06 -59.40 -1.21
CA ASP A 7 -8.62 -58.07 -1.09
C ASP A 7 -9.05 -57.48 -2.40
N TRP A 8 -8.26 -57.74 -3.43
CA TRP A 8 -8.59 -57.14 -4.69
C TRP A 8 -9.83 -57.80 -5.23
N SER A 9 -9.89 -59.13 -5.15
CA SER A 9 -11.06 -59.82 -5.66
C SER A 9 -12.32 -59.36 -4.95
N ILE A 10 -12.26 -59.30 -3.62
CA ILE A 10 -13.48 -58.99 -2.89
C ILE A 10 -14.15 -57.69 -3.33
N PHE A 11 -13.45 -56.58 -3.31
CA PHE A 11 -14.11 -55.33 -3.63
C PHE A 11 -14.51 -55.34 -5.08
N THR A 12 -13.61 -55.77 -5.93
CA THR A 12 -13.90 -55.69 -7.35
C THR A 12 -15.18 -56.41 -7.65
N ASP A 13 -15.44 -57.51 -6.95
CA ASP A 13 -16.64 -58.33 -7.18
C ASP A 13 -17.65 -57.70 -8.16
N PRO A 14 -17.74 -58.22 -9.40
CA PRO A 14 -18.62 -57.52 -10.35
C PRO A 14 -20.07 -57.47 -9.94
N ASP A 15 -20.72 -56.35 -10.22
CA ASP A 15 -22.13 -56.15 -9.88
C ASP A 15 -22.34 -55.96 -8.41
N VAL A 16 -21.27 -55.76 -7.67
CA VAL A 16 -21.43 -55.44 -6.27
C VAL A 16 -21.00 -54.01 -6.34
N PHE A 17 -19.70 -53.76 -6.37
CA PHE A 17 -19.27 -52.38 -6.57
C PHE A 17 -18.31 -52.19 -7.73
N GLY A 18 -17.80 -53.28 -8.28
CA GLY A 18 -16.81 -53.16 -9.32
C GLY A 18 -17.35 -53.14 -10.71
N GLU A 19 -17.15 -52.02 -11.39
CA GLU A 19 -17.60 -51.92 -12.76
C GLU A 19 -16.44 -52.31 -13.64
N PRO A 20 -16.65 -53.35 -14.45
CA PRO A 20 -15.54 -53.82 -15.27
C PRO A 20 -15.12 -52.78 -16.28
N VAL A 21 -13.82 -52.63 -16.49
CA VAL A 21 -13.32 -51.69 -17.48
C VAL A 21 -12.26 -52.43 -18.26
N THR A 22 -11.99 -52.01 -19.49
CA THR A 22 -10.87 -52.63 -20.19
C THR A 22 -9.89 -51.61 -20.67
N TRP A 23 -8.60 -51.92 -20.57
CA TRP A 23 -7.62 -50.96 -20.96
C TRP A 23 -7.50 -51.10 -22.43
N THR A 24 -7.92 -50.08 -23.16
CA THR A 24 -7.93 -50.17 -24.61
C THR A 24 -6.51 -50.19 -25.05
N THR A 25 -5.60 -49.82 -24.15
CA THR A 25 -4.22 -49.93 -24.51
C THR A 25 -4.03 -51.42 -24.67
N PRO A 26 -3.33 -51.81 -25.73
CA PRO A 26 -3.05 -53.23 -25.90
C PRO A 26 -2.19 -53.84 -24.81
N PRO A 27 -1.44 -53.04 -24.03
CA PRO A 27 -0.69 -53.69 -22.96
C PRO A 27 -1.58 -54.54 -22.06
N LEU A 28 -2.88 -54.22 -21.93
CA LEU A 28 -3.79 -55.06 -21.13
C LEU A 28 -4.86 -55.87 -21.84
N PRO A 29 -4.74 -57.21 -21.84
CA PRO A 29 -5.81 -58.06 -22.36
C PRO A 29 -6.67 -58.47 -21.18
N ASP A 30 -7.74 -59.24 -21.36
CA ASP A 30 -8.50 -59.74 -20.19
C ASP A 30 -9.13 -58.73 -19.20
N PRO A 31 -10.28 -58.11 -19.56
CA PRO A 31 -11.01 -57.14 -18.70
C PRO A 31 -10.74 -57.08 -17.19
N VAL A 32 -10.59 -55.88 -16.65
CA VAL A 32 -10.31 -55.73 -15.24
C VAL A 32 -11.44 -55.01 -14.50
N PRO A 33 -11.70 -55.41 -13.25
CA PRO A 33 -12.72 -54.69 -12.48
C PRO A 33 -12.10 -53.57 -11.67
N ALA A 34 -12.82 -52.47 -11.47
CA ALA A 34 -12.31 -51.40 -10.66
C ALA A 34 -13.49 -50.62 -10.15
N ILE A 35 -13.31 -49.87 -9.08
CA ILE A 35 -14.38 -49.04 -8.55
C ILE A 35 -14.44 -47.67 -9.18
N PHE A 36 -15.56 -47.37 -9.84
CA PHE A 36 -15.74 -46.08 -10.53
C PHE A 36 -16.47 -45.13 -9.63
N THR A 37 -15.87 -43.99 -9.35
CA THR A 37 -16.55 -42.97 -8.54
C THR A 37 -16.41 -41.61 -9.18
N ASP A 38 -17.53 -40.92 -9.34
CA ASP A 38 -17.52 -39.60 -9.95
C ASP A 38 -18.43 -38.79 -9.07
N ALA A 39 -18.19 -37.50 -8.90
CA ALA A 39 -19.13 -36.68 -8.18
C ALA A 39 -19.10 -35.30 -8.79
N SER A 40 -19.79 -34.35 -8.17
CA SER A 40 -19.82 -33.04 -8.73
C SER A 40 -18.68 -32.30 -8.13
N GLU A 41 -18.00 -31.46 -8.92
CA GLU A 41 -16.96 -30.68 -8.37
C GLU A 41 -17.25 -29.27 -8.76
N ASP A 42 -17.21 -28.35 -7.80
CA ASP A 42 -17.47 -27.01 -8.18
C ASP A 42 -16.16 -26.35 -8.40
N ARG A 43 -15.97 -25.83 -9.63
CA ARG A 43 -14.75 -25.15 -9.95
C ARG A 43 -15.09 -23.69 -10.00
N PRO A 44 -14.25 -22.86 -9.33
CA PRO A 44 -14.68 -21.47 -9.31
C PRO A 44 -14.16 -20.65 -10.45
N ALA A 45 -14.65 -19.44 -10.56
CA ALA A 45 -14.14 -18.53 -11.56
C ALA A 45 -13.83 -17.33 -10.71
N THR A 46 -12.78 -16.58 -11.04
CA THR A 46 -12.39 -15.48 -10.18
C THR A 46 -13.51 -14.44 -10.06
N LEU A 47 -14.16 -14.10 -11.17
CA LEU A 47 -15.27 -13.17 -11.12
C LEU A 47 -16.59 -13.87 -11.15
N GLY A 48 -16.63 -15.00 -11.84
CA GLY A 48 -17.88 -15.70 -12.01
C GLY A 48 -18.38 -16.50 -10.83
N PRO A 49 -19.66 -16.88 -10.88
CA PRO A 49 -20.16 -17.75 -9.81
C PRO A 49 -19.38 -19.04 -9.82
N GLY A 50 -19.04 -19.56 -10.99
CA GLY A 50 -18.25 -20.79 -11.08
C GLY A 50 -18.91 -21.69 -12.09
N VAL A 51 -18.51 -22.95 -12.17
CA VAL A 51 -19.16 -23.87 -13.05
C VAL A 51 -19.16 -25.18 -12.35
N LEU A 52 -20.25 -25.96 -12.53
CA LEU A 52 -20.26 -27.23 -11.90
C LEU A 52 -19.68 -28.18 -12.89
N THR A 53 -18.50 -28.69 -12.57
CA THR A 53 -17.82 -29.62 -13.44
C THR A 53 -17.90 -31.00 -12.78
N ILE A 54 -17.59 -32.06 -13.50
CA ILE A 54 -17.58 -33.38 -12.86
C ILE A 54 -16.25 -34.11 -13.00
N ALA A 55 -15.79 -34.75 -11.93
CA ALA A 55 -14.55 -35.50 -12.00
C ALA A 55 -14.75 -36.97 -11.66
N PRO A 56 -14.35 -37.88 -12.55
CA PRO A 56 -14.45 -39.31 -12.29
C PRO A 56 -13.12 -40.02 -12.08
N THR A 57 -13.07 -40.89 -11.09
CA THR A 57 -11.83 -41.58 -10.78
C THR A 57 -12.04 -43.07 -10.63
N LEU A 58 -11.00 -43.85 -10.84
CA LEU A 58 -11.10 -45.29 -10.68
C LEU A 58 -10.23 -45.67 -9.53
N THR A 59 -10.75 -46.46 -8.59
CA THR A 59 -9.94 -46.94 -7.51
C THR A 59 -9.70 -48.38 -7.83
N LEU A 60 -8.42 -48.81 -7.90
CA LEU A 60 -8.20 -50.16 -8.32
C LEU A 60 -7.18 -50.79 -7.43
N GLY A 61 -7.01 -52.12 -7.58
CA GLY A 61 -5.99 -52.81 -6.85
C GLY A 61 -4.77 -52.76 -7.70
N ALA A 62 -3.77 -51.94 -7.30
CA ALA A 62 -2.58 -51.77 -8.08
C ALA A 62 -1.77 -53.03 -8.10
N ALA A 63 -1.61 -53.69 -6.96
CA ALA A 63 -0.77 -54.87 -6.91
C ALA A 63 -1.34 -55.91 -7.83
N GLN A 64 -2.66 -56.04 -7.85
CA GLN A 64 -3.29 -57.04 -8.68
C GLN A 64 -2.96 -56.72 -10.10
N LEU A 65 -2.97 -55.45 -10.44
CA LEU A 65 -2.76 -55.08 -11.82
C LEU A 65 -1.41 -55.54 -12.32
N PRO A 66 -1.40 -56.16 -13.48
CA PRO A 66 -0.14 -56.55 -14.08
C PRO A 66 0.21 -55.36 -14.95
N PHE A 67 0.92 -55.59 -16.05
CA PHE A 67 1.26 -54.51 -16.97
C PHE A 67 1.92 -53.31 -16.26
N SER A 68 1.53 -52.10 -16.62
CA SER A 68 2.15 -50.95 -16.01
C SER A 68 1.17 -49.94 -15.46
N PRO A 69 1.33 -49.57 -14.20
CA PRO A 69 0.49 -48.49 -13.69
C PRO A 69 1.15 -47.28 -14.26
N ALA A 70 0.64 -46.77 -15.38
CA ALA A 70 1.37 -45.69 -16.02
C ALA A 70 0.47 -44.62 -16.56
N ARG A 71 0.91 -43.38 -16.45
CA ARG A 71 0.14 -42.28 -17.00
C ARG A 71 0.20 -42.32 -18.50
N ASN A 72 -0.78 -41.71 -19.16
CA ASN A 72 -0.79 -41.66 -20.62
C ASN A 72 -1.31 -42.94 -21.25
N HIS A 73 -1.71 -43.90 -20.41
CA HIS A 73 -2.21 -45.13 -20.94
C HIS A 73 -3.61 -44.88 -21.39
N ARG A 74 -4.20 -45.83 -22.14
CA ARG A 74 -5.53 -45.63 -22.62
C ARG A 74 -6.42 -46.65 -21.97
N CYS A 75 -7.57 -46.22 -21.48
CA CYS A 75 -8.53 -47.15 -20.88
C CYS A 75 -9.97 -46.74 -21.17
N THR A 76 -10.92 -47.67 -21.15
CA THR A 76 -12.32 -47.29 -21.33
C THR A 76 -13.26 -47.83 -20.27
N VAL A 77 -14.14 -46.97 -19.77
CA VAL A 77 -15.12 -47.39 -18.76
C VAL A 77 -16.51 -47.32 -19.34
N ARG A 78 -17.22 -48.44 -19.36
CA ARG A 78 -18.58 -48.48 -19.89
C ARG A 78 -18.64 -47.96 -21.33
N GLY A 79 -17.62 -48.29 -22.14
CA GLY A 79 -17.64 -47.87 -23.53
C GLY A 79 -17.25 -46.44 -23.83
N ILE A 80 -16.80 -45.69 -22.83
CA ILE A 80 -16.37 -44.33 -23.06
C ILE A 80 -14.86 -44.25 -22.82
N THR A 81 -14.12 -43.71 -23.78
CA THR A 81 -12.67 -43.71 -23.65
C THR A 81 -12.14 -42.72 -22.65
N TYR A 82 -11.17 -43.16 -21.86
CA TYR A 82 -10.54 -42.28 -20.92
C TYR A 82 -9.04 -42.42 -20.99
N ARG A 83 -8.31 -41.32 -21.06
CA ARG A 83 -6.86 -41.42 -21.01
C ARG A 83 -6.54 -41.42 -19.54
N VAL A 84 -5.57 -42.21 -19.08
CA VAL A 84 -5.35 -42.16 -17.64
C VAL A 84 -4.51 -40.95 -17.36
N ALA A 85 -5.19 -39.89 -16.96
CA ALA A 85 -4.49 -38.66 -16.72
C ALA A 85 -3.51 -38.72 -15.56
N GLU A 86 -3.92 -39.25 -14.40
CA GLU A 86 -3.05 -39.24 -13.23
C GLU A 86 -3.19 -40.44 -12.35
N VAL A 87 -2.10 -40.82 -11.69
CA VAL A 87 -2.19 -41.91 -10.74
C VAL A 87 -1.48 -41.50 -9.46
N GLN A 88 -2.09 -41.75 -8.31
CA GLN A 88 -1.39 -41.46 -7.05
C GLN A 88 -1.50 -42.50 -5.92
N PRO A 89 -0.37 -42.92 -5.33
CA PRO A 89 -0.45 -43.99 -4.32
C PRO A 89 -1.11 -43.61 -3.03
N ASP A 90 -1.94 -44.49 -2.51
CA ASP A 90 -2.51 -44.25 -1.20
C ASP A 90 -1.66 -45.08 -0.27
N GLY A 91 -0.70 -45.81 -0.83
CA GLY A 91 0.23 -46.59 -0.02
C GLY A 91 -0.21 -47.95 0.41
N SER A 92 -1.40 -48.34 -0.02
CA SER A 92 -1.90 -49.65 0.30
C SER A 92 -1.62 -50.56 -0.86
N GLY A 93 -0.99 -50.03 -1.89
CA GLY A 93 -0.81 -50.84 -3.08
C GLY A 93 -2.16 -50.75 -3.74
N GLY A 94 -2.99 -49.82 -3.27
CA GLY A 94 -4.30 -49.61 -3.86
C GLY A 94 -4.17 -48.19 -4.30
N LEU A 95 -4.01 -47.97 -5.60
CA LEU A 95 -3.78 -46.63 -6.09
C LEU A 95 -5.06 -46.06 -6.64
N ARG A 96 -5.14 -44.74 -6.74
CA ARG A 96 -6.28 -44.17 -7.36
C ARG A 96 -5.91 -43.49 -8.64
N LEU A 97 -6.68 -43.78 -9.68
CA LEU A 97 -6.44 -43.19 -10.98
C LEU A 97 -7.41 -42.08 -11.28
N LEU A 98 -7.00 -41.14 -12.12
CA LEU A 98 -7.88 -40.08 -12.53
C LEU A 98 -7.92 -40.22 -14.03
N LEU A 99 -9.10 -40.28 -14.60
CA LEU A 99 -9.19 -40.54 -16.03
C LEU A 99 -9.77 -39.41 -16.87
N GLU A 100 -8.98 -38.87 -17.79
CA GLU A 100 -9.45 -37.80 -18.66
C GLU A 100 -10.56 -38.28 -19.57
N ARG A 101 -11.57 -37.45 -19.80
CA ARG A 101 -12.62 -37.84 -20.72
C ARG A 101 -12.28 -37.31 -22.09
N VAL A 102 -11.99 -38.20 -23.04
CA VAL A 102 -11.67 -37.80 -24.41
C VAL A 102 -11.38 -39.04 -25.24
N MET B 1 -24.65 -50.78 -7.97
CA MET B 1 -25.84 -50.50 -8.75
C MET B 1 -26.94 -51.43 -8.30
N ILE B 2 -26.67 -52.17 -7.24
CA ILE B 2 -27.62 -53.15 -6.77
C ILE B 2 -28.88 -52.46 -6.33
N GLU B 3 -28.75 -51.27 -5.74
CA GLU B 3 -29.90 -50.61 -5.20
C GLU B 3 -31.00 -50.29 -6.20
N SER B 4 -30.65 -49.76 -7.36
CA SER B 4 -31.64 -49.42 -8.40
C SER B 4 -33.09 -49.21 -7.97
N LEU B 5 -33.99 -49.97 -8.56
CA LEU B 5 -35.39 -49.90 -8.20
C LEU B 5 -35.73 -49.95 -6.74
N ALA B 6 -35.12 -50.86 -6.00
CA ALA B 6 -35.53 -50.97 -4.63
C ALA B 6 -35.24 -49.68 -3.95
N ASP B 7 -34.00 -49.22 -4.09
CA ASP B 7 -33.58 -48.04 -3.34
C ASP B 7 -34.42 -46.84 -3.65
N TRP B 8 -34.78 -46.69 -4.91
CA TRP B 8 -35.52 -45.51 -5.26
C TRP B 8 -36.92 -45.61 -4.68
N SER B 9 -37.54 -46.79 -4.81
CA SER B 9 -38.87 -46.94 -4.27
C SER B 9 -38.90 -46.69 -2.78
N ILE B 10 -37.94 -47.29 -2.06
CA ILE B 10 -38.01 -47.17 -0.60
C ILE B 10 -38.05 -45.73 -0.10
N PHE B 11 -37.10 -44.90 -0.47
CA PHE B 11 -37.10 -43.56 0.08
C PHE B 11 -38.29 -42.81 -0.42
N THR B 12 -38.56 -42.91 -1.71
CA THR B 12 -39.62 -42.11 -2.26
C THR B 12 -40.89 -42.38 -1.52
N ASP B 13 -41.11 -43.62 -1.10
CA ASP B 13 -42.34 -44.02 -0.39
C ASP B 13 -43.27 -42.84 -0.04
N PRO B 14 -44.40 -42.68 -0.76
CA PRO B 14 -45.19 -41.48 -0.48
C PRO B 14 -45.71 -41.39 0.94
N ASP B 15 -45.74 -40.18 1.48
CA ASP B 15 -46.23 -39.94 2.85
C ASP B 15 -45.28 -40.46 3.88
N VAL B 16 -44.07 -40.82 3.47
CA VAL B 16 -43.08 -41.19 4.46
C VAL B 16 -42.19 -39.99 4.32
N PHE B 17 -41.35 -39.97 3.29
CA PHE B 17 -40.57 -38.76 3.06
C PHE B 17 -40.70 -38.20 1.66
N GLY B 18 -41.31 -38.95 0.76
CA GLY B 18 -41.37 -38.52 -0.62
C GLY B 18 -42.59 -37.74 -0.97
N GLU B 19 -42.40 -36.48 -1.33
CA GLU B 19 -43.52 -35.65 -1.73
C GLU B 19 -43.64 -35.75 -3.23
N PRO B 20 -44.79 -36.23 -3.70
CA PRO B 20 -44.92 -36.42 -5.13
C PRO B 20 -44.87 -35.10 -5.88
N VAL B 21 -44.19 -35.08 -7.01
CA VAL B 21 -44.12 -33.88 -7.83
C VAL B 21 -44.39 -34.31 -9.25
N THR B 22 -44.83 -33.40 -10.10
CA THR B 22 -44.98 -33.77 -11.50
C THR B 22 -44.24 -32.83 -12.39
N TRP B 23 -43.60 -33.36 -13.43
CA TRP B 23 -42.83 -32.50 -14.28
C TRP B 23 -43.81 -31.93 -15.23
N THR B 24 -44.05 -30.63 -15.13
CA THR B 24 -45.06 -30.01 -15.98
C THR B 24 -44.55 -30.05 -17.37
N THR B 25 -43.26 -30.31 -17.53
CA THR B 25 -42.75 -30.46 -18.87
C THR B 25 -43.47 -31.69 -19.36
N PRO B 26 -43.97 -31.63 -20.58
CA PRO B 26 -44.61 -32.82 -21.15
C PRO B 26 -43.68 -34.01 -21.32
N PRO B 27 -42.35 -33.82 -21.35
CA PRO B 27 -41.53 -35.01 -21.44
C PRO B 27 -41.85 -36.04 -20.36
N LEU B 28 -42.34 -35.61 -19.19
CA LEU B 28 -42.73 -36.56 -18.13
C LEU B 28 -44.21 -36.75 -17.81
N PRO B 29 -44.77 -37.93 -18.13
CA PRO B 29 -46.15 -38.23 -17.72
C PRO B 29 -46.04 -39.02 -16.41
N ASP B 30 -47.14 -39.42 -15.78
CA ASP B 30 -47.04 -40.28 -14.59
C ASP B 30 -46.26 -39.79 -13.35
N PRO B 31 -46.85 -38.90 -12.53
CA PRO B 31 -46.23 -38.36 -11.29
C PRO B 31 -45.04 -39.08 -10.64
N VAL B 32 -44.02 -38.32 -10.25
CA VAL B 32 -42.85 -38.93 -9.64
C VAL B 32 -42.66 -38.48 -8.20
N PRO B 33 -42.16 -39.38 -7.34
CA PRO B 33 -41.88 -38.97 -5.97
C PRO B 33 -40.45 -38.50 -5.82
N ALA B 34 -40.20 -37.53 -4.94
CA ALA B 34 -38.86 -37.08 -4.71
C ALA B 34 -38.81 -36.47 -3.34
N ILE B 35 -37.63 -36.37 -2.75
CA ILE B 35 -37.49 -35.73 -1.44
C ILE B 35 -37.30 -34.24 -1.54
N PHE B 36 -38.23 -33.48 -0.95
CA PHE B 36 -38.16 -32.02 -0.99
C PHE B 36 -37.52 -31.51 0.27
N THR B 37 -36.45 -30.76 0.14
CA THR B 37 -35.81 -30.16 1.30
C THR B 37 -35.50 -28.70 1.06
N ASP B 38 -35.92 -27.85 1.99
CA ASP B 38 -35.67 -26.42 1.86
C ASP B 38 -35.22 -26.01 3.22
N ALA B 39 -34.35 -25.01 3.33
CA ALA B 39 -34.01 -24.50 4.65
C ALA B 39 -33.74 -23.02 4.50
N SER B 40 -33.26 -22.39 5.56
CA SER B 40 -33.02 -20.98 5.50
C SER B 40 -31.61 -20.83 5.05
N GLU B 41 -31.36 -19.83 4.18
CA GLU B 41 -30.01 -19.60 3.79
C GLU B 41 -29.77 -18.15 4.03
N ASP B 42 -28.65 -17.83 4.70
CA ASP B 42 -28.41 -16.44 4.92
C ASP B 42 -27.49 -15.98 3.84
N ARG B 43 -27.95 -14.98 3.08
CA ARG B 43 -27.15 -14.44 2.02
C ARG B 43 -26.66 -13.11 2.52
N PRO B 44 -25.34 -12.85 2.37
CA PRO B 44 -24.91 -11.58 2.95
C PRO B 44 -24.97 -10.42 2.01
N ALA B 45 -24.75 -9.24 2.55
CA ALA B 45 -24.69 -8.06 1.72
C ALA B 45 -23.36 -7.49 2.16
N THR B 46 -22.62 -6.86 1.25
CA THR B 46 -21.30 -6.39 1.61
C THR B 46 -21.35 -5.37 2.75
N LEU B 47 -22.30 -4.44 2.70
CA LEU B 47 -22.44 -3.48 3.77
C LEU B 47 -23.56 -3.85 4.70
N GLY B 48 -24.58 -4.49 4.15
CA GLY B 48 -25.75 -4.80 4.95
C GLY B 48 -25.63 -5.97 5.89
N PRO B 49 -26.58 -6.07 6.82
CA PRO B 49 -26.57 -7.25 7.70
C PRO B 49 -26.75 -8.49 6.84
N GLY B 50 -27.59 -8.42 5.82
CA GLY B 50 -27.80 -9.56 4.92
C GLY B 50 -29.27 -9.74 4.74
N VAL B 51 -29.71 -10.85 4.16
CA VAL B 51 -31.11 -11.12 4.02
C VAL B 51 -31.28 -12.58 4.20
N LEU B 52 -32.39 -12.99 4.84
CA LEU B 52 -32.57 -14.39 5.01
C LEU B 52 -33.36 -14.82 3.82
N THR B 53 -32.73 -15.60 2.96
CA THR B 53 -33.37 -16.11 1.76
C THR B 53 -33.63 -17.59 1.98
N ILE B 54 -34.46 -18.21 1.14
CA ILE B 54 -34.66 -19.65 1.28
C ILE B 54 -34.34 -20.43 0.01
N ALA B 55 -33.67 -21.57 0.14
CA ALA B 55 -33.37 -22.39 -1.03
C ALA B 55 -33.96 -23.79 -0.91
N PRO B 56 -34.77 -24.20 -1.90
CA PRO B 56 -35.34 -25.54 -1.90
C PRO B 56 -34.79 -26.47 -2.97
N THR B 57 -34.52 -27.71 -2.59
CA THR B 57 -33.94 -28.65 -3.53
C THR B 57 -34.68 -29.97 -3.52
N LEU B 58 -34.60 -30.71 -4.61
CA LEU B 58 -35.24 -32.01 -4.68
C LEU B 58 -34.16 -33.04 -4.77
N THR B 59 -34.21 -34.08 -3.96
CA THR B 59 -33.26 -35.15 -4.09
C THR B 59 -34.04 -36.27 -4.70
N LEU B 60 -33.56 -36.82 -5.84
CA LEU B 60 -34.36 -37.82 -6.48
C LEU B 60 -33.49 -38.95 -6.91
N GLY B 61 -34.13 -40.05 -7.35
CA GLY B 61 -33.39 -41.16 -7.85
C GLY B 61 -33.24 -40.91 -9.33
N ALA B 62 -32.01 -40.56 -9.76
CA ALA B 62 -31.76 -40.24 -11.14
C ALA B 62 -31.93 -41.44 -12.01
N ALA B 63 -31.39 -42.58 -11.60
CA ALA B 63 -31.46 -43.76 -12.44
C ALA B 63 -32.89 -44.12 -12.69
N GLN B 64 -33.72 -44.01 -11.66
CA GLN B 64 -35.11 -44.36 -11.78
C GLN B 64 -35.72 -43.46 -12.80
N LEU B 65 -35.33 -42.20 -12.78
CA LEU B 65 -35.96 -41.25 -13.67
C LEU B 65 -35.74 -41.63 -15.12
N PRO B 66 -36.81 -41.60 -15.89
CA PRO B 66 -36.67 -41.85 -17.31
C PRO B 66 -36.48 -40.47 -17.89
N PHE B 67 -36.91 -40.25 -19.13
CA PHE B 67 -36.82 -38.93 -19.75
C PHE B 67 -35.39 -38.34 -19.67
N SER B 68 -35.27 -37.06 -19.36
CA SER B 68 -33.96 -36.47 -19.32
C SER B 68 -33.67 -35.71 -18.05
N PRO B 69 -32.55 -36.03 -17.40
CA PRO B 69 -32.18 -35.20 -16.25
C PRO B 69 -31.60 -33.99 -16.91
N ALA B 70 -32.39 -32.93 -17.06
CA ALA B 70 -31.88 -31.81 -17.83
C ALA B 70 -32.23 -30.49 -17.23
N ARG B 71 -31.31 -29.54 -17.32
CA ARG B 71 -31.58 -28.21 -16.82
C ARG B 71 -32.57 -27.53 -17.74
N ASN B 72 -33.28 -26.53 -17.23
CA ASN B 72 -34.24 -25.77 -18.03
C ASN B 72 -35.56 -26.48 -18.19
N HIS B 73 -35.70 -27.65 -17.54
CA HIS B 73 -36.93 -28.38 -17.66
C HIS B 73 -37.90 -27.71 -16.74
N ARG B 74 -39.19 -28.07 -16.85
CA ARG B 74 -40.18 -27.45 -16.02
C ARG B 74 -40.75 -28.49 -15.10
N CYS B 75 -40.86 -28.18 -13.82
CA CYS B 75 -41.46 -29.11 -12.87
C CYS B 75 -42.28 -28.39 -11.81
N THR B 76 -43.25 -29.04 -11.19
CA THR B 76 -43.98 -28.39 -10.09
C THR B 76 -44.09 -29.21 -8.82
N VAL B 77 -43.83 -28.58 -7.69
CA VAL B 77 -43.93 -29.27 -6.40
C VAL B 77 -45.07 -28.70 -5.59
N ARG B 78 -46.02 -29.54 -5.21
CA ARG B 78 -47.17 -29.09 -4.43
C ARG B 78 -47.91 -27.94 -5.12
N GLY B 79 -48.03 -28.00 -6.44
CA GLY B 79 -48.77 -26.96 -7.16
C GLY B 79 -48.05 -25.66 -7.41
N ILE B 80 -46.77 -25.57 -7.07
CA ILE B 80 -46.02 -24.35 -7.33
C ILE B 80 -44.97 -24.65 -8.39
N THR B 81 -44.92 -23.84 -9.44
CA THR B 81 -44.02 -24.13 -10.54
C THR B 81 -42.57 -23.85 -10.24
N TYR B 82 -41.71 -24.77 -10.64
CA TYR B 82 -40.29 -24.58 -10.45
C TYR B 82 -39.54 -24.91 -11.73
N ARG B 83 -38.64 -24.04 -12.17
CA ARG B 83 -37.84 -24.38 -13.33
C ARG B 83 -36.67 -25.15 -12.75
N VAL B 84 -36.19 -26.21 -13.40
CA VAL B 84 -35.09 -26.90 -12.75
C VAL B 84 -33.84 -26.13 -13.06
N ALA B 85 -33.46 -25.30 -12.12
CA ALA B 85 -32.30 -24.47 -12.34
C ALA B 85 -31.00 -25.24 -12.48
N GLU B 86 -30.72 -26.19 -11.57
CA GLU B 86 -29.43 -26.89 -11.60
C GLU B 86 -29.50 -28.33 -11.19
N VAL B 87 -28.63 -29.15 -11.76
CA VAL B 87 -28.57 -30.52 -11.32
C VAL B 87 -27.12 -30.91 -11.10
N GLN B 88 -26.82 -31.58 -9.99
CA GLN B 88 -25.44 -32.05 -9.80
C GLN B 88 -25.26 -33.47 -9.23
N PRO B 89 -24.41 -34.31 -9.88
CA PRO B 89 -24.30 -35.70 -9.42
C PRO B 89 -23.64 -35.89 -8.09
N ASP B 90 -24.19 -36.76 -7.26
CA ASP B 90 -23.53 -37.10 -6.03
C ASP B 90 -22.82 -38.40 -6.32
N GLY B 91 -23.00 -38.91 -7.53
CA GLY B 91 -22.31 -40.13 -7.95
C GLY B 91 -22.93 -41.43 -7.58
N SER B 92 -24.08 -41.36 -6.94
CA SER B 92 -24.78 -42.56 -6.56
C SER B 92 -25.83 -42.83 -7.59
N GLY B 93 -25.91 -41.98 -8.61
CA GLY B 93 -26.99 -42.13 -9.56
C GLY B 93 -28.15 -41.51 -8.83
N GLY B 94 -27.87 -40.81 -7.75
CA GLY B 94 -28.90 -40.13 -7.00
C GLY B 94 -28.44 -38.71 -7.11
N LEU B 95 -29.10 -37.93 -7.95
CA LEU B 95 -28.66 -36.57 -8.18
C LEU B 95 -29.48 -35.62 -7.37
N ARG B 96 -28.95 -34.42 -7.15
CA ARG B 96 -29.74 -33.44 -6.48
C ARG B 96 -30.06 -32.29 -7.39
N LEU B 97 -31.33 -31.92 -7.41
CA LEU B 97 -31.77 -30.82 -8.25
C LEU B 97 -32.00 -29.56 -7.46
N LEU B 98 -31.87 -28.42 -8.11
CA LEU B 98 -32.12 -27.16 -7.46
C LEU B 98 -33.21 -26.55 -8.30
N LEU B 99 -34.31 -26.13 -7.69
CA LEU B 99 -35.43 -25.66 -8.48
C LEU B 99 -35.77 -24.18 -8.29
N GLU B 100 -35.68 -23.40 -9.36
CA GLU B 100 -36.00 -21.98 -9.30
C GLU B 100 -37.47 -21.78 -9.01
N ARG B 101 -37.80 -20.79 -8.19
CA ARG B 101 -39.21 -20.51 -7.94
C ARG B 101 -39.67 -19.44 -8.89
N VAL B 102 -40.56 -19.80 -9.82
CA VAL B 102 -41.10 -18.85 -10.79
C VAL B 102 -42.09 -19.56 -11.70
N MET C 1 -43.80 -35.84 6.85
CA MET C 1 -44.87 -35.02 7.42
C MET C 1 -45.64 -35.87 8.41
N ILE C 2 -45.14 -37.05 8.68
CA ILE C 2 -45.83 -37.97 9.54
C ILE C 2 -45.93 -37.38 10.92
N GLU C 3 -44.90 -36.67 11.33
CA GLU C 3 -44.87 -36.16 12.70
C GLU C 3 -46.01 -35.23 13.06
N SER C 4 -46.33 -34.27 12.21
CA SER C 4 -47.41 -33.32 12.47
C SER C 4 -47.86 -33.11 13.91
N LEU C 5 -49.14 -33.32 14.18
CA LEU C 5 -49.66 -33.21 15.53
C LEU C 5 -48.90 -33.90 16.62
N ALA C 6 -48.50 -35.14 16.40
CA ALA C 6 -47.88 -35.84 17.48
C ALA C 6 -46.64 -35.10 17.86
N ASP C 7 -45.80 -34.84 16.86
CA ASP C 7 -44.50 -34.25 17.14
C ASP C 7 -44.61 -32.93 17.85
N TRP C 8 -45.57 -32.14 17.44
CA TRP C 8 -45.66 -30.83 18.03
C TRP C 8 -46.12 -30.97 19.48
N SER C 9 -47.12 -31.82 19.70
CA SER C 9 -47.60 -31.99 21.05
C SER C 9 -46.50 -32.49 21.96
N ILE C 10 -45.77 -33.51 21.52
CA ILE C 10 -44.78 -34.10 22.41
C ILE C 10 -43.77 -33.10 22.97
N PHE C 11 -43.08 -32.36 22.13
CA PHE C 11 -42.06 -31.48 22.67
C PHE C 11 -42.72 -30.39 23.47
N THR C 12 -43.78 -29.82 22.93
CA THR C 12 -44.37 -28.69 23.61
C THR C 12 -44.73 -29.06 25.01
N ASP C 13 -45.16 -30.31 25.21
CA ASP C 13 -45.59 -30.78 26.54
C ASP C 13 -45.31 -29.79 27.68
N PRO C 14 -46.36 -29.12 28.21
CA PRO C 14 -46.05 -28.09 29.22
C PRO C 14 -45.37 -28.61 30.46
N ASP C 15 -44.43 -27.83 31.00
CA ASP C 15 -43.69 -28.20 32.19
C ASP C 15 -42.70 -29.31 31.93
N VAL C 16 -42.46 -29.61 30.67
CA VAL C 16 -41.42 -30.56 30.37
C VAL C 16 -40.43 -29.62 29.77
N PHE C 17 -40.63 -29.24 28.52
CA PHE C 17 -39.75 -28.21 27.96
C PHE C 17 -40.49 -27.03 27.36
N GLY C 18 -41.79 -27.15 27.20
CA GLY C 18 -42.53 -26.10 26.55
C GLY C 18 -43.10 -25.06 27.46
N GLU C 19 -42.62 -23.83 27.31
CA GLU C 19 -43.13 -22.74 28.13
C GLU C 19 -44.24 -22.09 27.35
N PRO C 20 -45.44 -22.08 27.92
CA PRO C 20 -46.56 -21.53 27.19
C PRO C 20 -46.39 -20.05 26.94
N VAL C 21 -46.75 -19.59 25.75
CA VAL C 21 -46.67 -18.18 25.43
C VAL C 21 -47.98 -17.82 24.77
N THR C 22 -48.37 -16.56 24.79
CA THR C 22 -49.56 -16.18 24.05
C THR C 22 -49.28 -15.06 23.10
N TRP C 23 -49.85 -15.11 21.92
CA TRP C 23 -49.57 -14.10 20.95
C TRP C 23 -50.50 -12.99 21.29
N THR C 24 -49.93 -11.88 21.75
CA THR C 24 -50.77 -10.77 22.19
C THR C 24 -51.43 -10.21 20.98
N THR C 25 -50.93 -10.57 19.81
CA THR C 25 -51.60 -10.13 18.62
C THR C 25 -52.93 -10.84 18.71
N PRO C 26 -54.00 -10.12 18.42
CA PRO C 26 -55.31 -10.76 18.42
C PRO C 26 -55.47 -11.86 17.37
N PRO C 27 -54.64 -11.90 16.32
CA PRO C 27 -54.81 -13.02 15.40
C PRO C 27 -54.76 -14.36 16.11
N LEU C 28 -54.06 -14.48 17.24
CA LEU C 28 -54.04 -15.75 18.00
C LEU C 28 -54.76 -15.82 19.34
N PRO C 29 -55.86 -16.58 19.42
CA PRO C 29 -56.51 -16.83 20.71
C PRO C 29 -55.96 -18.14 21.24
N ASP C 30 -56.36 -18.61 22.42
CA ASP C 30 -55.93 -19.95 22.86
C ASP C 30 -54.42 -20.25 23.02
N PRO C 31 -53.77 -19.79 24.12
CA PRO C 31 -52.34 -20.02 24.41
C PRO C 31 -51.58 -21.15 23.70
N VAL C 32 -50.37 -20.85 23.24
CA VAL C 32 -49.59 -21.86 22.53
C VAL C 32 -48.30 -22.20 23.27
N PRO C 33 -47.88 -23.47 23.22
CA PRO C 33 -46.62 -23.83 23.83
C PRO C 33 -45.47 -23.72 22.85
N ALA C 34 -44.27 -23.36 23.31
CA ALA C 34 -43.14 -23.30 22.43
C ALA C 34 -41.91 -23.44 23.27
N ILE C 35 -40.80 -23.83 22.68
CA ILE C 35 -39.55 -23.94 23.42
C ILE C 35 -38.77 -22.64 23.45
N PHE C 36 -38.54 -22.11 24.67
CA PHE C 36 -37.83 -20.85 24.83
C PHE C 36 -36.39 -21.12 25.13
N THR C 37 -35.50 -20.59 24.31
CA THR C 37 -34.07 -20.74 24.55
C THR C 37 -33.35 -19.41 24.42
N ASP C 38 -32.56 -19.07 25.41
CA ASP C 38 -31.82 -17.81 25.39
C ASP C 38 -30.45 -18.19 25.86
N ALA C 39 -29.41 -17.52 25.38
CA ALA C 39 -28.09 -17.78 25.95
C ALA C 39 -27.33 -16.48 25.89
N SER C 40 -26.05 -16.52 26.22
CA SER C 40 -25.27 -15.32 26.22
C SER C 40 -24.69 -15.20 24.86
N GLU C 41 -24.64 -13.97 24.33
CA GLU C 41 -24.02 -13.80 23.06
C GLU C 41 -23.03 -12.71 23.24
N ASP C 42 -21.79 -12.94 22.78
CA ASP C 42 -20.84 -11.88 22.94
C ASP C 42 -20.81 -11.12 21.66
N ARG C 43 -21.10 -9.81 21.76
CA ARG C 43 -21.08 -8.98 20.60
C ARG C 43 -19.84 -8.14 20.72
N PRO C 44 -19.06 -8.06 19.61
CA PRO C 44 -17.81 -7.33 19.80
C PRO C 44 -17.92 -5.87 19.52
N ALA C 45 -16.86 -5.14 19.84
CA ALA C 45 -16.81 -3.74 19.51
C ALA C 45 -15.49 -3.68 18.79
N THR C 46 -15.37 -2.81 17.79
CA THR C 46 -14.15 -2.80 17.01
C THR C 46 -12.94 -2.46 17.86
N LEU C 47 -13.06 -1.48 18.75
CA LEU C 47 -11.96 -1.15 19.64
C LEU C 47 -12.16 -1.73 21.01
N GLY C 48 -13.41 -1.85 21.42
CA GLY C 48 -13.70 -2.32 22.75
C GLY C 48 -13.57 -3.80 23.00
N PRO C 49 -13.54 -4.18 24.28
CA PRO C 49 -13.52 -5.61 24.58
C PRO C 49 -14.78 -6.24 24.02
N GLY C 50 -15.92 -5.55 24.12
CA GLY C 50 -17.17 -6.07 23.60
C GLY C 50 -18.23 -5.89 24.65
N VAL C 51 -19.40 -6.50 24.48
CA VAL C 51 -20.42 -6.43 25.48
C VAL C 51 -21.09 -7.75 25.49
N LEU C 52 -21.49 -8.23 26.68
CA LEU C 52 -22.17 -9.48 26.69
C LEU C 52 -23.61 -9.15 26.57
N THR C 53 -24.20 -9.52 25.44
CA THR C 53 -25.61 -9.26 25.20
C THR C 53 -26.33 -10.60 25.28
N ILE C 54 -27.65 -10.60 25.36
CA ILE C 54 -28.37 -11.87 25.37
C ILE C 54 -29.41 -11.98 24.25
N ALA C 55 -29.49 -13.14 23.60
CA ALA C 55 -30.49 -13.33 22.56
C ALA C 55 -31.42 -14.49 22.87
N PRO C 56 -32.73 -14.24 22.89
CA PRO C 56 -33.71 -15.30 23.13
C PRO C 56 -34.55 -15.67 21.91
N THR C 57 -34.74 -16.96 21.70
CA THR C 57 -35.49 -17.42 20.54
C THR C 57 -36.54 -18.44 20.93
N LEU C 58 -37.58 -18.56 20.12
CA LEU C 58 -38.62 -19.54 20.38
C LEU C 58 -38.56 -20.56 19.28
N THR C 59 -38.55 -21.84 19.62
CA THR C 59 -38.60 -22.86 18.61
C THR C 59 -40.00 -23.39 18.70
N LEU C 60 -40.75 -23.39 17.57
CA LEU C 60 -42.11 -23.81 17.68
C LEU C 60 -42.44 -24.72 16.55
N GLY C 61 -43.63 -25.35 16.64
CA GLY C 61 -44.09 -26.19 15.56
C GLY C 61 -44.86 -25.28 14.64
N ALA C 62 -44.27 -24.97 13.47
CA ALA C 62 -44.90 -24.07 12.53
C ALA C 62 -46.15 -24.66 11.98
N ALA C 63 -46.12 -25.92 11.59
CA ALA C 63 -47.29 -26.52 10.96
C ALA C 63 -48.44 -26.48 11.91
N GLN C 64 -48.17 -26.75 13.18
CA GLN C 64 -49.21 -26.77 14.18
C GLN C 64 -49.81 -25.40 14.24
N LEU C 65 -48.97 -24.38 14.15
CA LEU C 65 -49.47 -23.04 14.30
C LEU C 65 -50.48 -22.70 13.25
N PRO C 66 -51.59 -22.13 13.67
CA PRO C 66 -52.58 -21.68 12.71
C PRO C 66 -52.19 -20.24 12.46
N PHE C 67 -53.15 -19.39 12.13
CA PHE C 67 -52.88 -17.97 11.93
C PHE C 67 -51.74 -17.73 10.92
N SER C 68 -50.85 -16.80 11.21
CA SER C 68 -49.78 -16.52 10.28
C SER C 68 -48.41 -16.53 10.89
N PRO C 69 -47.49 -17.30 10.31
CA PRO C 69 -46.11 -17.21 10.79
C PRO C 69 -45.64 -15.94 10.16
N ALA C 70 -45.68 -14.83 10.89
CA ALA C 70 -45.36 -13.57 10.22
C ALA C 70 -44.52 -12.66 11.07
N ARG C 71 -43.60 -11.96 10.44
CA ARG C 71 -42.78 -11.00 11.16
C ARG C 71 -43.64 -9.82 11.55
N ASN C 72 -43.21 -9.09 12.57
CA ASN C 72 -43.93 -7.90 13.01
C ASN C 72 -45.14 -8.22 13.87
N HIS C 73 -45.35 -9.50 14.16
CA HIS C 73 -46.47 -9.88 14.96
C HIS C 73 -46.09 -9.59 16.38
N ARG C 74 -47.08 -9.63 17.30
CA ARG C 74 -46.78 -9.35 18.66
C ARG C 74 -47.00 -10.59 19.47
N CYS C 75 -46.06 -10.91 20.35
CA CYS C 75 -46.22 -12.08 21.21
C CYS C 75 -45.64 -11.83 22.60
N THR C 76 -46.09 -12.54 23.63
CA THR C 76 -45.47 -12.39 24.94
C THR C 76 -45.08 -13.69 25.61
N VAL C 77 -43.86 -13.74 26.17
CA VAL C 77 -43.39 -14.93 26.86
C VAL C 77 -43.24 -14.65 28.33
N ARG C 78 -43.93 -15.39 29.18
CA ARG C 78 -43.86 -15.20 30.62
C ARG C 78 -44.18 -13.76 31.00
N GLY C 79 -45.16 -13.15 30.35
CA GLY C 79 -45.56 -11.79 30.70
C GLY C 79 -44.69 -10.66 30.21
N ILE C 80 -43.69 -10.96 29.38
CA ILE C 80 -42.83 -9.92 28.83
C ILE C 80 -43.08 -9.83 27.33
N THR C 81 -43.38 -8.63 26.83
CA THR C 81 -43.73 -8.50 25.43
C THR C 81 -42.57 -8.64 24.47
N TYR C 82 -42.79 -9.38 23.40
CA TYR C 82 -41.77 -9.53 22.40
C TYR C 82 -42.35 -9.32 21.02
N ARG C 83 -41.71 -8.51 20.19
CA ARG C 83 -42.19 -8.38 18.82
C ARG C 83 -41.51 -9.51 18.08
N VAL C 84 -42.18 -10.18 17.16
CA VAL C 84 -41.45 -11.27 16.52
C VAL C 84 -40.57 -10.66 15.46
N ALA C 85 -39.32 -10.47 15.84
CA ALA C 85 -38.41 -9.84 14.92
C ALA C 85 -38.13 -10.64 13.66
N GLU C 86 -37.83 -11.94 13.79
CA GLU C 86 -37.46 -12.74 12.61
C GLU C 86 -37.91 -14.16 12.67
N VAL C 87 -38.18 -14.74 11.51
CA VAL C 87 -38.52 -16.15 11.48
C VAL C 87 -37.73 -16.82 10.37
N GLN C 88 -37.14 -17.98 10.65
CA GLN C 88 -36.45 -18.70 9.58
C GLN C 88 -36.66 -20.23 9.51
N PRO C 89 -37.01 -20.78 8.33
CA PRO C 89 -37.31 -22.21 8.27
C PRO C 89 -36.14 -23.13 8.46
N ASP C 90 -36.32 -24.18 9.22
CA ASP C 90 -35.28 -25.18 9.34
C ASP C 90 -35.70 -26.27 8.39
N GLY C 91 -36.86 -26.10 7.75
CA GLY C 91 -37.33 -27.06 6.76
C GLY C 91 -38.06 -28.26 7.26
N SER C 92 -38.26 -28.32 8.56
CA SER C 92 -38.98 -29.42 9.13
C SER C 92 -40.40 -28.98 9.35
N GLY C 93 -40.71 -27.75 8.97
CA GLY C 93 -42.03 -27.24 9.28
C GLY C 93 -41.92 -26.87 10.73
N GLY C 94 -40.69 -26.84 11.24
CA GLY C 94 -40.45 -26.45 12.61
C GLY C 94 -39.58 -25.25 12.41
N LEU C 95 -40.13 -24.06 12.59
CA LEU C 95 -39.39 -22.85 12.34
C LEU C 95 -38.85 -22.29 13.61
N ARG C 96 -37.83 -21.45 13.52
CA ARG C 96 -37.36 -20.80 14.69
C ARG C 96 -37.61 -19.32 14.62
N LEU C 97 -38.16 -18.78 15.70
CA LEU C 97 -38.44 -17.36 15.75
C LEU C 97 -37.44 -16.62 16.59
N LEU C 98 -37.24 -15.35 16.31
CA LEU C 98 -36.35 -14.54 17.10
C LEU C 98 -37.25 -13.43 17.60
N LEU C 99 -37.25 -13.19 18.90
CA LEU C 99 -38.19 -12.21 19.43
C LEU C 99 -37.56 -10.98 20.06
N GLU C 100 -37.84 -9.80 19.50
CA GLU C 100 -37.30 -8.55 20.05
C GLU C 100 -37.85 -8.28 21.42
N ARG C 101 -37.02 -7.77 22.32
CA ARG C 101 -37.52 -7.42 23.64
C ARG C 101 -37.90 -5.97 23.64
N VAL C 102 -39.19 -5.68 23.78
CA VAL C 102 -39.70 -4.31 23.82
C VAL C 102 -41.21 -4.32 23.97
N MET D 1 -37.66 -27.00 33.20
CA MET D 1 -37.50 -26.40 34.53
C MET D 1 -37.69 -27.47 35.57
N ILE D 2 -37.96 -28.65 35.06
CA ILE D 2 -38.24 -29.69 35.96
C ILE D 2 -37.12 -29.86 36.95
N GLU D 3 -35.90 -29.76 36.54
CA GLU D 3 -34.88 -30.08 37.52
C GLU D 3 -34.76 -29.22 38.72
N SER D 4 -34.73 -27.91 38.57
CA SER D 4 -34.78 -27.06 39.77
C SER D 4 -33.94 -27.45 40.97
N LEU D 5 -34.63 -27.58 42.09
CA LEU D 5 -33.97 -27.97 43.29
C LEU D 5 -33.11 -29.19 43.14
N ALA D 6 -33.65 -30.24 42.54
CA ALA D 6 -32.91 -31.46 42.54
C ALA D 6 -31.60 -31.21 41.87
N ASP D 7 -31.66 -30.64 40.67
CA ASP D 7 -30.45 -30.48 39.89
C ASP D 7 -29.40 -29.67 40.59
N TRP D 8 -29.85 -28.63 41.28
CA TRP D 8 -28.87 -27.78 41.89
C TRP D 8 -28.25 -28.52 43.06
N SER D 9 -29.04 -29.28 43.71
CA SER D 9 -28.49 -29.87 44.85
C SER D 9 -27.49 -30.86 44.52
N ILE D 10 -27.85 -31.73 43.62
CA ILE D 10 -26.96 -32.78 43.49
C ILE D 10 -25.56 -32.40 43.05
N PHE D 11 -25.40 -31.52 42.10
CA PHE D 11 -24.05 -31.26 41.61
C PHE D 11 -23.26 -30.64 42.66
N THR D 12 -23.87 -29.74 43.32
CA THR D 12 -23.08 -29.01 44.22
C THR D 12 -22.79 -29.80 45.42
N ASP D 13 -23.26 -31.04 45.44
CA ASP D 13 -23.07 -31.81 46.65
C ASP D 13 -21.70 -31.54 47.27
N PRO D 14 -21.67 -31.11 48.54
CA PRO D 14 -20.32 -30.75 49.03
C PRO D 14 -19.36 -31.91 49.10
N ASP D 15 -18.10 -31.66 48.78
CA ASP D 15 -17.05 -32.67 48.80
C ASP D 15 -17.19 -33.66 47.68
N VAL D 16 -18.04 -33.35 46.72
CA VAL D 16 -18.11 -34.19 45.56
C VAL D 16 -17.49 -33.25 44.57
N PHE D 17 -18.17 -32.18 44.22
CA PHE D 17 -17.62 -31.25 43.22
C PHE D 17 -18.07 -29.84 43.51
N GLY D 18 -18.79 -29.67 44.62
CA GLY D 18 -19.15 -28.33 45.01
C GLY D 18 -18.35 -27.78 46.17
N GLU D 19 -17.59 -26.73 45.90
CA GLU D 19 -16.82 -26.10 46.95
C GLU D 19 -17.65 -24.98 47.52
N PRO D 20 -17.94 -25.06 48.80
CA PRO D 20 -18.81 -24.05 49.39
C PRO D 20 -18.16 -22.68 49.35
N VAL D 21 -18.94 -21.66 49.00
CA VAL D 21 -18.44 -20.30 48.98
C VAL D 21 -19.38 -19.46 49.83
N THR D 22 -18.90 -18.33 50.33
CA THR D 22 -19.77 -17.45 51.10
C THR D 22 -19.73 -16.10 50.40
N TRP D 23 -20.87 -15.46 50.22
CA TRP D 23 -20.83 -14.14 49.62
C TRP D 23 -20.42 -13.14 50.68
N THR D 24 -19.37 -12.38 50.41
CA THR D 24 -18.90 -11.39 51.36
C THR D 24 -19.97 -10.33 51.56
N THR D 25 -20.64 -9.97 50.48
CA THR D 25 -21.74 -9.03 50.59
C THR D 25 -22.76 -9.70 51.47
N PRO D 26 -23.37 -8.94 52.37
CA PRO D 26 -24.32 -9.51 53.31
C PRO D 26 -25.68 -10.02 52.80
N PRO D 27 -26.08 -9.72 51.55
CA PRO D 27 -27.40 -10.23 51.19
C PRO D 27 -27.57 -11.74 51.38
N LEU D 28 -26.56 -12.57 51.12
CA LEU D 28 -26.73 -14.00 51.40
C LEU D 28 -26.18 -14.36 52.76
N PRO D 29 -27.05 -14.87 53.65
CA PRO D 29 -26.62 -15.23 55.00
C PRO D 29 -26.22 -16.69 55.18
N ASP D 30 -26.30 -17.52 54.15
CA ASP D 30 -26.04 -18.94 54.30
C ASP D 30 -24.92 -19.46 53.39
N PRO D 31 -24.11 -20.41 53.87
CA PRO D 31 -23.01 -20.84 53.01
C PRO D 31 -23.57 -21.44 51.71
N VAL D 32 -23.00 -21.08 50.57
CA VAL D 32 -23.58 -21.55 49.32
C VAL D 32 -22.69 -22.43 48.46
N PRO D 33 -23.18 -23.61 48.08
CA PRO D 33 -22.42 -24.53 47.22
C PRO D 33 -22.34 -24.10 45.76
N ALA D 34 -21.22 -24.41 45.09
CA ALA D 34 -21.05 -24.08 43.66
C ALA D 34 -19.80 -24.78 43.11
N ILE D 35 -19.63 -24.79 41.79
CA ILE D 35 -18.48 -25.45 41.19
C ILE D 35 -17.38 -24.47 40.80
N PHE D 36 -16.20 -24.64 41.39
CA PHE D 36 -15.07 -23.75 41.13
C PHE D 36 -14.19 -24.36 40.08
N THR D 37 -13.97 -23.65 38.99
CA THR D 37 -13.06 -24.14 37.95
C THR D 37 -12.11 -23.04 37.52
N ASP D 38 -10.83 -23.35 37.51
CA ASP D 38 -9.82 -22.38 37.11
C ASP D 38 -8.90 -23.16 36.22
N ALA D 39 -8.26 -22.49 35.26
CA ALA D 39 -7.33 -23.16 34.35
C ALA D 39 -6.32 -22.16 33.82
N SER D 40 -5.30 -22.67 33.14
CA SER D 40 -4.32 -21.79 32.53
C SER D 40 -5.00 -20.97 31.46
N GLU D 41 -4.71 -19.67 31.41
CA GLU D 41 -5.32 -18.80 30.41
C GLU D 41 -4.24 -18.15 29.58
N ASP D 42 -4.40 -18.17 28.26
CA ASP D 42 -3.37 -17.63 27.39
C ASP D 42 -3.67 -16.17 27.08
N ARG D 43 -2.77 -15.28 27.50
CA ARG D 43 -2.92 -13.86 27.19
C ARG D 43 -1.65 -13.43 26.50
N PRO D 44 -1.69 -13.29 25.17
CA PRO D 44 -0.51 -12.95 24.39
C PRO D 44 -0.04 -11.54 24.56
N ALA D 45 1.12 -11.24 24.01
CA ALA D 45 1.60 -9.89 24.02
C ALA D 45 1.91 -9.70 22.56
N THR D 46 1.72 -8.49 22.03
CA THR D 46 1.90 -8.30 20.61
C THR D 46 3.34 -8.63 20.18
N LEU D 47 4.33 -8.19 20.95
CA LEU D 47 5.70 -8.51 20.62
C LEU D 47 6.22 -9.64 21.46
N GLY D 48 5.71 -9.74 22.67
CA GLY D 48 6.21 -10.73 23.59
C GLY D 48 5.75 -12.15 23.39
N PRO D 49 6.43 -13.10 24.02
CA PRO D 49 5.95 -14.48 23.94
C PRO D 49 4.56 -14.54 24.54
N GLY D 50 4.32 -13.82 25.63
CA GLY D 50 2.99 -13.80 26.24
C GLY D 50 3.17 -13.99 27.72
N VAL D 51 2.10 -14.23 28.47
CA VAL D 51 2.23 -14.51 29.87
C VAL D 51 1.20 -15.52 30.19
N LEU D 52 1.54 -16.44 31.12
CA LEU D 52 0.57 -17.42 31.46
C LEU D 52 -0.18 -16.84 32.61
N THR D 53 -1.44 -16.52 32.38
CA THR D 53 -2.29 -15.95 33.42
C THR D 53 -3.28 -17.02 33.83
N ILE D 54 -4.01 -16.81 34.91
CA ILE D 54 -5.04 -17.76 35.32
C ILE D 54 -6.42 -17.14 35.42
N ALA D 55 -7.46 -17.96 35.39
CA ALA D 55 -8.82 -17.45 35.53
C ALA D 55 -9.66 -18.46 36.30
N PRO D 56 -10.54 -17.99 37.18
CA PRO D 56 -11.46 -18.89 37.88
C PRO D 56 -12.93 -18.57 37.63
N THR D 57 -13.63 -19.46 36.95
CA THR D 57 -15.05 -19.26 36.74
C THR D 57 -15.88 -20.13 37.68
N LEU D 58 -16.86 -19.54 38.34
CA LEU D 58 -17.75 -20.31 39.21
C LEU D 58 -18.97 -20.73 38.41
N THR D 59 -19.43 -21.96 38.57
CA THR D 59 -20.62 -22.34 37.88
C THR D 59 -21.62 -22.63 38.95
N LEU D 60 -22.80 -21.96 38.91
CA LEU D 60 -23.70 -22.15 40.01
C LEU D 60 -25.08 -22.34 39.48
N GLY D 61 -26.01 -22.72 40.38
CA GLY D 61 -27.39 -22.85 40.00
C GLY D 61 -28.00 -21.51 40.24
N ALA D 62 -28.30 -20.76 39.16
CA ALA D 62 -28.83 -19.44 39.28
C ALA D 62 -30.21 -19.47 39.87
N ALA D 63 -31.03 -20.43 39.46
CA ALA D 63 -32.36 -20.56 40.04
C ALA D 63 -32.25 -20.93 41.52
N GLN D 64 -31.20 -21.66 41.88
CA GLN D 64 -31.00 -22.03 43.29
C GLN D 64 -30.79 -20.80 44.15
N LEU D 65 -30.02 -19.83 43.66
CA LEU D 65 -29.74 -18.65 44.45
C LEU D 65 -31.02 -17.89 44.72
N PRO D 66 -31.22 -17.49 45.98
CA PRO D 66 -32.43 -16.75 46.34
C PRO D 66 -32.20 -15.25 46.31
N PHE D 67 -31.02 -14.82 45.91
CA PHE D 67 -30.69 -13.40 45.94
C PHE D 67 -30.04 -12.89 44.66
N SER D 68 -30.07 -11.57 44.45
CA SER D 68 -29.54 -10.96 43.23
C SER D 68 -28.32 -11.53 42.45
N PRO D 69 -28.54 -12.11 41.23
CA PRO D 69 -27.39 -12.49 40.41
C PRO D 69 -26.93 -11.17 39.88
N ALA D 70 -25.93 -10.56 40.51
CA ALA D 70 -25.59 -9.21 40.08
C ALA D 70 -24.11 -8.98 40.04
N ARG D 71 -23.67 -8.21 39.06
CA ARG D 71 -22.26 -7.87 38.97
C ARG D 71 -21.92 -6.91 40.07
N ASN D 72 -20.64 -6.84 40.44
CA ASN D 72 -20.18 -5.91 41.46
C ASN D 72 -20.46 -6.40 42.87
N HIS D 73 -21.01 -7.61 42.99
CA HIS D 73 -21.29 -8.14 44.28
C HIS D 73 -20.00 -8.63 44.84
N ARG D 74 -19.97 -8.95 46.15
CA ARG D 74 -18.75 -9.41 46.74
C ARG D 74 -18.94 -10.83 47.17
N CYS D 75 -17.97 -11.69 46.85
CA CYS D 75 -18.04 -13.09 47.28
C CYS D 75 -16.67 -13.64 47.63
N THR D 76 -16.59 -14.67 48.47
CA THR D 76 -15.28 -15.28 48.75
C THR D 76 -15.24 -16.79 48.59
N VAL D 77 -14.21 -17.29 47.93
CA VAL D 77 -14.06 -18.73 47.74
C VAL D 77 -12.84 -19.22 48.50
N ARG D 78 -13.04 -20.15 49.42
CA ARG D 78 -11.93 -20.69 50.21
C ARG D 78 -11.16 -19.60 50.93
N GLY D 79 -11.88 -18.59 51.44
CA GLY D 79 -11.21 -17.53 52.19
C GLY D 79 -10.50 -16.46 51.40
N ILE D 80 -10.63 -16.48 50.07
CA ILE D 80 -10.00 -15.45 49.26
C ILE D 80 -11.10 -14.61 48.62
N THR D 81 -11.02 -13.30 48.77
CA THR D 81 -12.10 -12.45 48.26
C THR D 81 -12.14 -12.30 46.77
N TYR D 82 -13.33 -12.38 46.21
CA TYR D 82 -13.49 -12.19 44.79
C TYR D 82 -14.64 -11.26 44.51
N ARG D 83 -14.44 -10.26 43.66
CA ARG D 83 -15.56 -9.41 43.29
C ARG D 83 -16.21 -10.13 42.14
N VAL D 84 -17.53 -10.16 42.03
CA VAL D 84 -18.06 -10.90 40.90
C VAL D 84 -17.97 -10.02 39.69
N ALA D 85 -16.92 -10.23 38.94
CA ALA D 85 -16.71 -9.39 37.79
C ALA D 85 -17.78 -9.52 36.71
N GLU D 86 -18.14 -10.76 36.32
CA GLU D 86 -19.09 -10.94 35.22
C GLU D 86 -20.00 -12.12 35.38
N VAL D 87 -21.21 -12.01 34.84
CA VAL D 87 -22.09 -13.15 34.86
C VAL D 87 -22.70 -13.32 33.48
N GLN D 88 -22.74 -14.55 32.98
CA GLN D 88 -23.41 -14.77 31.69
C GLN D 88 -24.31 -16.02 31.56
N PRO D 89 -25.56 -15.85 31.08
CA PRO D 89 -26.46 -17.01 31.05
C PRO D 89 -26.11 -18.08 30.07
N ASP D 90 -26.21 -19.33 30.47
CA ASP D 90 -26.02 -20.42 29.54
C ASP D 90 -27.42 -20.83 29.15
N GLY D 91 -28.42 -20.19 29.75
CA GLY D 91 -29.81 -20.45 29.40
C GLY D 91 -30.47 -21.61 30.07
N SER D 92 -29.75 -22.26 30.96
CA SER D 92 -30.31 -23.36 31.69
C SER D 92 -30.76 -22.86 33.03
N GLY D 93 -30.60 -21.57 33.27
CA GLY D 93 -30.91 -21.06 34.59
C GLY D 93 -29.69 -21.46 35.38
N GLY D 94 -28.64 -21.88 34.69
CA GLY D 94 -27.40 -22.24 35.34
C GLY D 94 -26.46 -21.26 34.73
N LEU D 95 -26.08 -20.23 35.48
CA LEU D 95 -25.25 -19.19 34.93
C LEU D 95 -23.82 -19.40 35.32
N ARG D 96 -22.90 -18.80 34.59
CA ARG D 96 -21.53 -18.89 34.99
C ARG D 96 -21.02 -17.54 35.39
N LEU D 97 -20.35 -17.50 36.54
CA LEU D 97 -19.79 -16.27 37.03
C LEU D 97 -18.30 -16.20 36.82
N LEU D 98 -17.76 -15.00 36.72
CA LEU D 98 -16.33 -14.83 36.59
C LEU D 98 -15.99 -13.97 37.77
N LEU D 99 -15.02 -14.38 38.56
CA LEU D 99 -14.72 -13.65 39.78
C LEU D 99 -13.34 -12.99 39.83
N GLU D 100 -13.31 -11.67 39.94
CA GLU D 100 -12.05 -10.94 40.02
C GLU D 100 -11.31 -11.29 41.29
N ARG D 101 -9.99 -11.42 41.22
CA ARG D 101 -9.23 -11.67 42.42
C ARG D 101 -8.74 -10.36 42.98
N VAL D 102 -9.25 -9.97 44.14
CA VAL D 102 -8.86 -8.72 44.80
C VAL D 102 -9.62 -8.56 46.10
N MET E 1 -12.36 -33.11 44.73
CA MET E 1 -11.11 -33.26 45.45
C MET E 1 -11.03 -34.65 46.02
N ILE E 2 -12.00 -35.47 45.65
CA ILE E 2 -12.07 -36.81 46.19
C ILE E 2 -10.84 -37.58 45.79
N GLU E 3 -10.35 -37.34 44.58
CA GLU E 3 -9.24 -38.13 44.08
C GLU E 3 -7.97 -38.06 44.91
N SER E 4 -7.56 -36.87 45.32
CA SER E 4 -6.35 -36.68 46.13
C SER E 4 -5.29 -37.79 46.09
N LEU E 5 -4.96 -38.32 47.25
CA LEU E 5 -4.01 -39.41 47.33
C LEU E 5 -4.21 -40.57 46.40
N ALA E 6 -5.42 -41.05 46.28
CA ALA E 6 -5.59 -42.23 45.47
C ALA E 6 -5.17 -41.91 44.08
N ASP E 7 -5.72 -40.83 43.53
CA ASP E 7 -5.47 -40.51 42.15
C ASP E 7 -4.02 -40.32 41.84
N TRP E 8 -3.32 -39.69 42.75
CA TRP E 8 -1.94 -39.41 42.47
C TRP E 8 -1.16 -40.71 42.51
N SER E 9 -1.43 -41.54 43.52
CA SER E 9 -0.71 -42.80 43.59
C SER E 9 -0.95 -43.64 42.37
N ILE E 10 -2.22 -43.76 41.96
CA ILE E 10 -2.51 -44.67 40.85
C ILE E 10 -1.70 -44.38 39.58
N PHE E 11 -1.75 -43.17 39.07
CA PHE E 11 -1.06 -42.93 37.81
C PHE E 11 0.42 -43.04 38.04
N THR E 12 0.90 -42.44 39.11
CA THR E 12 2.33 -42.41 39.30
C THR E 12 2.87 -43.81 39.29
N ASP E 13 2.12 -44.76 39.83
CA ASP E 13 2.55 -46.16 39.91
C ASP E 13 3.87 -46.46 39.16
N PRO E 14 5.00 -46.65 39.90
CA PRO E 14 6.25 -46.80 39.16
C PRO E 14 6.29 -47.99 38.24
N ASP E 15 6.93 -47.83 37.08
CA ASP E 15 7.04 -48.88 36.07
C ASP E 15 5.74 -49.16 35.39
N VAL E 16 4.76 -48.29 35.58
CA VAL E 16 3.54 -48.45 34.82
C VAL E 16 3.70 -47.27 33.92
N PHE E 17 3.39 -46.08 34.41
CA PHE E 17 3.67 -44.90 33.60
C PHE E 17 4.51 -43.85 34.29
N GLY E 18 4.72 -43.99 35.59
CA GLY E 18 5.42 -42.97 36.33
C GLY E 18 6.90 -43.18 36.43
N GLU E 19 7.67 -42.27 35.85
CA GLU E 19 9.11 -42.37 35.92
C GLU E 19 9.54 -41.54 37.10
N PRO E 20 10.20 -42.18 38.06
CA PRO E 20 10.57 -41.45 39.26
C PRO E 20 11.58 -40.36 38.95
N VAL E 21 11.42 -39.20 39.56
CA VAL E 21 12.36 -38.11 39.37
C VAL E 21 12.68 -37.58 40.75
N THR E 22 13.81 -36.93 40.91
CA THR E 22 14.07 -36.29 42.20
C THR E 22 14.39 -34.84 42.05
N TRP E 23 13.88 -34.01 42.95
CA TRP E 23 14.11 -32.61 42.81
C TRP E 23 15.44 -32.38 43.41
N THR E 24 16.41 -32.01 42.59
CA THR E 24 17.77 -31.85 43.09
C THR E 24 17.77 -30.66 43.98
N THR E 25 16.71 -29.86 43.89
CA THR E 25 16.63 -28.75 44.82
C THR E 25 16.50 -29.44 46.15
N PRO E 26 17.24 -28.96 47.13
CA PRO E 26 17.10 -29.54 48.47
C PRO E 26 15.72 -29.36 49.09
N PRO E 27 14.89 -28.42 48.62
CA PRO E 27 13.57 -28.36 49.22
C PRO E 27 12.85 -29.70 49.17
N LEU E 28 13.15 -30.57 48.19
CA LEU E 28 12.52 -31.90 48.14
C LEU E 28 13.38 -33.13 48.43
N PRO E 29 13.13 -33.81 49.57
CA PRO E 29 13.80 -35.08 49.84
C PRO E 29 12.87 -36.19 49.36
N ASP E 30 13.23 -37.46 49.47
CA ASP E 30 12.27 -38.53 49.13
C ASP E 30 11.68 -38.60 47.70
N PRO E 31 12.44 -39.10 46.71
CA PRO E 31 11.99 -39.25 45.30
C PRO E 31 10.50 -39.22 44.95
N VAL E 32 10.14 -38.49 43.91
CA VAL E 32 8.74 -38.39 43.53
C VAL E 32 8.49 -38.98 42.14
N PRO E 33 7.31 -39.61 41.96
CA PRO E 33 6.99 -40.12 40.62
C PRO E 33 6.22 -39.10 39.82
N ALA E 34 6.41 -39.06 38.50
CA ALA E 34 5.67 -38.15 37.68
C ALA E 34 5.65 -38.71 36.29
N ILE E 35 4.69 -38.29 35.47
CA ILE E 35 4.63 -38.75 34.08
C ILE E 35 5.47 -37.91 33.15
N PHE E 36 6.46 -38.53 32.51
CA PHE E 36 7.35 -37.82 31.59
C PHE E 36 6.86 -37.98 30.19
N THR E 37 6.61 -36.88 29.50
CA THR E 37 6.21 -36.95 28.11
C THR E 37 6.98 -35.95 27.27
N ASP E 38 7.56 -36.43 26.18
CA ASP E 38 8.33 -35.56 25.30
C ASP E 38 7.89 -35.94 23.93
N ALA E 39 7.86 -35.02 22.98
CA ALA E 39 7.58 -35.41 21.61
C ALA E 39 8.36 -34.49 20.71
N SER E 40 8.13 -34.58 19.40
CA SER E 40 8.87 -33.76 18.51
C SER E 40 8.08 -32.51 18.33
N GLU E 41 8.77 -31.36 18.26
CA GLU E 41 8.05 -30.15 18.02
C GLU E 41 8.74 -29.52 16.86
N ASP E 42 7.95 -29.09 15.86
CA ASP E 42 8.60 -28.46 14.76
C ASP E 42 8.53 -26.99 14.99
N ARG E 43 9.72 -26.35 15.04
CA ARG E 43 9.77 -24.94 15.23
C ARG E 43 10.14 -24.35 13.90
N PRO E 44 9.39 -23.30 13.48
CA PRO E 44 9.72 -22.83 12.14
C PRO E 44 10.77 -21.77 12.10
N ALA E 45 11.21 -21.44 10.90
CA ALA E 45 12.15 -20.36 10.74
C ALA E 45 11.44 -19.54 9.70
N THR E 46 11.56 -18.22 9.74
CA THR E 46 10.81 -17.39 8.82
C THR E 46 11.18 -17.70 7.36
N LEU E 47 12.47 -17.86 7.07
CA LEU E 47 12.88 -18.20 5.73
C LEU E 47 13.19 -19.67 5.60
N GLY E 48 13.67 -20.25 6.69
CA GLY E 48 14.08 -21.63 6.64
C GLY E 48 12.99 -22.67 6.66
N PRO E 49 13.36 -23.91 6.32
CA PRO E 49 12.36 -24.98 6.43
C PRO E 49 11.93 -25.10 7.88
N GLY E 50 12.87 -24.96 8.81
CA GLY E 50 12.54 -25.03 10.24
C GLY E 50 13.53 -25.93 10.89
N VAL E 51 13.30 -26.33 12.14
CA VAL E 51 14.18 -27.25 12.80
C VAL E 51 13.32 -28.12 13.63
N LEU E 52 13.69 -29.41 13.74
CA LEU E 52 12.88 -30.25 14.56
C LEU E 52 13.50 -30.20 15.91
N THR E 53 12.79 -29.60 16.84
CA THR E 53 13.26 -29.47 18.21
C THR E 53 12.45 -30.43 19.07
N ILE E 54 12.87 -30.70 20.29
CA ILE E 54 12.07 -31.55 21.16
C ILE E 54 11.70 -30.89 22.48
N ALA E 55 10.45 -31.05 22.93
CA ALA E 55 10.04 -30.49 24.20
C ALA E 55 9.55 -31.56 25.16
N PRO E 56 10.14 -31.63 26.37
CA PRO E 56 9.70 -32.58 27.38
C PRO E 56 9.01 -31.97 28.57
N THR E 57 7.92 -32.58 29.01
CA THR E 57 7.17 -32.04 30.13
C THR E 57 6.85 -33.10 31.16
N LEU E 58 6.63 -32.68 32.39
CA LEU E 58 6.29 -33.63 33.44
C LEU E 58 4.88 -33.33 33.87
N THR E 59 4.02 -34.34 33.95
CA THR E 59 2.70 -34.13 34.45
C THR E 59 2.71 -34.73 35.82
N LEU E 60 2.34 -33.95 36.85
CA LEU E 60 2.46 -34.50 38.17
C LEU E 60 1.23 -34.18 38.95
N GLY E 61 1.12 -34.79 40.15
CA GLY E 61 0.01 -34.49 41.01
C GLY E 61 0.48 -33.35 41.87
N ALA E 62 -0.06 -32.14 41.62
CA ALA E 62 0.35 -30.97 42.34
C ALA E 62 -0.05 -31.06 43.78
N ALA E 63 -1.28 -31.48 44.06
CA ALA E 63 -1.75 -31.51 45.42
C ALA E 63 -0.87 -32.43 46.23
N GLN E 64 -0.50 -33.55 45.64
CA GLN E 64 0.32 -34.52 46.35
C GLN E 64 1.61 -33.86 46.69
N LEU E 65 2.13 -33.07 45.76
CA LEU E 65 3.43 -32.49 45.99
C LEU E 65 3.44 -31.60 47.21
N PRO E 66 4.44 -31.78 48.05
CA PRO E 66 4.58 -30.90 49.19
C PRO E 66 5.48 -29.81 48.69
N PHE E 67 6.27 -29.21 49.56
CA PHE E 67 7.22 -28.17 49.15
C PHE E 67 6.55 -27.05 48.33
N SER E 68 7.19 -26.60 47.26
CA SER E 68 6.61 -25.53 46.49
C SER E 68 6.53 -25.82 45.01
N PRO E 69 5.34 -25.65 44.43
CA PRO E 69 5.27 -25.77 42.98
C PRO E 69 5.81 -24.46 42.52
N ALA E 70 7.10 -24.40 42.18
CA ALA E 70 7.66 -23.09 41.89
C ALA E 70 8.59 -23.11 40.72
N ARG E 71 8.55 -22.05 39.93
CA ARG E 71 9.46 -21.94 38.80
C ARG E 71 10.85 -21.69 39.31
N ASN E 72 11.86 -22.02 38.50
CA ASN E 72 13.25 -21.79 38.88
C ASN E 72 13.80 -22.84 39.81
N HIS E 73 12.98 -23.86 40.12
CA HIS E 73 13.43 -24.89 41.00
C HIS E 73 14.29 -25.80 40.19
N ARG E 74 15.03 -26.71 40.86
CA ARG E 74 15.90 -27.59 40.13
C ARG E 74 15.38 -28.99 40.29
N CYS E 75 15.32 -29.73 39.19
CA CYS E 75 14.88 -31.12 39.27
C CYS E 75 15.64 -32.00 38.27
N THR E 76 15.75 -33.30 38.51
CA THR E 76 16.39 -34.17 37.51
C THR E 76 15.58 -35.40 37.13
N VAL E 77 15.49 -35.68 35.85
CA VAL E 77 14.75 -36.86 35.37
C VAL E 77 15.72 -37.84 34.75
N ARG E 78 15.76 -39.06 35.27
CA ARG E 78 16.66 -40.08 34.74
C ARG E 78 18.11 -39.61 34.72
N GLY E 79 18.53 -38.88 35.75
CA GLY E 79 19.92 -38.43 35.82
C GLY E 79 20.30 -37.24 34.98
N ILE E 80 19.35 -36.60 34.31
CA ILE E 80 19.65 -35.42 33.52
C ILE E 80 19.00 -34.21 34.18
N THR E 81 19.78 -33.17 34.42
CA THR E 81 19.24 -32.02 35.15
C THR E 81 18.29 -31.17 34.35
N TYR E 82 17.20 -30.77 34.98
CA TYR E 82 16.26 -29.90 34.33
C TYR E 82 15.87 -28.77 35.25
N ARG E 83 15.90 -27.53 34.78
CA ARG E 83 15.42 -26.44 35.60
C ARG E 83 13.93 -26.40 35.34
N VAL E 84 13.09 -26.16 36.35
CA VAL E 84 11.68 -26.17 36.01
C VAL E 84 11.36 -24.84 35.39
N ALA E 85 11.34 -24.83 34.09
CA ALA E 85 11.10 -23.58 33.40
C ALA E 85 9.72 -23.00 33.62
N GLU E 86 8.66 -23.82 33.49
CA GLU E 86 7.29 -23.29 33.59
C GLU E 86 6.32 -24.23 34.23
N VAL E 87 5.32 -23.68 34.91
CA VAL E 87 4.28 -24.53 35.44
C VAL E 87 2.93 -23.91 35.12
N GLN E 88 1.98 -24.72 34.66
CA GLN E 88 0.64 -24.18 34.44
C GLN E 88 -0.56 -25.05 34.87
N PRO E 89 -1.52 -24.47 35.64
CA PRO E 89 -2.60 -25.31 36.15
C PRO E 89 -3.58 -25.80 35.13
N ASP E 90 -3.97 -27.06 35.23
CA ASP E 90 -5.00 -27.57 34.36
C ASP E 90 -6.25 -27.52 35.20
N GLY E 91 -6.12 -27.08 36.45
CA GLY E 91 -7.27 -26.92 37.33
C GLY E 91 -7.75 -28.13 38.06
N SER E 92 -7.06 -29.24 37.87
CA SER E 92 -7.43 -30.45 38.56
C SER E 92 -6.55 -30.59 39.76
N GLY E 93 -5.68 -29.62 39.98
CA GLY E 93 -4.73 -29.77 41.07
C GLY E 93 -3.70 -30.70 40.47
N GLY E 94 -3.76 -30.89 39.17
CA GLY E 94 -2.80 -31.72 38.48
C GLY E 94 -2.19 -30.73 37.54
N LEU E 95 -0.99 -30.27 37.83
CA LEU E 95 -0.37 -29.25 37.02
C LEU E 95 0.60 -29.85 36.06
N ARG E 96 0.92 -29.13 34.99
CA ARG E 96 1.92 -29.62 34.11
C ARG E 96 3.13 -28.74 34.15
N LEU E 97 4.29 -29.37 34.27
CA LEU E 97 5.54 -28.63 34.31
C LEU E 97 6.28 -28.72 33.00
N LEU E 98 7.10 -27.72 32.71
CA LEU E 98 7.91 -27.75 31.51
C LEU E 98 9.30 -27.63 32.04
N LEU E 99 10.19 -28.53 31.64
CA LEU E 99 11.52 -28.53 32.23
C LEU E 99 12.66 -28.22 31.26
N GLU E 100 13.38 -27.13 31.51
CA GLU E 100 14.51 -26.76 30.66
C GLU E 100 15.61 -27.79 30.73
N ARG E 101 16.25 -28.08 29.61
CA ARG E 101 17.36 -29.00 29.64
C ARG E 101 18.65 -28.22 29.78
N VAL E 102 19.32 -28.36 30.92
CA VAL E 102 20.58 -27.68 31.18
C VAL E 102 21.10 -28.04 32.57
N MET F 1 6.79 -48.06 29.91
CA MET F 1 7.92 -48.73 29.28
C MET F 1 7.66 -50.22 29.31
N ILE F 2 6.47 -50.60 29.73
CA ILE F 2 6.15 -51.99 29.88
C ILE F 2 6.21 -52.66 28.53
N GLU F 3 5.80 -51.95 27.50
CA GLU F 3 5.72 -52.57 26.18
C GLU F 3 7.03 -53.11 25.65
N SER F 4 8.11 -52.36 25.75
CA SER F 4 9.43 -52.79 25.26
C SER F 4 9.48 -53.89 24.21
N LEU F 5 10.19 -54.97 24.51
CA LEU F 5 10.26 -56.10 23.61
C LEU F 5 8.97 -56.62 23.05
N ALA F 6 7.96 -56.77 23.88
CA ALA F 6 6.76 -57.37 23.35
C ALA F 6 6.23 -56.49 22.28
N ASP F 7 6.07 -55.21 22.59
CA ASP F 7 5.44 -54.30 21.66
C ASP F 7 6.16 -54.23 20.34
N TRP F 8 7.47 -54.23 20.41
CA TRP F 8 8.20 -54.09 19.18
C TRP F 8 8.04 -55.35 18.35
N SER F 9 8.16 -56.51 19.01
CA SER F 9 8.01 -57.74 18.27
C SER F 9 6.65 -57.84 17.62
N ILE F 10 5.60 -57.54 18.38
CA ILE F 10 4.27 -57.74 17.84
C ILE F 10 4.02 -57.01 16.51
N PHE F 11 4.23 -55.71 16.46
CA PHE F 11 3.91 -55.02 15.23
C PHE F 11 4.85 -55.46 14.14
N THR F 12 6.12 -55.54 14.47
CA THR F 12 7.08 -55.84 13.43
C THR F 12 6.71 -57.12 12.76
N ASP F 13 6.17 -58.07 13.52
CA ASP F 13 5.81 -59.40 12.97
C ASP F 13 5.92 -59.50 11.45
N PRO F 14 6.95 -60.21 10.93
CA PRO F 14 7.11 -60.19 9.47
C PRO F 14 5.94 -60.77 8.71
N ASP F 15 5.61 -60.17 7.57
CA ASP F 15 4.51 -60.62 6.73
C ASP F 15 3.16 -60.31 7.34
N VAL F 16 3.15 -59.50 8.38
CA VAL F 16 1.88 -59.07 8.91
C VAL F 16 1.94 -57.64 8.46
N PHE F 17 2.67 -56.81 9.19
CA PHE F 17 2.85 -55.44 8.70
C PHE F 17 4.30 -55.01 8.60
N GLY F 18 5.20 -55.79 9.14
CA GLY F 18 6.59 -55.38 9.16
C GLY F 18 7.40 -55.86 8.00
N GLU F 19 7.88 -54.92 7.20
CA GLU F 19 8.71 -55.28 6.06
C GLU F 19 10.14 -55.20 6.52
N PRO F 20 10.85 -56.32 6.44
CA PRO F 20 12.21 -56.33 6.93
C PRO F 20 13.10 -55.41 6.12
N VAL F 21 13.98 -54.69 6.80
CA VAL F 21 14.92 -53.81 6.12
C VAL F 21 16.27 -54.06 6.73
N THR F 22 17.35 -53.77 6.02
CA THR F 22 18.65 -53.89 6.66
C THR F 22 19.42 -52.61 6.55
N TRP F 23 20.13 -52.25 7.61
CA TRP F 23 20.85 -51.01 7.58
C TRP F 23 22.13 -51.33 6.90
N THR F 24 22.30 -50.77 5.71
CA THR F 24 23.48 -51.09 4.93
C THR F 24 24.64 -50.50 5.62
N THR F 25 24.38 -49.60 6.56
CA THR F 25 25.48 -49.08 7.33
C THR F 25 25.96 -50.29 8.08
N PRO F 26 27.27 -50.48 8.13
CA PRO F 26 27.80 -51.60 8.91
C PRO F 26 27.52 -51.52 10.40
N PRO F 27 27.18 -50.34 10.96
CA PRO F 27 26.85 -50.36 12.38
C PRO F 27 25.76 -51.38 12.70
N LEU F 28 24.86 -51.70 11.76
CA LEU F 28 23.83 -52.72 12.01
C LEU F 28 23.93 -54.06 11.28
N PRO F 29 24.21 -55.15 12.01
CA PRO F 29 24.17 -56.49 11.41
C PRO F 29 22.78 -57.05 11.71
N ASP F 30 22.45 -58.27 11.27
CA ASP F 30 21.16 -58.86 11.67
C ASP F 30 19.84 -58.14 11.33
N PRO F 31 19.36 -58.21 10.06
CA PRO F 31 18.10 -57.59 9.59
C PRO F 31 17.03 -57.15 10.60
N VAL F 32 16.49 -55.96 10.42
CA VAL F 32 15.48 -55.46 11.35
C VAL F 32 14.13 -55.26 10.67
N PRO F 33 13.04 -55.52 11.40
CA PRO F 33 11.73 -55.26 10.82
C PRO F 33 11.24 -53.87 11.15
N ALA F 34 10.48 -53.23 10.25
CA ALA F 34 9.96 -51.93 10.54
C ALA F 34 8.75 -51.75 9.67
N ILE F 35 7.87 -50.83 10.04
CA ILE F 35 6.68 -50.54 9.23
C ILE F 35 6.94 -49.50 8.16
N PHE F 36 6.78 -49.89 6.89
CA PHE F 36 7.02 -48.98 5.77
C PHE F 36 5.73 -48.37 5.33
N THR F 37 5.66 -47.05 5.33
CA THR F 37 4.46 -46.37 4.86
C THR F 37 4.83 -45.24 3.92
N ASP F 38 4.21 -45.22 2.75
CA ASP F 38 4.48 -44.17 1.78
C ASP F 38 3.12 -43.76 1.29
N ALA F 39 2.92 -42.51 0.91
CA ALA F 39 1.66 -42.14 0.30
C ALA F 39 1.95 -41.04 -0.68
N SER F 40 0.91 -40.45 -1.25
CA SER F 40 1.12 -39.43 -2.23
C SER F 40 1.16 -38.14 -1.48
N GLU F 41 2.05 -37.23 -1.89
CA GLU F 41 2.07 -35.96 -1.25
C GLU F 41 2.00 -34.96 -2.35
N ASP F 42 1.09 -33.98 -2.22
CA ASP F 42 1.04 -33.01 -3.26
C ASP F 42 1.85 -31.85 -2.83
N ARG F 43 2.87 -31.52 -3.65
CA ARG F 43 3.70 -30.40 -3.35
C ARG F 43 3.31 -29.32 -4.31
N PRO F 44 3.11 -28.09 -3.77
CA PRO F 44 2.62 -27.09 -4.72
C PRO F 44 3.71 -26.33 -5.41
N ALA F 45 3.33 -25.54 -6.39
CA ALA F 45 4.27 -24.68 -7.05
C ALA F 45 3.57 -23.35 -6.94
N THR F 46 4.31 -22.26 -6.80
CA THR F 46 3.66 -20.99 -6.58
C THR F 46 2.76 -20.61 -7.75
N LEU F 47 3.23 -20.81 -8.98
CA LEU F 47 2.39 -20.53 -10.14
C LEU F 47 1.78 -21.78 -10.70
N GLY F 48 2.50 -22.88 -10.57
CA GLY F 48 2.04 -24.12 -11.16
C GLY F 48 0.94 -24.85 -10.44
N PRO F 49 0.31 -25.80 -11.13
CA PRO F 49 -0.70 -26.61 -10.45
C PRO F 49 -0.03 -27.35 -9.30
N GLY F 50 1.19 -27.83 -9.49
CA GLY F 50 1.91 -28.52 -8.44
C GLY F 50 2.49 -29.78 -9.01
N VAL F 51 2.99 -30.68 -8.18
CA VAL F 51 3.48 -31.94 -8.66
C VAL F 51 3.13 -32.95 -7.65
N LEU F 52 2.79 -34.17 -8.10
CA LEU F 52 2.47 -35.16 -7.12
C LEU F 52 3.76 -35.86 -6.84
N THR F 53 4.26 -35.68 -5.63
CA THR F 53 5.50 -36.31 -5.22
C THR F 53 5.15 -37.42 -4.23
N ILE F 54 6.08 -38.31 -3.92
CA ILE F 54 5.78 -39.33 -2.93
C ILE F 54 6.77 -39.34 -1.76
N ALA F 55 6.27 -39.49 -0.54
CA ALA F 55 7.16 -39.55 0.61
C ALA F 55 7.00 -40.85 1.38
N PRO F 56 8.10 -41.60 1.57
CA PRO F 56 8.07 -42.83 2.35
C PRO F 56 8.77 -42.76 3.70
N THR F 57 8.15 -43.32 4.72
CA THR F 57 8.72 -43.27 6.05
C THR F 57 8.71 -44.63 6.71
N LEU F 58 9.61 -44.83 7.66
CA LEU F 58 9.66 -46.10 8.38
C LEU F 58 9.28 -45.81 9.80
N THR F 59 8.36 -46.59 10.36
CA THR F 59 8.04 -46.43 11.76
C THR F 59 8.67 -47.61 12.42
N LEU F 60 9.53 -47.37 13.44
CA LEU F 60 10.21 -48.50 14.00
C LEU F 60 10.18 -48.40 15.49
N GLY F 61 10.61 -49.49 16.16
CA GLY F 61 10.71 -49.47 17.59
C GLY F 61 12.10 -48.98 17.90
N ALA F 62 12.21 -47.73 18.39
CA ALA F 62 13.48 -47.14 18.67
C ALA F 62 14.17 -47.84 19.79
N ALA F 63 13.45 -48.14 20.87
CA ALA F 63 14.08 -48.75 22.02
C ALA F 63 14.67 -50.06 21.63
N GLN F 64 13.95 -50.81 20.80
CA GLN F 64 14.42 -52.12 20.38
C GLN F 64 15.70 -51.93 19.64
N LEU F 65 15.76 -50.88 18.83
CA LEU F 65 16.94 -50.70 18.01
C LEU F 65 18.17 -50.53 18.84
N PRO F 66 19.22 -51.26 18.49
CA PRO F 66 20.49 -51.08 19.17
C PRO F 66 21.19 -50.03 18.33
N PHE F 67 22.51 -50.06 18.31
CA PHE F 67 23.28 -49.13 17.47
C PHE F 67 22.89 -47.67 17.74
N SER F 68 22.76 -46.87 16.69
CA SER F 68 22.43 -45.48 16.89
C SER F 68 21.26 -45.00 16.07
N PRO F 69 20.28 -44.38 16.72
CA PRO F 69 19.21 -43.77 15.93
C PRO F 69 19.85 -42.51 15.45
N ALA F 70 20.39 -42.50 14.24
CA ALA F 70 21.14 -41.33 13.84
C ALA F 70 20.88 -40.93 12.41
N ARG F 71 20.85 -39.63 12.17
CA ARG F 71 20.66 -39.14 10.81
C ARG F 71 21.91 -39.40 10.03
N ASN F 72 21.80 -39.46 8.70
CA ASN F 72 22.94 -39.67 7.83
C ASN F 72 23.37 -41.11 7.75
N HIS F 73 22.63 -42.00 8.42
CA HIS F 73 22.97 -43.39 8.39
C HIS F 73 22.49 -43.92 7.07
N ARG F 74 22.92 -45.15 6.72
CA ARG F 74 22.50 -45.69 5.46
C ARG F 74 21.64 -46.89 5.72
N CYS F 75 20.52 -46.99 5.03
CA CYS F 75 19.65 -48.16 5.19
C CYS F 75 19.00 -48.55 3.86
N THR F 76 18.59 -49.80 3.69
CA THR F 76 17.87 -50.17 2.48
C THR F 76 16.57 -50.92 2.70
N VAL F 77 15.52 -50.52 1.99
CA VAL F 77 14.22 -51.19 2.12
C VAL F 77 13.89 -51.89 0.83
N ARG F 78 13.68 -53.20 0.89
CA ARG F 78 13.34 -53.97 -0.30
C ARG F 78 14.38 -53.79 -1.40
N GLY F 79 15.66 -53.73 -1.04
CA GLY F 79 16.71 -53.61 -2.04
C GLY F 79 16.94 -52.24 -2.64
N ILE F 80 16.26 -51.21 -2.14
CA ILE F 80 16.46 -49.86 -2.63
C ILE F 80 17.12 -49.03 -1.54
N THR F 81 18.23 -48.38 -1.85
CA THR F 81 18.96 -47.65 -0.81
C THR F 81 18.30 -46.38 -0.36
N TYR F 82 18.28 -46.16 0.94
CA TYR F 82 17.73 -44.95 1.47
C TYR F 82 18.67 -44.36 2.50
N ARG F 83 18.96 -43.06 2.41
CA ARG F 83 19.77 -42.45 3.45
C ARG F 83 18.76 -42.04 4.51
N VAL F 84 19.08 -42.19 5.79
CA VAL F 84 18.04 -41.80 6.74
C VAL F 84 18.09 -40.30 6.87
N ALA F 85 17.21 -39.66 6.13
CA ALA F 85 17.21 -38.22 6.14
C ALA F 85 16.85 -37.60 7.49
N GLU F 86 15.77 -38.07 8.12
CA GLU F 86 15.32 -37.44 9.38
C GLU F 86 14.73 -38.40 10.36
N VAL F 87 14.88 -38.09 11.64
CA VAL F 87 14.23 -38.91 12.65
C VAL F 87 13.54 -38.00 13.65
N GLN F 88 12.31 -38.32 14.02
CA GLN F 88 11.65 -37.52 15.06
C GLN F 88 10.84 -38.29 16.13
N PRO F 89 11.08 -38.00 17.43
CA PRO F 89 10.41 -38.79 18.46
C PRO F 89 8.92 -38.57 18.58
N ASP F 90 8.17 -39.64 18.74
CA ASP F 90 6.75 -39.49 18.99
C ASP F 90 6.62 -39.64 20.49
N GLY F 91 7.74 -39.90 21.16
CA GLY F 91 7.75 -39.99 22.62
C GLY F 91 7.38 -41.30 23.23
N SER F 92 7.11 -42.28 22.38
CA SER F 92 6.78 -43.59 22.86
C SER F 92 8.02 -44.44 22.82
N GLY F 93 9.13 -43.85 22.40
CA GLY F 93 10.31 -44.66 22.23
C GLY F 93 10.06 -45.34 20.91
N GLY F 94 9.06 -44.86 20.18
CA GLY F 94 8.75 -45.40 18.88
C GLY F 94 8.95 -44.19 18.02
N LEU F 95 10.05 -44.14 17.29
CA LEU F 95 10.35 -42.97 16.51
C LEU F 95 9.97 -43.18 15.08
N ARG F 96 9.80 -42.10 14.33
CA ARG F 96 9.55 -42.26 12.94
C ARG F 96 10.69 -41.71 12.13
N LEU F 97 11.13 -42.51 11.16
CA LEU F 97 12.21 -42.09 10.30
C LEU F 97 11.73 -41.66 8.95
N LEU F 98 12.48 -40.80 8.29
CA LEU F 98 12.13 -40.37 6.96
C LEU F 98 13.34 -40.76 6.15
N LEU F 99 13.14 -41.48 5.06
CA LEU F 99 14.29 -41.98 4.32
C LEU F 99 14.44 -41.43 2.91
N GLU F 100 15.54 -40.73 2.64
CA GLU F 100 15.80 -40.18 1.31
C GLU F 100 15.99 -41.29 0.30
N ARG F 101 15.46 -41.10 -0.91
CA ARG F 101 15.67 -42.09 -1.94
C ARG F 101 16.88 -41.70 -2.76
N VAL F 102 17.95 -42.48 -2.68
CA VAL F 102 19.17 -42.22 -3.42
C VAL F 102 20.21 -43.28 -3.11
N MET G 1 6.31 30.46 20.13
CA MET G 1 5.65 29.61 19.16
C MET G 1 4.18 29.92 19.10
N LEU G 2 3.79 31.04 18.51
CA LEU G 2 2.39 31.33 18.35
C LEU G 2 1.73 30.25 17.51
N LYS G 3 0.47 29.98 17.79
CA LYS G 3 -0.26 28.95 17.06
C LYS G 3 -0.44 29.22 15.58
N GLY G 4 -0.79 30.44 15.21
CA GLY G 4 -0.88 30.76 13.79
C GLY G 4 -2.19 30.44 13.13
N LYS G 5 -3.13 29.85 13.86
CA LYS G 5 -4.44 29.63 13.32
C LYS G 5 -5.38 30.67 13.88
N ASP G 6 -4.88 31.50 14.78
CA ASP G 6 -5.71 32.51 15.41
C ASP G 6 -5.38 33.91 14.97
N GLY G 7 -4.51 34.08 13.99
CA GLY G 7 -4.11 35.40 13.57
C GLY G 7 -5.24 36.24 13.02
N VAL G 8 -5.33 37.48 13.47
CA VAL G 8 -6.38 38.37 13.01
C VAL G 8 -5.78 39.62 12.43
N VAL G 9 -6.24 40.03 11.27
CA VAL G 9 -5.78 41.27 10.70
C VAL G 9 -6.99 42.15 10.65
N LYS G 10 -6.88 43.37 11.15
CA LYS G 10 -8.03 44.23 11.19
C LYS G 10 -7.72 45.58 10.59
N ASN G 11 -8.69 46.18 9.95
CA ASN G 11 -8.49 47.52 9.42
C ASN G 11 -8.78 48.39 10.61
N ALA G 12 -7.78 49.14 11.01
CA ALA G 12 -7.90 49.98 12.19
C ALA G 12 -8.91 51.09 12.07
N SER G 13 -9.00 51.71 10.91
CA SER G 13 -9.90 52.84 10.76
C SER G 13 -11.38 52.49 10.88
N THR G 14 -11.81 51.40 10.25
CA THR G 14 -13.21 51.01 10.30
C THR G 14 -13.48 49.91 11.32
N GLY G 15 -12.44 49.45 11.99
CA GLY G 15 -12.60 48.43 13.01
C GLY G 15 -13.22 47.11 12.58
N ASP G 16 -12.88 46.60 11.40
CA ASP G 16 -13.41 45.30 11.00
C ASP G 16 -12.34 44.27 10.64
N SER G 17 -12.48 43.06 11.17
CA SER G 17 -11.55 42.00 10.78
C SER G 17 -11.75 41.73 9.31
N ILE G 18 -10.67 41.45 8.59
CA ILE G 18 -10.81 41.29 7.14
C ILE G 18 -11.70 40.18 6.62
N GLY G 19 -11.62 38.99 7.20
CA GLY G 19 -12.46 37.88 6.77
C GLY G 19 -11.76 36.55 6.85
N HIS G 20 -12.33 35.52 6.23
CA HIS G 20 -11.76 34.19 6.28
C HIS G 20 -10.44 34.20 5.58
N LEU G 21 -9.35 34.26 6.32
CA LEU G 21 -8.07 34.40 5.68
C LEU G 21 -7.24 33.15 5.55
N GLN G 22 -6.58 32.96 4.42
CA GLN G 22 -5.70 31.84 4.28
C GLN G 22 -4.31 32.10 4.83
N SER G 23 -3.72 33.24 4.51
CA SER G 23 -2.33 33.50 4.92
C SER G 23 -1.93 34.96 4.97
N TRP G 24 -0.95 35.32 5.79
CA TRP G 24 -0.47 36.70 5.83
C TRP G 24 1.03 36.74 5.75
N ALA G 25 1.58 37.88 5.33
CA ALA G 25 3.02 38.03 5.26
C ALA G 25 3.43 39.47 5.46
N LEU G 26 4.64 39.71 5.95
CA LEU G 26 5.14 41.06 6.14
C LEU G 26 6.62 41.00 5.87
N ASP G 27 7.21 42.09 5.41
CA ASP G 27 8.66 42.15 5.22
C ASP G 27 9.19 43.53 5.50
N THR G 28 10.41 43.65 6.00
CA THR G 28 11.01 44.96 6.19
C THR G 28 12.41 44.95 5.63
N GLN G 29 12.78 45.96 4.82
CA GLN G 29 14.07 45.97 4.16
C GLN G 29 14.78 47.28 4.22
N ARG G 30 16.11 47.27 4.29
CA ARG G 30 16.87 48.52 4.25
C ARG G 30 17.99 48.35 3.25
N ASP G 31 18.11 49.26 2.28
CA ASP G 31 19.13 49.13 1.24
C ASP G 31 20.58 49.24 1.65
N GLU G 32 21.48 48.58 0.93
CA GLU G 32 22.90 48.68 1.23
C GLU G 32 23.89 49.35 0.30
N VAL G 33 24.82 50.12 0.85
CA VAL G 33 25.81 50.79 0.02
C VAL G 33 27.18 50.29 0.42
N SER G 34 27.94 49.74 -0.52
CA SER G 34 29.25 49.21 -0.21
C SER G 34 30.37 49.94 -0.90
N GLY G 35 31.47 50.17 -0.20
CA GLY G 35 32.62 50.81 -0.81
C GLY G 35 33.94 50.23 -0.39
N TRP G 36 34.85 50.06 -1.36
CA TRP G 36 36.17 49.56 -1.03
C TRP G 36 37.18 50.38 -1.81
N GLY G 37 38.43 50.38 -1.35
CA GLY G 37 39.47 51.16 -2.01
C GLY G 37 40.63 50.29 -2.47
N MET G 38 41.54 50.85 -3.23
CA MET G 38 42.69 50.11 -3.69
C MET G 38 43.57 49.78 -2.51
N GLY G 39 43.82 48.50 -2.29
CA GLY G 39 44.64 48.08 -1.17
C GLY G 39 43.88 47.61 0.05
N ASP G 40 42.56 47.42 -0.07
CA ASP G 40 41.75 47.04 1.09
C ASP G 40 41.19 45.63 1.01
N ASP G 41 41.33 44.85 2.09
CA ASP G 41 40.88 43.45 2.08
C ASP G 41 39.36 43.25 2.07
N ALA G 42 38.63 44.02 2.88
CA ALA G 42 37.18 43.83 2.98
C ALA G 42 36.42 45.06 2.51
N GLU G 43 35.12 44.91 2.23
CA GLU G 43 34.33 46.06 1.83
C GLU G 43 33.38 46.52 2.91
N ARG G 44 33.47 47.78 3.28
CA ARG G 44 32.60 48.35 4.29
C ARG G 44 31.22 48.66 3.74
N ALA G 45 30.19 48.61 4.59
CA ALA G 45 28.83 48.86 4.13
C ALA G 45 27.97 49.63 5.11
N PHE G 46 26.92 50.30 4.62
CA PHE G 46 25.98 51.00 5.49
C PHE G 46 24.56 50.92 4.97
N THR G 47 23.56 51.11 5.83
CA THR G 47 22.17 50.99 5.41
C THR G 47 21.52 52.35 5.31
N THR G 48 20.88 52.64 4.18
CA THR G 48 20.35 53.99 3.99
C THR G 48 18.86 54.30 4.24
N VAL G 49 17.93 53.58 3.63
CA VAL G 49 16.51 53.92 3.76
C VAL G 49 15.66 52.67 3.87
N GLY G 50 14.47 52.77 4.45
CA GLY G 50 13.68 51.58 4.67
C GLY G 50 12.27 51.51 4.13
N ARG G 51 11.89 50.35 3.61
CA ARG G 51 10.55 50.17 3.10
C ARG G 51 9.96 48.90 3.66
N ALA G 52 8.64 48.78 3.64
CA ALA G 52 8.00 47.57 4.11
C ALA G 52 6.89 47.17 3.18
N SER G 53 6.63 45.88 3.05
CA SER G 53 5.56 45.42 2.19
C SER G 53 4.95 44.17 2.73
N GLY G 54 3.79 43.81 2.21
CA GLY G 54 3.17 42.57 2.62
C GLY G 54 1.97 42.22 1.82
N ASN G 55 1.42 41.04 2.03
CA ASN G 55 0.28 40.56 1.28
C ASN G 55 -0.60 39.66 2.11
N PHE G 56 -1.88 39.58 1.82
CA PHE G 56 -2.73 38.62 2.54
C PHE G 56 -3.73 37.98 1.59
N GLU G 57 -4.11 36.74 1.86
CA GLU G 57 -5.01 36.02 0.96
C GLU G 57 -6.29 35.64 1.65
N VAL G 58 -7.44 35.87 1.03
CA VAL G 58 -8.68 35.52 1.69
C VAL G 58 -9.66 34.95 0.68
N TYR G 59 -10.63 33.98 1.07
CA TYR G 59 -11.65 33.46 0.18
C TYR G 59 -12.46 34.66 -0.22
N LEU G 60 -12.94 34.65 -1.46
CA LEU G 60 -13.70 35.79 -1.99
C LEU G 60 -14.97 36.09 -1.17
N ASP G 61 -15.21 37.35 -0.77
CA ASP G 61 -16.38 37.69 0.07
C ASP G 61 -17.30 38.85 -0.34
N PRO G 62 -18.62 38.59 -0.52
CA PRO G 62 -19.60 39.63 -0.84
C PRO G 62 -20.35 40.12 0.37
N ALA G 63 -20.09 39.55 1.54
CA ALA G 63 -20.81 39.91 2.77
C ALA G 63 -19.92 40.51 3.83
N ASP G 64 -18.70 40.85 3.48
CA ASP G 64 -17.76 41.32 4.47
C ASP G 64 -17.05 42.44 3.85
N PRO G 65 -16.27 43.26 4.59
CA PRO G 65 -15.43 44.35 4.11
C PRO G 65 -14.27 43.85 3.29
N SER G 66 -14.16 42.54 3.19
CA SER G 66 -13.13 41.99 2.36
C SER G 66 -13.45 42.57 1.02
N ASP G 67 -14.72 42.65 0.69
CA ASP G 67 -15.10 43.15 -0.59
C ASP G 67 -14.64 44.58 -0.86
N ASP G 68 -14.74 45.47 0.11
CA ASP G 68 -14.44 46.91 -0.10
C ASP G 68 -13.06 47.41 -0.48
N LEU G 69 -11.98 46.85 0.06
CA LEU G 69 -10.64 47.42 -0.24
C LEU G 69 -10.31 47.51 -1.77
N GLU G 70 -9.64 48.58 -2.25
CA GLU G 70 -9.45 48.75 -3.68
C GLU G 70 -8.02 49.14 -3.94
N PRO G 71 -7.45 48.79 -5.14
CA PRO G 71 -6.11 49.32 -5.34
C PRO G 71 -6.09 50.82 -5.26
N GLY G 72 -5.04 51.37 -4.67
CA GLY G 72 -4.88 52.80 -4.53
C GLY G 72 -5.38 53.35 -3.21
N ASP G 73 -6.14 52.56 -2.47
CA ASP G 73 -6.68 53.01 -1.20
C ASP G 73 -5.61 53.16 -0.15
N LEU G 74 -5.79 54.08 0.79
CA LEU G 74 -4.83 54.21 1.89
C LEU G 74 -5.53 53.72 3.12
N VAL G 75 -4.94 52.76 3.83
CA VAL G 75 -5.62 52.16 4.96
C VAL G 75 -4.70 51.99 6.16
N ASP G 76 -5.26 51.87 7.35
CA ASP G 76 -4.44 51.62 8.52
C ASP G 76 -4.64 50.18 8.89
N LEU G 77 -3.57 49.40 8.95
CA LEU G 77 -3.72 47.99 9.21
C LEU G 77 -3.06 47.59 10.49
N GLU G 78 -3.76 46.86 11.34
CA GLU G 78 -3.15 46.35 12.55
C GLU G 78 -3.18 44.86 12.40
N LEU G 79 -2.04 44.22 12.52
CA LEU G 79 -1.99 42.80 12.32
C LEU G 79 -1.61 42.14 13.63
N TYR G 80 -2.49 41.07 14.11
CA TYR G 80 -2.18 40.37 15.32
C TYR G 80 -1.75 38.98 14.91
N PRO G 81 -0.38 38.77 15.04
CA PRO G 81 0.11 37.43 14.71
C PRO G 81 -0.46 36.35 15.58
N GLY G 82 -0.55 36.59 16.88
CA GLY G 82 -1.04 35.57 17.78
C GLY G 82 -2.42 35.76 18.32
N GLY G 83 -3.15 36.70 17.74
CA GLY G 83 -4.51 36.95 18.19
C GLY G 83 -4.58 38.20 19.05
N GLU G 84 -5.76 38.49 19.56
CA GLU G 84 -5.95 39.72 20.33
C GLU G 84 -5.93 39.46 21.83
N SER G 85 -5.47 38.29 22.23
CA SER G 85 -5.47 37.93 23.64
C SER G 85 -4.52 38.89 24.33
N THR G 86 -4.81 39.22 25.58
CA THR G 86 -4.00 40.22 26.26
C THR G 86 -2.54 39.82 26.31
N GLY G 87 -1.67 40.79 26.06
CA GLY G 87 -0.25 40.50 26.05
C GLY G 87 0.26 39.94 24.75
N SER G 88 -0.55 39.97 23.71
CA SER G 88 -0.10 39.47 22.42
C SER G 88 0.34 40.61 21.53
N GLY G 89 1.55 40.51 20.99
CA GLY G 89 2.07 41.60 20.19
C GLY G 89 1.34 41.87 18.91
N TYR G 90 1.17 43.14 18.58
CA TYR G 90 0.54 43.50 17.33
C TYR G 90 1.40 44.37 16.46
N ARG G 91 1.51 44.02 15.17
CA ARG G 91 2.24 44.87 14.28
C ARG G 91 1.33 45.87 13.60
N SER G 92 1.55 47.17 13.83
CA SER G 92 0.65 48.17 13.30
C SER G 92 1.33 48.99 12.24
N VAL G 93 0.75 49.02 11.06
CA VAL G 93 1.32 49.80 9.98
C VAL G 93 0.39 50.93 9.68
N ALA G 94 0.90 52.16 9.67
CA ALA G 94 0.07 53.31 9.37
C ALA G 94 0.30 53.76 7.94
N GLY G 95 -0.74 54.24 7.28
CA GLY G 95 -0.61 54.71 5.92
C GLY G 95 -0.27 53.64 4.93
N ALA G 96 -0.80 52.43 5.11
CA ALA G 96 -0.56 51.36 4.17
C ALA G 96 -1.25 51.66 2.86
N LEU G 97 -0.56 51.51 1.75
CA LEU G 97 -1.13 51.85 0.46
C LEU G 97 -1.31 50.54 -0.24
N ILE G 98 -2.49 50.28 -0.77
CA ILE G 98 -2.76 49.00 -1.41
C ILE G 98 -2.45 49.08 -2.89
N LEU G 99 -1.30 48.56 -3.29
CA LEU G 99 -0.93 48.57 -4.69
C LEU G 99 -1.75 47.70 -5.63
N SER G 100 -2.04 46.45 -5.25
CA SER G 100 -2.72 45.54 -6.18
C SER G 100 -3.64 44.48 -5.59
N THR G 101 -4.69 44.09 -6.31
CA THR G 101 -5.58 43.04 -5.85
C THR G 101 -5.79 42.01 -6.97
N ALA G 102 -5.87 40.72 -6.64
CA ALA G 102 -6.00 39.67 -7.67
C ALA G 102 -7.05 38.61 -7.39
N GLU G 103 -8.06 38.45 -8.23
CA GLU G 103 -9.09 37.45 -7.99
C GLU G 103 -8.94 36.26 -8.91
N SER G 104 -9.09 35.05 -8.38
CA SER G 104 -8.92 33.85 -9.18
C SER G 104 -9.82 32.71 -8.75
N ALA G 105 -10.11 31.78 -9.66
CA ALA G 105 -10.91 30.62 -9.31
C ALA G 105 -10.63 29.47 -10.23
N SER G 106 -11.07 28.28 -9.85
CA SER G 106 -10.89 27.11 -10.70
C SER G 106 -12.15 26.29 -10.54
N LYS G 107 -12.31 25.28 -11.37
CA LYS G 107 -13.54 24.49 -11.33
C LYS G 107 -13.68 23.78 -10.00
N ASP G 108 -12.57 23.28 -9.47
CA ASP G 108 -12.64 22.51 -8.23
C ASP G 108 -12.32 23.29 -6.95
N GLY G 109 -12.26 24.60 -7.02
CA GLY G 109 -11.87 25.35 -5.84
C GLY G 109 -12.65 26.59 -5.48
N ILE G 110 -12.50 27.04 -4.25
CA ILE G 110 -13.15 28.28 -3.84
C ILE G 110 -12.44 29.51 -4.40
N PRO G 111 -13.21 30.53 -4.82
CA PRO G 111 -12.60 31.76 -5.33
C PRO G 111 -11.75 32.48 -4.30
N MET G 112 -10.60 33.04 -4.70
CA MET G 112 -9.69 33.67 -3.74
C MET G 112 -9.22 35.05 -4.14
N LEU G 113 -8.98 35.92 -3.16
CA LEU G 113 -8.50 37.27 -3.43
C LEU G 113 -7.19 37.50 -2.71
N THR G 114 -6.21 38.08 -3.39
CA THR G 114 -4.90 38.35 -2.78
C THR G 114 -4.64 39.84 -2.83
N VAL G 115 -4.33 40.44 -1.70
CA VAL G 115 -4.12 41.87 -1.66
C VAL G 115 -2.67 42.16 -1.32
N ASN G 116 -2.03 43.05 -2.07
CA ASN G 116 -0.64 43.39 -1.81
C ASN G 116 -0.53 44.83 -1.39
N TRP G 117 0.23 45.11 -0.35
CA TRP G 117 0.34 46.46 0.16
C TRP G 117 1.76 46.94 0.37
N ARG G 118 1.97 48.24 0.38
CA ARG G 118 3.28 48.79 0.64
C ARG G 118 3.07 49.82 1.69
N THR G 119 4.13 50.28 2.32
CA THR G 119 3.98 51.36 3.27
C THR G 119 4.45 52.67 2.67
N SER G 120 3.70 53.73 2.93
CA SER G 120 4.10 55.04 2.49
C SER G 120 4.33 56.01 3.62
N GLY G 121 5.56 56.49 3.76
CA GLY G 121 5.86 57.49 4.76
C GLY G 121 6.00 57.03 6.19
N ALA G 122 5.82 55.75 6.45
CA ALA G 122 5.88 55.25 7.81
C ALA G 122 6.51 53.87 7.84
N LEU G 123 6.92 53.41 9.01
CA LEU G 123 7.49 52.10 9.14
C LEU G 123 6.67 51.28 10.18
N PRO G 124 6.50 49.94 10.00
CA PRO G 124 5.65 49.21 10.94
C PRO G 124 6.14 49.31 12.35
N GLN G 125 5.24 49.54 13.30
CA GLN G 125 5.63 49.70 14.68
C GLN G 125 5.13 48.57 15.55
N LYS G 126 6.05 47.86 16.18
CA LYS G 126 5.67 46.78 17.08
C LYS G 126 5.12 47.34 18.38
N ALA G 127 4.13 46.68 18.96
CA ALA G 127 3.58 47.12 20.23
C ALA G 127 2.94 45.94 20.88
N THR G 128 2.71 46.02 22.18
CA THR G 128 2.10 44.91 22.91
C THR G 128 0.71 45.25 23.35
N VAL G 129 -0.24 44.36 23.06
CA VAL G 129 -1.63 44.64 23.40
C VAL G 129 -1.89 44.58 24.89
N SER G 130 -2.87 45.35 25.33
CA SER G 130 -3.23 45.36 26.75
C SER G 130 -3.71 43.99 27.18
N MET H 1 -16.20 19.58 -26.92
CA MET H 1 -15.21 18.71 -26.30
C MET H 1 -14.68 17.71 -27.31
N LEU H 2 -13.85 18.16 -28.24
CA LEU H 2 -13.23 17.23 -29.14
C LEU H 2 -12.42 16.21 -28.39
N LYS H 3 -12.35 15.00 -28.92
CA LYS H 3 -11.60 13.93 -28.27
C LYS H 3 -10.11 14.18 -28.15
N GLY H 4 -9.47 14.66 -29.20
CA GLY H 4 -8.06 14.99 -29.08
C GLY H 4 -7.10 13.86 -29.31
N LYS H 5 -7.60 12.67 -29.56
CA LYS H 5 -6.73 11.56 -29.91
C LYS H 5 -6.83 11.34 -31.40
N ASP H 6 -7.70 12.08 -32.06
CA ASP H 6 -7.90 11.91 -33.48
C ASP H 6 -7.36 13.07 -34.31
N GLY H 7 -6.67 14.00 -33.69
CA GLY H 7 -6.19 15.15 -34.41
C GLY H 7 -5.22 14.82 -35.51
N VAL H 8 -5.41 15.40 -36.69
CA VAL H 8 -4.54 15.16 -37.82
C VAL H 8 -3.98 16.46 -38.32
N VAL H 9 -2.68 16.50 -38.56
CA VAL H 9 -2.08 17.69 -39.13
C VAL H 9 -1.55 17.24 -40.47
N LYS H 10 -1.87 17.97 -41.52
CA LYS H 10 -1.44 17.54 -42.82
C LYS H 10 -0.76 18.67 -43.56
N ASN H 11 0.24 18.34 -44.37
CA ASN H 11 0.88 19.36 -45.18
C ASN H 11 -0.03 19.46 -46.36
N ALA H 12 -0.59 20.63 -46.57
CA ALA H 12 -1.52 20.84 -47.63
C ALA H 12 -0.95 20.69 -49.02
N SER H 13 0.27 21.16 -49.22
CA SER H 13 0.85 21.13 -50.56
C SER H 13 1.11 19.72 -51.09
N THR H 14 1.67 18.85 -50.26
CA THR H 14 1.96 17.49 -50.70
C THR H 14 0.92 16.49 -50.25
N GLY H 15 -0.11 16.94 -49.55
CA GLY H 15 -1.16 16.06 -49.11
C GLY H 15 -0.78 14.86 -48.27
N ASP H 16 0.15 15.01 -47.33
CA ASP H 16 0.48 13.91 -46.45
C ASP H 16 0.35 14.20 -44.98
N SER H 17 -0.28 13.31 -44.23
CA SER H 17 -0.36 13.50 -42.78
C SER H 17 1.05 13.41 -42.24
N ILE H 18 1.37 14.20 -41.23
CA ILE H 18 2.75 14.24 -40.75
C ILE H 18 3.33 12.95 -40.18
N GLY H 19 2.57 12.24 -39.36
CA GLY H 19 3.06 11.00 -38.79
C GLY H 19 2.57 10.75 -37.38
N HIS H 20 3.17 9.80 -36.68
CA HIS H 20 2.75 9.47 -35.33
C HIS H 20 3.03 10.63 -34.44
N LEU H 21 2.02 11.42 -34.14
CA LEU H 21 2.27 12.63 -33.38
C LEU H 21 1.95 12.59 -31.91
N GLN H 22 2.79 13.17 -31.09
CA GLN H 22 2.49 13.24 -29.68
C GLN H 22 1.61 14.41 -29.32
N SER H 23 1.92 15.60 -29.82
CA SER H 23 1.16 16.79 -29.42
C SER H 23 1.22 17.96 -30.40
N TRP H 24 0.21 18.83 -30.40
CA TRP H 24 0.24 20.01 -31.26
C TRP H 24 -0.11 21.24 -30.48
N ALA H 25 0.29 22.41 -30.98
CA ALA H 25 -0.04 23.67 -30.32
C ALA H 25 -0.12 24.80 -31.32
N LEU H 26 -0.91 25.82 -31.01
CA LEU H 26 -1.04 26.98 -31.89
C LEU H 26 -1.22 28.16 -30.98
N ASP H 27 -0.80 29.34 -31.41
CA ASP H 27 -1.03 30.55 -30.62
C ASP H 27 -1.24 31.74 -31.53
N THR H 28 -2.05 32.71 -31.13
CA THR H 28 -2.20 33.93 -31.92
C THR H 28 -2.08 35.13 -31.01
N GLN H 29 -1.28 36.13 -31.38
CA GLN H 29 -1.03 37.27 -30.51
C GLN H 29 -1.08 38.59 -31.21
N ARG H 30 -1.54 39.63 -30.52
CA ARG H 30 -1.55 40.97 -31.10
C ARG H 30 -0.95 41.93 -30.09
N ASP H 31 0.05 42.70 -30.46
CA ASP H 31 0.73 43.59 -29.52
C ASP H 31 -0.07 44.76 -28.97
N GLU H 32 0.24 45.20 -27.76
CA GLU H 32 -0.44 46.34 -27.17
C GLU H 32 0.24 47.66 -26.91
N VAL H 33 -0.43 48.77 -27.19
CA VAL H 33 0.17 50.08 -26.97
C VAL H 33 -0.69 50.82 -25.97
N SER H 34 -0.11 51.25 -24.85
CA SER H 34 -0.87 51.94 -23.82
C SER H 34 -0.43 53.36 -23.62
N GLY H 35 -1.39 54.27 -23.43
CA GLY H 35 -1.05 55.65 -23.16
C GLY H 35 -1.91 56.30 -22.11
N TRP H 36 -1.30 57.07 -21.22
CA TRP H 36 -2.07 57.79 -20.22
C TRP H 36 -1.52 59.19 -20.11
N GLY H 37 -2.32 60.12 -19.60
CA GLY H 37 -1.87 61.50 -19.47
C GLY H 37 -1.92 61.99 -18.03
N MET H 38 -1.36 63.17 -17.78
CA MET H 38 -1.40 63.73 -16.44
C MET H 38 -2.82 64.05 -16.07
N GLY H 39 -3.30 63.47 -14.98
CA GLY H 39 -4.66 63.71 -14.55
C GLY H 39 -5.66 62.64 -14.94
N ASP H 40 -5.19 61.50 -15.44
CA ASP H 40 -6.10 60.45 -15.90
C ASP H 40 -6.08 59.19 -15.05
N ASP H 41 -7.25 58.68 -14.67
CA ASP H 41 -7.33 57.51 -13.78
C ASP H 41 -6.91 56.19 -14.42
N ALA H 42 -7.33 55.93 -15.66
CA ALA H 42 -7.04 54.64 -16.31
C ALA H 42 -6.18 54.82 -17.55
N GLU H 43 -5.56 53.74 -18.02
CA GLU H 43 -4.77 53.84 -19.24
C GLU H 43 -5.43 53.18 -20.42
N ARG H 44 -5.63 53.94 -21.49
CA ARG H 44 -6.23 53.42 -22.69
C ARG H 44 -5.26 52.57 -23.51
N ALA H 45 -5.76 51.61 -24.26
CA ALA H 45 -4.89 50.73 -25.04
C ALA H 45 -5.44 50.34 -26.40
N PHE H 46 -4.57 49.98 -27.34
CA PHE H 46 -5.02 49.50 -28.65
C PHE H 46 -4.11 48.40 -29.19
N THR H 47 -4.61 47.58 -30.12
CA THR H 47 -3.82 46.46 -30.62
C THR H 47 -3.33 46.76 -32.02
N THR H 48 -2.02 46.59 -32.27
CA THR H 48 -1.48 46.97 -33.57
C THR H 48 -1.23 45.94 -34.67
N VAL H 49 -0.50 44.86 -34.40
CA VAL H 49 -0.15 43.91 -35.46
C VAL H 49 -0.19 42.48 -34.94
N GLY H 50 -0.37 41.51 -35.82
CA GLY H 50 -0.53 40.15 -35.35
C GLY H 50 0.38 39.06 -35.87
N ARG H 51 0.80 38.17 -35.00
CA ARG H 51 1.65 37.07 -35.41
C ARG H 51 1.11 35.77 -34.87
N ALA H 52 1.49 34.66 -35.47
CA ALA H 52 1.05 33.37 -34.97
C ALA H 52 2.19 32.39 -34.96
N SER H 53 2.19 31.45 -34.03
CA SER H 53 3.24 30.47 -33.98
C SER H 53 2.73 29.16 -33.46
N GLY H 54 3.51 28.11 -33.63
CA GLY H 54 3.10 26.83 -33.10
C GLY H 54 4.16 25.78 -33.20
N ASN H 55 3.93 24.62 -32.61
CA ASN H 55 4.92 23.56 -32.62
C ASN H 55 4.24 22.20 -32.60
N PHE H 56 4.88 21.17 -33.13
CA PHE H 56 4.31 19.83 -33.02
C PHE H 56 5.40 18.80 -32.75
N GLU H 57 5.07 17.74 -32.05
CA GLU H 57 6.06 16.74 -31.69
C GLU H 57 5.73 15.39 -32.25
N VAL H 58 6.70 14.70 -32.85
CA VAL H 58 6.37 13.40 -33.42
C VAL H 58 7.52 12.44 -33.19
N TYR H 59 7.30 11.04 -33.05
CA TYR H 59 8.35 10.06 -32.91
C TYR H 59 9.16 10.18 -34.18
N LEU H 60 10.47 9.99 -34.05
CA LEU H 60 11.36 10.11 -35.21
C LEU H 60 11.02 9.15 -36.35
N ASP H 61 10.90 9.63 -37.60
CA ASP H 61 10.51 8.78 -38.74
C ASP H 61 11.34 8.78 -40.02
N PRO H 62 11.85 7.60 -40.45
CA PRO H 62 12.61 7.48 -41.71
C PRO H 62 11.76 6.99 -42.85
N ALA H 63 10.48 6.67 -42.60
CA ALA H 63 9.60 6.12 -43.63
C ALA H 63 8.43 7.02 -43.96
N ASP H 64 8.46 8.24 -43.48
CA ASP H 64 7.31 9.12 -43.65
C ASP H 64 7.87 10.43 -44.00
N PRO H 65 7.06 11.41 -44.45
CA PRO H 65 7.43 12.79 -44.74
C PRO H 65 7.80 13.54 -43.49
N SER H 66 7.64 12.90 -42.34
CA SER H 66 8.05 13.52 -41.12
C SER H 66 9.50 13.82 -41.37
N ASP H 67 10.19 12.90 -42.00
CA ASP H 67 11.59 13.08 -42.22
C ASP H 67 11.93 14.32 -43.04
N ASP H 68 11.17 14.61 -44.10
CA ASP H 68 11.50 15.72 -45.03
C ASP H 68 11.53 17.16 -44.58
N LEU H 69 10.63 17.62 -43.73
CA LEU H 69 10.60 19.08 -43.38
C LEU H 69 11.97 19.63 -42.84
N GLU H 70 12.38 20.86 -43.20
CA GLU H 70 13.70 21.33 -42.81
C GLU H 70 13.59 22.74 -42.29
N PRO H 71 14.51 23.16 -41.36
CA PRO H 71 14.39 24.58 -41.02
C PRO H 71 14.53 25.45 -42.24
N GLY H 72 13.75 26.51 -42.29
CA GLY H 72 13.78 27.46 -43.39
C GLY H 72 12.77 27.19 -44.48
N ASP H 73 12.18 26.01 -44.47
CA ASP H 73 11.20 25.64 -45.49
C ASP H 73 9.92 26.42 -45.34
N LEU H 74 9.23 26.68 -46.45
CA LEU H 74 7.94 27.34 -46.37
C LEU H 74 6.90 26.29 -46.71
N VAL H 75 5.91 26.11 -45.84
CA VAL H 75 4.94 25.05 -46.05
C VAL H 75 3.53 25.49 -45.78
N ASP H 76 2.54 24.79 -46.34
CA ASP H 76 1.16 25.12 -46.05
C ASP H 76 0.65 24.06 -45.11
N LEU H 77 0.16 24.45 -43.95
CA LEU H 77 -0.25 23.47 -42.97
C LEU H 77 -1.72 23.57 -42.69
N GLU H 78 -2.43 22.44 -42.72
CA GLU H 78 -3.82 22.46 -42.35
C GLU H 78 -3.90 21.59 -41.13
N LEU H 79 -4.45 22.11 -40.06
CA LEU H 79 -4.50 21.35 -38.83
C LEU H 79 -5.94 21.07 -38.49
N TYR H 80 -6.30 19.67 -38.24
CA TYR H 80 -7.65 19.32 -37.87
C TYR H 80 -7.61 18.92 -36.41
N PRO H 81 -8.14 19.87 -35.57
CA PRO H 81 -8.19 19.53 -34.15
C PRO H 81 -9.02 18.31 -33.84
N GLY H 82 -10.17 18.17 -34.46
CA GLY H 82 -11.03 17.06 -34.17
C GLY H 82 -11.11 15.98 -35.21
N GLY H 83 -10.20 16.04 -36.17
CA GLY H 83 -10.20 15.03 -37.22
C GLY H 83 -10.78 15.57 -38.50
N GLU H 84 -10.88 14.73 -39.52
CA GLU H 84 -11.37 15.16 -40.81
C GLU H 84 -12.82 14.81 -41.04
N SER H 85 -13.51 14.42 -39.98
CA SER H 85 -14.91 14.00 -40.12
C SER H 85 -15.68 15.20 -40.58
N THR H 86 -16.73 14.97 -41.35
CA THR H 86 -17.46 16.10 -41.93
C THR H 86 -17.98 17.03 -40.86
N GLY H 87 -17.87 18.33 -41.10
CA GLY H 87 -18.32 19.29 -40.12
C GLY H 87 -17.32 19.57 -39.01
N SER H 88 -16.09 19.09 -39.16
CA SER H 88 -15.09 19.38 -38.15
C SER H 88 -14.21 20.52 -38.56
N GLY H 89 -14.07 21.51 -37.69
CA GLY H 89 -13.30 22.69 -38.05
C GLY H 89 -11.83 22.46 -38.27
N TYR H 90 -11.28 23.11 -39.28
CA TYR H 90 -9.86 23.01 -39.53
C TYR H 90 -9.15 24.34 -39.52
N ARG H 91 -8.03 24.41 -38.81
CA ARG H 91 -7.26 25.64 -38.84
C ARG H 91 -6.21 25.59 -39.91
N SER H 92 -6.29 26.49 -40.90
CA SER H 92 -5.38 26.44 -42.02
C SER H 92 -4.45 27.62 -42.00
N VAL H 93 -3.16 27.36 -41.99
CA VAL H 93 -2.19 28.44 -42.00
C VAL H 93 -1.46 28.40 -43.31
N ALA H 94 -1.40 29.52 -44.00
CA ALA H 94 -0.70 29.58 -45.27
C ALA H 94 0.65 30.24 -45.10
N GLY H 95 1.66 29.78 -45.82
CA GLY H 95 2.97 30.38 -45.74
C GLY H 95 3.63 30.18 -44.40
N ALA H 96 3.43 29.03 -43.78
CA ALA H 96 4.08 28.74 -42.52
C ALA H 96 5.57 28.56 -42.74
N LEU H 97 6.40 29.19 -41.93
CA LEU H 97 7.82 29.14 -42.12
C LEU H 97 8.35 28.34 -40.96
N ILE H 98 9.15 27.33 -41.22
CA ILE H 98 9.63 26.47 -40.16
C ILE H 98 10.95 26.98 -39.62
N LEU H 99 10.91 27.66 -38.48
CA LEU H 99 12.13 28.18 -37.88
C LEU H 99 13.12 27.15 -37.34
N SER H 100 12.65 26.14 -36.61
CA SER H 100 13.59 25.21 -35.97
C SER H 100 13.13 23.77 -35.79
N THR H 101 14.07 22.82 -35.81
CA THR H 101 13.74 21.42 -35.57
C THR H 101 14.70 20.82 -34.54
N ALA H 102 14.22 19.95 -33.66
CA ALA H 102 15.06 19.41 -32.58
C ALA H 102 14.93 17.90 -32.36
N GLU H 103 16.00 17.13 -32.53
CA GLU H 103 15.93 15.69 -32.34
C GLU H 103 16.57 15.26 -31.04
N SER H 104 15.93 14.35 -30.31
CA SER H 104 16.44 13.90 -29.03
C SER H 104 16.13 12.46 -28.71
N ALA H 105 16.93 11.82 -27.87
CA ALA H 105 16.65 10.46 -27.46
C ALA H 105 17.28 10.15 -26.13
N SER H 106 16.86 9.05 -25.52
CA SER H 106 17.43 8.64 -24.25
C SER H 106 17.53 7.14 -24.29
N LYS H 107 18.20 6.54 -23.33
CA LYS H 107 18.39 5.10 -23.37
C LYS H 107 17.08 4.37 -23.26
N ASP H 108 16.17 4.87 -22.44
CA ASP H 108 14.90 4.20 -22.22
C ASP H 108 13.73 4.69 -23.05
N GLY H 109 13.97 5.53 -24.05
CA GLY H 109 12.85 6.09 -24.78
C GLY H 109 12.95 6.13 -26.28
N ILE H 110 11.81 6.33 -26.93
CA ILE H 110 11.79 6.46 -28.38
C ILE H 110 12.31 7.83 -28.82
N PRO H 111 13.09 7.89 -29.92
CA PRO H 111 13.58 9.17 -30.43
C PRO H 111 12.46 10.11 -30.86
N MET H 112 12.59 11.41 -30.59
CA MET H 112 11.52 12.35 -30.89
C MET H 112 11.96 13.60 -31.63
N LEU H 113 11.10 14.14 -32.48
CA LEU H 113 11.43 15.36 -33.22
C LEU H 113 10.40 16.42 -32.93
N THR H 114 10.84 17.65 -32.67
CA THR H 114 9.93 18.75 -32.39
C THR H 114 10.13 19.84 -33.42
N VAL H 115 9.05 20.26 -34.07
CA VAL H 115 9.17 21.26 -35.11
C VAL H 115 8.48 22.53 -34.68
N ASN H 116 9.13 23.68 -34.83
CA ASN H 116 8.53 24.95 -34.44
C ASN H 116 8.32 25.81 -35.66
N TRP H 117 7.15 26.41 -35.79
CA TRP H 117 6.84 27.21 -36.96
C TRP H 117 6.31 28.59 -36.66
N ARG H 118 6.45 29.51 -37.59
CA ARG H 118 5.90 30.84 -37.41
C ARG H 118 5.13 31.11 -38.65
N THR H 119 4.28 32.13 -38.65
CA THR H 119 3.61 32.50 -39.87
C THR H 119 4.23 33.72 -40.49
N SER H 120 4.36 33.71 -41.81
CA SER H 120 4.87 34.85 -42.51
C SER H 120 3.89 35.44 -43.49
N GLY H 121 3.47 36.67 -43.27
CA GLY H 121 2.58 37.34 -44.21
C GLY H 121 1.12 36.97 -44.19
N ALA H 122 0.74 36.03 -43.33
CA ALA H 122 -0.64 35.57 -43.31
C ALA H 122 -1.07 35.28 -41.89
N LEU H 123 -2.37 35.15 -41.64
CA LEU H 123 -2.86 34.83 -40.34
C LEU H 123 -3.72 33.54 -40.42
N PRO H 124 -3.70 32.64 -39.38
CA PRO H 124 -4.46 31.39 -39.52
C PRO H 124 -5.92 31.64 -39.76
N GLN H 125 -6.50 30.90 -40.70
CA GLN H 125 -7.90 31.09 -41.03
C GLN H 125 -8.75 29.90 -40.64
N LYS H 126 -9.73 30.13 -39.77
CA LYS H 126 -10.62 29.05 -39.38
C LYS H 126 -11.60 28.74 -40.50
N ALA H 127 -11.96 27.48 -40.66
CA ALA H 127 -12.94 27.10 -41.67
C ALA H 127 -13.54 25.80 -41.26
N THR H 128 -14.68 25.46 -41.83
CA THR H 128 -15.37 24.22 -41.47
C THR H 128 -15.32 23.24 -42.61
N VAL H 129 -14.90 22.01 -42.32
CA VAL H 129 -14.77 21.01 -43.36
C VAL H 129 -16.11 20.54 -43.90
N SER H 130 -16.12 20.14 -45.16
CA SER H 130 -17.35 19.65 -45.77
C SER H 130 -17.82 18.39 -45.05
N MET I 1 9.14 4.59 -35.53
CA MET I 1 9.35 4.42 -34.11
C MET I 1 10.62 3.64 -33.84
N LEU I 2 11.78 4.27 -34.04
CA LEU I 2 13.02 3.62 -33.69
C LEU I 2 13.03 3.25 -32.23
N LYS I 3 13.69 2.16 -31.91
CA LYS I 3 13.78 1.70 -30.53
C LYS I 3 14.49 2.65 -29.58
N GLY I 4 15.62 3.20 -29.99
CA GLY I 4 16.28 4.18 -29.15
C GLY I 4 17.21 3.62 -28.10
N LYS I 5 17.30 2.31 -27.99
CA LYS I 5 18.27 1.73 -27.08
C LYS I 5 19.44 1.23 -27.89
N ASP I 6 19.35 1.34 -29.21
CA ASP I 6 20.42 0.87 -30.07
C ASP I 6 21.20 1.97 -30.74
N GLY I 7 20.95 3.21 -30.37
CA GLY I 7 21.62 4.31 -31.02
C GLY I 7 23.11 4.32 -30.85
N VAL I 8 23.84 4.53 -31.93
CA VAL I 8 25.29 4.53 -31.88
C VAL I 8 25.81 5.84 -32.42
N VAL I 9 26.73 6.47 -31.71
CA VAL I 9 27.35 7.68 -32.22
C VAL I 9 28.80 7.32 -32.40
N LYS I 10 29.34 7.62 -33.58
CA LYS I 10 30.72 7.24 -33.83
C LYS I 10 31.51 8.41 -34.34
N ASN I 11 32.78 8.47 -33.98
CA ASN I 11 33.62 9.51 -34.51
C ASN I 11 34.05 8.97 -35.83
N ALA I 12 33.70 9.68 -36.88
CA ALA I 12 33.98 9.22 -38.22
C ALA I 12 35.46 9.14 -38.56
N SER I 13 36.23 10.10 -38.09
CA SER I 13 37.64 10.12 -38.45
C SER I 13 38.46 8.96 -37.90
N THR I 14 38.25 8.60 -36.64
CA THR I 14 39.00 7.50 -36.03
C THR I 14 38.20 6.21 -35.99
N GLY I 15 36.98 6.23 -36.49
CA GLY I 15 36.15 5.03 -36.52
C GLY I 15 35.89 4.32 -35.20
N ASP I 16 35.64 5.07 -34.12
CA ASP I 16 35.31 4.41 -32.87
C ASP I 16 34.00 4.86 -32.25
N SER I 17 33.18 3.92 -31.81
CA SER I 17 31.95 4.28 -31.14
C SER I 17 32.33 4.97 -29.85
N ILE I 18 31.58 5.97 -29.43
CA ILE I 18 31.99 6.75 -28.27
C ILE I 18 32.06 6.02 -26.93
N GLY I 19 31.08 5.18 -26.62
CA GLY I 19 31.11 4.44 -25.37
C GLY I 19 29.73 4.24 -24.77
N HIS I 20 29.67 3.81 -23.52
CA HIS I 20 28.39 3.55 -22.87
C HIS I 20 27.65 4.85 -22.74
N LEU I 21 26.70 5.09 -23.62
CA LEU I 21 26.04 6.38 -23.60
C LEU I 21 24.69 6.44 -22.95
N GLN I 22 24.41 7.48 -22.20
CA GLN I 22 23.10 7.64 -21.63
C GLN I 22 22.11 8.28 -22.58
N SER I 23 22.50 9.36 -23.24
CA SER I 23 21.54 10.10 -24.08
C SER I 23 22.18 10.97 -25.17
N TRP I 24 21.46 11.23 -26.26
CA TRP I 24 21.98 12.11 -27.29
C TRP I 24 20.95 13.14 -27.68
N ALA I 25 21.39 14.25 -28.26
CA ALA I 25 20.46 15.28 -28.71
C ALA I 25 21.04 16.04 -29.88
N LEU I 26 20.18 16.61 -30.73
CA LEU I 26 20.62 17.40 -31.86
C LEU I 26 19.59 18.48 -32.04
N ASP I 27 19.99 19.63 -32.57
CA ASP I 27 19.03 20.69 -32.86
C ASP I 27 19.45 21.46 -34.09
N THR I 28 18.50 21.97 -34.87
CA THR I 28 18.85 22.82 -36.01
C THR I 28 18.00 24.06 -35.98
N GLN I 29 18.60 25.24 -36.15
CA GLN I 29 17.84 26.48 -36.04
C GLN I 29 18.15 27.48 -37.11
N ARG I 30 17.18 28.28 -37.53
CA ARG I 30 17.43 29.33 -38.50
C ARG I 30 16.80 30.61 -37.99
N ASP I 31 17.55 31.70 -37.90
CA ASP I 31 17.03 32.95 -37.34
C ASP I 31 15.94 33.66 -38.13
N GLU I 32 15.08 34.40 -37.43
CA GLU I 32 14.03 35.15 -38.11
C GLU I 32 13.99 36.66 -38.15
N VAL I 33 13.66 37.25 -39.29
CA VAL I 33 13.61 38.69 -39.39
C VAL I 33 12.20 39.09 -39.75
N SER I 34 11.56 39.92 -38.93
CA SER I 34 10.19 40.32 -39.18
C SER I 34 10.05 41.80 -39.47
N GLY I 35 9.20 42.15 -40.43
CA GLY I 35 8.95 43.55 -40.71
C GLY I 35 7.50 43.87 -41.00
N TRP I 36 7.01 44.98 -40.47
CA TRP I 36 5.65 45.39 -40.74
C TRP I 36 5.66 46.88 -40.98
N GLY I 37 4.64 47.38 -41.68
CA GLY I 37 4.56 48.80 -41.98
C GLY I 37 3.30 49.45 -41.42
N MET I 38 3.22 50.77 -41.48
CA MET I 38 2.04 51.46 -41.00
C MET I 38 0.88 51.13 -41.89
N GLY I 39 -0.18 50.57 -41.31
CA GLY I 39 -1.35 50.20 -42.08
C GLY I 39 -1.44 48.74 -42.45
N ASP I 40 -0.58 47.89 -41.87
CA ASP I 40 -0.56 46.47 -42.24
C ASP I 40 -1.03 45.54 -41.13
N ASP I 41 -1.92 44.61 -41.45
CA ASP I 41 -2.48 43.71 -40.43
C ASP I 41 -1.52 42.67 -39.88
N ALA I 42 -0.73 42.03 -40.73
CA ALA I 42 0.17 40.97 -40.29
C ALA I 42 1.64 41.32 -40.52
N GLU I 43 2.55 40.61 -39.85
CA GLU I 43 3.96 40.86 -40.08
C GLU I 43 4.64 39.78 -40.87
N ARG I 44 5.26 40.16 -41.97
CA ARG I 44 5.97 39.21 -42.82
C ARG I 44 7.32 38.82 -42.22
N ALA I 45 7.79 37.62 -42.52
CA ALA I 45 9.05 37.15 -41.96
C ALA I 45 9.90 36.32 -42.92
N PHE I 46 11.21 36.27 -42.70
CA PHE I 46 12.08 35.42 -43.52
C PHE I 46 13.22 34.82 -42.69
N THR I 47 13.80 33.72 -43.15
CA THR I 47 14.85 33.04 -42.38
C THR I 47 16.21 33.31 -43.00
N THR I 48 17.17 33.74 -42.19
CA THR I 48 18.47 34.12 -42.76
C THR I 48 19.67 33.16 -42.72
N VAL I 49 20.05 32.63 -41.56
CA VAL I 49 21.25 31.79 -41.47
C VAL I 49 21.03 30.64 -40.52
N GLY I 50 21.80 29.57 -40.66
CA GLY I 50 21.55 28.40 -39.85
C GLY I 50 22.67 27.81 -39.03
N ARG I 51 22.36 27.39 -37.82
CA ARG I 51 23.34 26.78 -36.96
C ARG I 51 22.81 25.49 -36.38
N ALA I 52 23.69 24.62 -35.92
CA ALA I 52 23.25 23.38 -35.32
C ALA I 52 24.07 23.09 -34.08
N SER I 53 23.47 22.44 -33.10
CA SER I 53 24.19 22.10 -31.89
C SER I 53 23.69 20.82 -31.31
N GLY I 54 24.44 20.25 -30.39
CA GLY I 54 23.98 19.05 -29.73
C GLY I 54 24.86 18.64 -28.59
N ASN I 55 24.43 17.63 -27.84
CA ASN I 55 25.16 17.18 -26.67
C ASN I 55 24.99 15.70 -26.46
N PHE I 56 25.95 15.04 -25.84
CA PHE I 56 25.76 13.62 -25.51
C PHE I 56 26.32 13.31 -24.14
N GLU I 57 25.74 12.34 -23.44
CA GLU I 57 26.18 12.03 -22.09
C GLU I 57 26.68 10.61 -21.98
N VAL I 58 27.82 10.37 -21.35
CA VAL I 58 28.30 9.01 -21.26
C VAL I 58 28.93 8.77 -19.90
N TYR I 59 28.91 7.48 -19.30
CA TYR I 59 29.56 7.17 -18.04
C TYR I 59 31.02 7.44 -18.29
N LEU I 60 31.71 7.93 -17.26
CA LEU I 60 33.13 8.27 -17.39
C LEU I 60 34.00 7.09 -17.82
N ASP I 61 34.86 7.24 -18.83
CA ASP I 61 35.69 6.11 -19.33
C ASP I 61 37.20 6.30 -19.51
N PRO I 62 38.03 5.46 -18.85
CA PRO I 62 39.49 5.50 -19.00
C PRO I 62 40.00 4.48 -19.98
N ALA I 63 39.12 3.64 -20.53
CA ALA I 63 39.53 2.57 -21.44
C ALA I 63 38.97 2.73 -22.84
N ASP I 64 38.41 3.88 -23.14
CA ASP I 64 37.75 4.05 -24.42
C ASP I 64 38.13 5.39 -24.88
N PRO I 65 37.88 5.76 -26.15
CA PRO I 65 38.10 7.08 -26.74
C PRO I 65 37.18 8.11 -26.14
N SER I 66 36.28 7.69 -25.28
CA SER I 66 35.43 8.61 -24.61
C SER I 66 36.40 9.52 -23.94
N ASP I 67 37.46 8.96 -23.39
CA ASP I 67 38.41 9.75 -22.67
C ASP I 67 39.07 10.84 -23.52
N ASP I 68 39.43 10.57 -24.76
CA ASP I 68 40.19 11.51 -25.60
C ASP I 68 39.61 12.85 -26.03
N LEU I 69 38.33 12.95 -26.37
CA LEU I 69 37.80 14.25 -26.89
C LEU I 69 38.06 15.47 -25.93
N GLU I 70 38.38 16.67 -26.45
CA GLU I 70 38.75 17.77 -25.58
C GLU I 70 38.04 19.02 -26.04
N PRO I 71 37.76 19.98 -25.10
CA PRO I 71 37.18 21.20 -25.68
C PRO I 71 38.10 21.81 -26.70
N GLY I 72 37.53 22.35 -27.76
CA GLY I 72 38.27 22.99 -28.82
C GLY I 72 38.61 22.08 -29.98
N ASP I 73 38.45 20.79 -29.80
CA ASP I 73 38.78 19.83 -30.86
C ASP I 73 37.79 19.91 -32.00
N LEU I 74 38.25 19.61 -33.21
CA LEU I 74 37.34 19.58 -34.35
C LEU I 74 37.19 18.12 -34.73
N VAL I 75 35.95 17.64 -34.80
CA VAL I 75 35.74 16.21 -35.04
C VAL I 75 34.64 15.97 -36.05
N ASP I 76 34.64 14.80 -36.68
CA ASP I 76 33.55 14.47 -37.59
C ASP I 76 32.68 13.47 -36.89
N LEU I 77 31.40 13.76 -36.75
CA LEU I 77 30.54 12.89 -35.98
C LEU I 77 29.45 12.31 -36.84
N GLU I 78 29.26 11.00 -36.79
CA GLU I 78 28.15 10.41 -37.51
C GLU I 78 27.28 9.82 -36.45
N LEU I 79 26.01 10.20 -36.44
CA LEU I 79 25.13 9.72 -35.41
C LEU I 79 24.08 8.84 -36.04
N TYR I 80 23.90 7.51 -35.46
CA TYR I 80 22.88 6.62 -35.98
C TYR I 80 21.80 6.54 -34.93
N PRO I 81 20.66 7.24 -35.26
CA PRO I 81 19.54 7.17 -34.32
C PRO I 81 19.02 5.77 -34.10
N GLY I 82 18.88 5.00 -35.16
CA GLY I 82 18.33 3.67 -35.02
C GLY I 82 19.30 2.53 -35.16
N GLY I 83 20.59 2.85 -35.13
CA GLY I 83 21.59 1.82 -35.23
C GLY I 83 22.19 1.78 -36.61
N GLU I 84 23.10 0.84 -36.85
CA GLU I 84 23.78 0.77 -38.12
C GLU I 84 23.20 -0.28 -39.05
N SER I 85 22.01 -0.77 -38.72
CA SER I 85 21.38 -1.82 -39.51
C SER I 85 21.13 -1.23 -40.88
N THR I 86 21.18 -2.06 -41.91
CA THR I 86 21.04 -1.55 -43.26
C THR I 86 19.73 -0.82 -43.45
N GLY I 87 19.79 0.31 -44.13
CA GLY I 87 18.58 1.09 -44.34
C GLY I 87 18.21 2.00 -43.18
N SER I 88 19.12 2.16 -42.22
CA SER I 88 18.83 3.06 -41.11
C SER I 88 19.49 4.39 -41.32
N GLY I 89 18.71 5.46 -41.20
CA GLY I 89 19.24 6.77 -41.46
C GLY I 89 20.30 7.25 -40.51
N TYR I 90 21.32 7.90 -41.03
CA TYR I 90 22.35 8.46 -40.17
C TYR I 90 22.53 9.94 -40.34
N ARG I 91 22.59 10.66 -39.23
CA ARG I 91 22.87 12.08 -39.32
C ARG I 91 24.32 12.37 -39.21
N SER I 92 24.92 12.94 -40.27
CA SER I 92 26.36 13.15 -40.27
C SER I 92 26.68 14.61 -40.22
N VAL I 93 27.46 15.01 -39.23
CA VAL I 93 27.84 16.40 -39.10
C VAL I 93 29.31 16.49 -39.35
N ALA I 94 29.73 17.37 -40.25
CA ALA I 94 31.14 17.54 -40.54
C ALA I 94 31.66 18.79 -39.86
N GLY I 95 32.90 18.75 -39.38
CA GLY I 95 33.49 19.91 -38.75
C GLY I 95 32.83 20.28 -37.45
N ALA I 96 32.40 19.30 -36.68
CA ALA I 96 31.81 19.58 -35.37
C ALA I 96 32.87 20.10 -34.44
N LEU I 97 32.58 21.17 -33.72
CA LEU I 97 33.56 21.79 -32.86
C LEU I 97 33.07 21.55 -31.47
N ILE I 98 33.91 21.01 -30.59
CA ILE I 98 33.46 20.69 -29.25
C ILE I 98 33.70 21.85 -28.31
N LEU I 99 32.65 22.61 -28.01
CA LEU I 99 32.78 23.74 -27.12
C LEU I 99 33.08 23.43 -25.66
N SER I 100 32.40 22.45 -25.06
CA SER I 100 32.56 22.20 -23.62
C SER I 100 32.39 20.79 -23.13
N THR I 101 33.10 20.40 -22.06
CA THR I 101 32.95 19.08 -21.47
C THR I 101 32.76 19.21 -19.96
N ALA I 102 31.91 18.38 -19.36
CA ALA I 102 31.63 18.49 -17.91
C ALA I 102 31.63 17.16 -17.14
N GLU I 103 32.49 16.99 -16.16
CA GLU I 103 32.53 15.75 -15.41
C GLU I 103 31.93 15.90 -14.03
N SER I 104 31.12 14.94 -13.60
CA SER I 104 30.46 15.01 -12.31
C SER I 104 30.26 13.68 -11.64
N ALA I 105 30.14 13.66 -10.33
CA ALA I 105 29.88 12.42 -9.61
C ALA I 105 29.21 12.68 -8.29
N SER I 106 28.66 11.63 -7.69
CA SER I 106 28.03 11.76 -6.39
C SER I 106 28.37 10.50 -5.63
N LYS I 107 28.08 10.48 -4.34
CA LYS I 107 28.45 9.33 -3.54
C LYS I 107 27.73 8.08 -3.99
N ASP I 108 26.47 8.22 -4.38
CA ASP I 108 25.67 7.06 -4.76
C ASP I 108 25.59 6.80 -6.26
N GLY I 109 26.39 7.45 -7.07
CA GLY I 109 26.25 7.28 -8.50
C GLY I 109 27.50 7.11 -9.31
N ILE I 110 27.35 6.62 -10.53
CA ILE I 110 28.48 6.48 -11.44
C ILE I 110 28.91 7.84 -12.01
N PRO I 111 30.22 8.07 -12.15
CA PRO I 111 30.71 9.33 -12.73
C PRO I 111 30.27 9.53 -14.17
N MET I 112 29.90 10.75 -14.56
CA MET I 112 29.38 11.00 -15.89
C MET I 112 30.03 12.16 -16.62
N LEU I 113 30.13 12.08 -17.95
CA LEU I 113 30.71 13.15 -18.74
C LEU I 113 29.71 13.62 -19.77
N THR I 114 29.56 14.93 -19.92
CA THR I 114 28.63 15.49 -20.90
C THR I 114 29.40 16.34 -21.88
N VAL I 115 29.24 16.10 -23.17
CA VAL I 115 29.98 16.83 -24.17
C VAL I 115 29.03 17.66 -24.99
N ASN I 116 29.34 18.93 -25.19
CA ASN I 116 28.49 19.81 -25.99
C ASN I 116 29.21 20.25 -27.23
N TRP I 117 28.54 20.19 -28.38
CA TRP I 117 29.18 20.52 -29.63
C TRP I 117 28.40 21.52 -30.48
N ARG I 118 29.08 22.21 -31.38
CA ARG I 118 28.41 23.12 -32.27
C ARG I 118 28.91 22.78 -33.62
N THR I 119 28.26 23.25 -34.67
CA THR I 119 28.80 23.03 -36.01
C THR I 119 29.46 24.28 -36.53
N SER I 120 30.59 24.10 -37.18
CA SER I 120 31.27 25.23 -37.80
C SER I 120 31.40 25.08 -39.30
N GLY I 121 30.77 25.98 -40.05
CA GLY I 121 30.91 25.98 -41.48
C GLY I 121 30.11 24.96 -42.27
N ALA I 122 29.35 24.11 -41.58
CA ALA I 122 28.62 23.06 -42.27
C ALA I 122 27.29 22.84 -41.59
N LEU I 123 26.38 22.15 -42.26
CA LEU I 123 25.09 21.86 -41.68
C LEU I 123 24.87 20.32 -41.68
N PRO I 124 24.19 19.74 -40.64
CA PRO I 124 24.08 18.27 -40.62
C PRO I 124 23.39 17.73 -41.85
N GLN I 125 23.93 16.66 -42.42
CA GLN I 125 23.36 16.10 -43.63
C GLN I 125 22.76 14.73 -43.40
N LYS I 126 21.46 14.60 -43.66
CA LYS I 126 20.81 13.31 -43.51
C LYS I 126 21.21 12.40 -44.65
N ALA I 127 21.32 11.10 -44.37
CA ALA I 127 21.65 10.15 -45.41
C ALA I 127 21.18 8.79 -44.95
N THR I 128 21.03 7.86 -45.88
CA THR I 128 20.56 6.53 -45.53
C THR I 128 21.65 5.51 -45.67
N VAL I 129 21.86 4.71 -44.64
CA VAL I 129 22.94 3.73 -44.67
C VAL I 129 22.68 2.60 -45.63
N SER I 130 23.75 2.03 -46.17
CA SER I 130 23.61 0.92 -47.09
C SER I 130 22.97 -0.28 -46.40
N MET J 1 33.15 2.47 -16.28
CA MET J 1 32.14 2.66 -15.25
C MET J 1 32.79 2.65 -13.89
N LEU J 2 33.50 3.73 -13.53
CA LEU J 2 34.03 3.81 -12.19
C LEU J 2 32.93 3.75 -11.17
N LYS J 3 33.22 3.18 -10.02
CA LYS J 3 32.22 3.06 -8.96
C LYS J 3 31.71 4.38 -8.41
N GLY J 4 32.60 5.32 -8.15
CA GLY J 4 32.13 6.63 -7.70
C GLY J 4 31.89 6.77 -6.23
N LYS J 5 32.09 5.71 -5.47
CA LYS J 5 31.99 5.82 -4.03
C LYS J 5 33.39 5.83 -3.47
N ASP J 6 34.39 5.67 -4.33
CA ASP J 6 35.77 5.62 -3.88
C ASP J 6 36.57 6.85 -4.27
N GLY J 7 35.93 7.85 -4.83
CA GLY J 7 36.65 9.02 -5.29
C GLY J 7 37.36 9.76 -4.19
N VAL J 8 38.61 10.12 -4.42
CA VAL J 8 39.39 10.85 -3.43
C VAL J 8 39.90 12.13 -4.03
N VAL J 9 39.76 13.23 -3.31
CA VAL J 9 40.32 14.48 -3.77
C VAL J 9 41.34 14.84 -2.75
N LYS J 10 42.55 15.17 -3.19
CA LYS J 10 43.59 15.46 -2.24
C LYS J 10 44.26 16.77 -2.56
N ASN J 11 44.69 17.50 -1.55
CA ASN J 11 45.42 18.72 -1.79
C ASN J 11 46.82 18.23 -1.99
N ALA J 12 47.35 18.49 -3.17
CA ALA J 12 48.66 18.03 -3.52
C ALA J 12 49.79 18.61 -2.68
N SER J 13 49.70 19.89 -2.36
CA SER J 13 50.78 20.54 -1.64
C SER J 13 51.00 20.02 -0.22
N THR J 14 49.92 19.82 0.53
CA THR J 14 50.04 19.33 1.89
C THR J 14 49.76 17.84 2.02
N GLY J 15 49.46 17.19 0.91
CA GLY J 15 49.21 15.76 0.93
C GLY J 15 48.12 15.24 1.85
N ASP J 16 46.99 15.93 1.93
CA ASP J 16 45.90 15.42 2.73
C ASP J 16 44.58 15.27 2.00
N SER J 17 43.92 14.14 2.16
CA SER J 17 42.61 13.96 1.55
C SER J 17 41.68 14.96 2.20
N ILE J 18 40.75 15.53 1.44
CA ILE J 18 39.91 16.58 2.00
C ILE J 18 38.99 16.21 3.16
N GLY J 19 38.33 15.07 3.10
CA GLY J 19 37.46 14.65 4.18
C GLY J 19 36.23 13.91 3.70
N HIS J 20 35.25 13.72 4.58
CA HIS J 20 34.05 12.99 4.22
C HIS J 20 33.30 13.75 3.18
N LEU J 21 33.44 13.36 1.93
CA LEU J 21 32.83 14.15 0.87
C LEU J 21 31.53 13.66 0.31
N GLN J 22 30.60 14.54 0.05
CA GLN J 22 29.36 14.14 -0.58
C GLN J 22 29.47 14.06 -2.08
N SER J 23 30.04 15.07 -2.72
CA SER J 23 30.06 15.09 -4.19
C SER J 23 31.15 15.96 -4.81
N TRP J 24 31.57 15.67 -6.03
CA TRP J 24 32.56 16.51 -6.70
C TRP J 24 32.12 16.84 -8.10
N ALA J 25 32.65 17.91 -8.67
CA ALA J 25 32.32 18.27 -10.05
C ALA J 25 33.46 19.01 -10.70
N LEU J 26 33.57 18.93 -12.02
CA LEU J 26 34.60 19.64 -12.75
C LEU J 26 33.98 20.04 -14.07
N ASP J 27 34.45 21.13 -14.66
CA ASP J 27 33.96 21.54 -15.97
C ASP J 27 35.07 22.20 -16.76
N THR J 28 35.07 22.05 -18.09
CA THR J 28 36.05 22.75 -18.91
C THR J 28 35.34 23.42 -20.08
N GLN J 29 35.62 24.69 -20.33
CA GLN J 29 34.90 25.42 -21.37
C GLN J 29 35.77 26.25 -22.25
N ARG J 30 35.43 26.39 -23.53
CA ARG J 30 36.18 27.25 -24.42
C ARG J 30 35.20 28.13 -25.18
N ASP J 31 35.38 29.44 -25.15
CA ASP J 31 34.43 30.36 -25.79
C ASP J 31 34.32 30.32 -27.30
N GLU J 32 33.15 30.65 -27.84
CA GLU J 32 32.97 30.67 -29.28
C GLU J 32 32.73 31.95 -30.05
N VAL J 33 33.37 32.10 -31.21
CA VAL J 33 33.19 33.31 -32.01
C VAL J 33 32.61 32.90 -33.34
N SER J 34 31.45 33.45 -33.70
CA SER J 34 30.81 33.09 -34.95
C SER J 34 30.71 34.23 -35.93
N GLY J 35 30.95 33.97 -37.20
CA GLY J 35 30.81 35.01 -38.21
C GLY J 35 30.16 34.54 -39.49
N TRP J 36 29.27 35.34 -40.04
CA TRP J 36 28.66 34.99 -41.32
C TRP J 36 28.61 36.24 -42.18
N GLY J 37 28.51 36.06 -43.49
CA GLY J 37 28.48 37.19 -44.40
C GLY J 37 27.20 37.23 -45.22
N MET J 38 26.99 38.32 -45.95
CA MET J 38 25.82 38.42 -46.80
C MET J 38 25.93 37.42 -47.92
N GLY J 39 24.95 36.52 -48.03
CA GLY J 39 24.97 35.52 -49.07
C GLY J 39 25.46 34.16 -48.62
N ASP J 40 25.62 33.94 -47.32
CA ASP J 40 26.16 32.67 -46.82
C ASP J 40 25.15 31.83 -46.05
N ASP J 41 25.06 30.54 -46.38
CA ASP J 41 24.06 29.66 -45.74
C ASP J 41 24.33 29.33 -44.28
N ALA J 42 25.58 29.02 -43.93
CA ALA J 42 25.91 28.61 -42.56
C ALA J 42 26.86 29.58 -41.89
N GLU J 43 26.96 29.52 -40.56
CA GLU J 43 27.91 30.39 -39.87
C GLU J 43 29.10 29.65 -39.35
N ARG J 44 30.29 30.10 -39.74
CA ARG J 44 31.52 29.49 -39.29
C ARG J 44 31.87 29.90 -37.87
N ALA J 45 32.59 29.05 -37.14
CA ALA J 45 32.93 29.35 -35.75
C ALA J 45 34.31 28.89 -35.34
N PHE J 46 34.89 29.52 -34.31
CA PHE J 46 36.19 29.07 -33.78
C PHE J 46 36.27 29.24 -32.27
N THR J 47 37.15 28.50 -31.61
CA THR J 47 37.24 28.55 -30.15
C THR J 47 38.45 29.34 -29.71
N THR J 48 38.29 30.31 -28.83
CA THR J 48 39.42 31.16 -28.47
C THR J 48 40.23 30.94 -27.18
N VAL J 49 39.59 30.85 -26.01
CA VAL J 49 40.34 30.73 -24.76
C VAL J 49 39.64 29.79 -23.79
N GLY J 50 40.37 29.21 -22.86
CA GLY J 50 39.76 28.22 -22.00
C GLY J 50 39.82 28.40 -20.50
N ARG J 51 38.74 28.08 -19.82
CA ARG J 51 38.72 28.18 -18.38
C ARG J 51 38.16 26.91 -17.78
N ALA J 52 38.44 26.66 -16.51
CA ALA J 52 37.90 25.49 -15.86
C ALA J 52 37.41 25.82 -14.49
N SER J 53 36.39 25.14 -14.01
CA SER J 53 35.88 25.40 -12.68
C SER J 53 35.34 24.15 -12.05
N GLY J 54 35.11 24.18 -10.76
CA GLY J 54 34.53 23.04 -10.11
C GLY J 54 34.16 23.29 -8.68
N ASN J 55 33.49 22.35 -8.05
CA ASN J 55 33.04 22.52 -6.68
C ASN J 55 33.01 21.18 -5.96
N PHE J 56 33.17 21.17 -4.65
CA PHE J 56 33.02 19.93 -3.90
C PHE J 56 32.29 20.15 -2.59
N GLU J 57 31.56 19.16 -2.12
CA GLU J 57 30.77 19.33 -0.90
C GLU J 57 31.19 18.36 0.17
N VAL J 58 31.37 18.82 1.39
CA VAL J 58 31.81 17.89 2.44
C VAL J 58 31.10 18.22 3.73
N TYR J 59 30.81 17.20 4.69
CA TYR J 59 30.22 17.45 5.99
C TYR J 59 31.20 18.36 6.69
N LEU J 60 30.69 19.27 7.50
CA LEU J 60 31.54 20.23 8.20
C LEU J 60 32.57 19.57 9.13
N ASP J 61 33.86 19.94 9.03
CA ASP J 61 34.92 19.30 9.85
C ASP J 61 35.89 20.16 10.66
N PRO J 62 35.96 19.95 12.00
CA PRO J 62 36.91 20.67 12.87
C PRO J 62 38.16 19.88 13.14
N ALA J 63 38.24 18.64 12.65
CA ALA J 63 39.39 17.76 12.93
C ALA J 63 40.17 17.40 11.69
N ASP J 64 39.90 18.06 10.59
CA ASP J 64 40.53 17.68 9.33
C ASP J 64 40.90 18.94 8.68
N PRO J 65 41.72 18.93 7.61
CA PRO J 65 42.09 20.08 6.78
C PRO J 65 40.93 20.62 6.01
N SER J 66 39.78 19.95 6.11
CA SER J 66 38.61 20.45 5.47
C SER J 66 38.47 21.82 6.06
N ASP J 67 38.72 21.93 7.35
CA ASP J 67 38.55 23.20 8.00
C ASP J 67 39.43 24.30 7.44
N ASP J 68 40.68 24.03 7.11
CA ASP J 68 41.64 25.08 6.67
C ASP J 68 41.43 25.88 5.41
N LEU J 69 40.97 25.28 4.31
CA LEU J 69 40.87 26.06 3.03
C LEU J 69 40.04 27.40 3.15
N GLU J 70 40.46 28.49 2.50
CA GLU J 70 39.78 29.77 2.71
C GLU J 70 39.54 30.42 1.37
N PRO J 71 38.46 31.26 1.24
CA PRO J 71 38.39 31.94 -0.05
C PRO J 71 39.64 32.74 -0.32
N GLY J 72 40.08 32.74 -1.57
CA GLY J 72 41.25 33.48 -1.98
C GLY J 72 42.54 32.68 -1.98
N ASP J 73 42.51 31.51 -1.36
CA ASP J 73 43.70 30.68 -1.27
C ASP J 73 44.06 30.08 -2.62
N LEU J 74 45.33 29.85 -2.86
CA LEU J 74 45.74 29.19 -4.09
C LEU J 74 46.20 27.80 -3.70
N VAL J 75 45.64 26.77 -4.33
CA VAL J 75 45.95 25.41 -3.92
C VAL J 75 46.18 24.49 -5.11
N ASP J 76 46.87 23.39 -4.90
CA ASP J 76 47.05 22.43 -5.99
C ASP J 76 46.16 21.26 -5.68
N LEU J 77 45.26 20.92 -6.59
CA LEU J 77 44.30 19.88 -6.31
C LEU J 77 44.48 18.72 -7.24
N GLU J 78 44.53 17.50 -6.71
CA GLU J 78 44.59 16.34 -7.56
C GLU J 78 43.32 15.59 -7.27
N LEU J 79 42.55 15.30 -8.28
CA LEU J 79 41.29 14.63 -8.06
C LEU J 79 41.35 13.26 -8.69
N TYR J 80 40.99 12.13 -7.84
CA TYR J 80 40.98 10.79 -8.37
C TYR J 80 39.53 10.37 -8.45
N PRO J 81 39.03 10.37 -9.75
CA PRO J 81 37.66 9.92 -9.92
C PRO J 81 37.42 8.50 -9.47
N GLY J 82 38.32 7.59 -9.79
CA GLY J 82 38.12 6.21 -9.44
C GLY J 82 38.95 5.69 -8.31
N GLY J 83 39.61 6.58 -7.60
CA GLY J 83 40.44 6.16 -6.48
C GLY J 83 41.90 6.19 -6.85
N GLU J 84 42.76 5.78 -5.93
CA GLU J 84 44.19 5.84 -6.15
C GLU J 84 44.78 4.50 -6.57
N SER J 85 43.91 3.56 -6.93
CA SER J 85 44.38 2.24 -7.29
C SER J 85 45.24 2.37 -8.53
N THR J 86 46.23 1.52 -8.67
CA THR J 86 47.15 1.68 -9.79
C THR J 86 46.44 1.64 -11.11
N GLY J 87 46.83 2.53 -12.02
CA GLY J 87 46.19 2.58 -13.31
C GLY J 87 44.90 3.37 -13.33
N SER J 88 44.61 4.10 -12.26
CA SER J 88 43.40 4.91 -12.26
C SER J 88 43.73 6.35 -12.58
N GLY J 89 43.01 6.91 -13.55
CA GLY J 89 43.31 8.26 -13.98
C GLY J 89 43.07 9.34 -12.96
N TYR J 90 43.96 10.30 -12.89
CA TYR J 90 43.76 11.42 -12.00
C TYR J 90 43.75 12.75 -12.69
N ARG J 91 42.77 13.59 -12.37
CA ARG J 91 42.77 14.92 -12.93
C ARG J 91 43.47 15.89 -12.03
N SER J 92 44.57 16.50 -12.50
CA SER J 92 45.35 17.37 -11.65
C SER J 92 45.24 18.79 -12.11
N VAL J 93 44.82 19.67 -11.23
CA VAL J 93 44.71 21.08 -11.57
C VAL J 93 45.73 21.84 -10.77
N ALA J 94 46.55 22.63 -11.44
CA ALA J 94 47.55 23.42 -10.75
C ALA J 94 47.09 24.86 -10.62
N GLY J 95 47.42 25.51 -9.51
CA GLY J 95 47.05 26.88 -9.31
C GLY J 95 45.57 27.11 -9.20
N ALA J 96 44.86 26.18 -8.56
CA ALA J 96 43.43 26.35 -8.36
C ALA J 96 43.20 27.46 -7.37
N LEU J 97 42.28 28.37 -7.68
CA LEU J 97 42.04 29.51 -6.83
C LEU J 97 40.67 29.29 -6.25
N ILE J 98 40.53 29.38 -4.94
CA ILE J 98 39.24 29.10 -4.32
C ILE J 98 38.43 30.38 -4.19
N LEU J 99 37.48 30.57 -5.08
CA LEU J 99 36.64 31.75 -5.03
C LEU J 99 35.69 31.87 -3.85
N SER J 100 34.97 30.80 -3.50
CA SER J 100 33.95 30.91 -2.45
C SER J 100 33.69 29.69 -1.60
N THR J 101 33.29 29.89 -0.33
CA THR J 101 32.95 28.77 0.54
C THR J 101 31.60 29.03 1.21
N ALA J 102 30.77 28.01 1.40
CA ALA J 102 29.43 28.21 1.97
C ALA J 102 29.02 27.19 3.04
N GLU J 103 28.75 27.63 4.26
CA GLU J 103 28.38 26.70 5.32
C GLU J 103 26.89 26.76 5.62
N SER J 104 26.24 25.62 5.79
CA SER J 104 24.82 25.57 6.05
C SER J 104 24.38 24.44 6.94
N ALA J 105 23.26 24.58 7.62
CA ALA J 105 22.74 23.50 8.45
C ALA J 105 21.25 23.63 8.63
N SER J 106 20.63 22.56 9.11
CA SER J 106 19.19 22.58 9.37
C SER J 106 18.99 21.80 10.64
N LYS J 107 17.78 21.85 11.18
CA LYS J 107 17.54 21.17 12.45
C LYS J 107 17.70 19.68 12.31
N ASP J 108 17.27 19.12 11.19
CA ASP J 108 17.33 17.68 11.00
C ASP J 108 18.52 17.15 10.22
N GLY J 109 19.53 17.98 9.98
CA GLY J 109 20.63 17.53 9.15
C GLY J 109 22.02 17.85 9.60
N ILE J 110 23.00 17.15 9.05
CA ILE J 110 24.40 17.43 9.35
C ILE J 110 24.88 18.71 8.66
N PRO J 111 25.70 19.53 9.34
CA PRO J 111 26.23 20.74 8.73
C PRO J 111 27.11 20.46 7.52
N MET J 112 27.01 21.28 6.46
CA MET J 112 27.76 21.01 5.23
C MET J 112 28.52 22.20 4.69
N LEU J 113 29.66 21.96 4.06
CA LEU J 113 30.46 23.04 3.47
C LEU J 113 30.64 22.79 1.99
N THR J 114 30.46 23.82 1.17
CA THR J 114 30.63 23.69 -0.28
C THR J 114 31.72 24.63 -0.73
N VAL J 115 32.69 24.12 -1.45
CA VAL J 115 33.81 24.95 -1.88
C VAL J 115 33.80 25.07 -3.39
N ASN J 116 33.92 26.28 -3.91
CA ASN J 116 33.94 26.48 -5.35
C ASN J 116 35.28 27.00 -5.80
N TRP J 117 35.84 26.44 -6.85
CA TRP J 117 37.15 26.83 -7.31
C TRP J 117 37.23 27.17 -8.78
N ARG J 118 38.22 27.94 -9.18
CA ARG J 118 38.41 28.25 -10.58
C ARG J 118 39.85 27.98 -10.84
N THR J 119 40.25 27.91 -12.09
CA THR J 119 41.66 27.75 -12.39
C THR J 119 42.25 29.05 -12.86
N SER J 120 43.46 29.35 -12.39
CA SER J 120 44.16 30.53 -12.83
C SER J 120 45.45 30.23 -13.52
N GLY J 121 45.55 30.57 -14.80
CA GLY J 121 46.80 30.40 -15.52
C GLY J 121 47.14 29.01 -16.01
N ALA J 122 46.30 28.03 -15.71
CA ALA J 122 46.60 26.67 -16.08
C ALA J 122 45.34 25.94 -16.48
N LEU J 123 45.47 24.78 -17.13
CA LEU J 123 44.33 24.01 -17.52
C LEU J 123 44.45 22.58 -16.91
N PRO J 124 43.33 21.92 -16.50
CA PRO J 124 43.49 20.61 -15.85
C PRO J 124 44.18 19.62 -16.74
N GLN J 125 45.12 18.86 -16.19
CA GLN J 125 45.86 17.91 -16.98
C GLN J 125 45.56 16.48 -16.59
N LYS J 126 45.06 15.69 -17.54
CA LYS J 126 44.78 14.30 -17.27
C LYS J 126 46.07 13.51 -17.21
N ALA J 127 46.13 12.51 -16.35
CA ALA J 127 47.31 11.66 -16.26
C ALA J 127 46.89 10.35 -15.65
N THR J 128 47.71 9.33 -15.83
CA THR J 128 47.38 8.01 -15.30
C THR J 128 48.29 7.64 -14.15
N VAL J 129 47.70 7.22 -13.04
CA VAL J 129 48.49 6.90 -11.88
C VAL J 129 49.31 5.64 -12.05
N SER J 130 50.45 5.58 -11.36
CA SER J 130 51.30 4.41 -11.43
C SER J 130 50.57 3.19 -10.89
N MET K 1 31.62 15.37 11.61
CA MET K 1 30.18 15.22 11.44
C MET K 1 29.45 15.75 12.64
N LEU K 2 29.39 17.07 12.80
CA LEU K 2 28.60 17.63 13.87
C LEU K 2 27.15 17.22 13.76
N LYS K 3 26.50 17.06 14.88
CA LYS K 3 25.09 16.65 14.87
C LYS K 3 24.14 17.63 14.22
N GLY K 4 24.28 18.91 14.49
CA GLY K 4 23.45 19.88 13.80
C GLY K 4 22.10 20.14 14.42
N LYS K 5 21.77 19.45 15.49
CA LYS K 5 20.54 19.73 16.20
C LYS K 5 20.88 20.52 17.45
N ASP K 6 22.17 20.71 17.70
CA ASP K 6 22.60 21.41 18.90
C ASP K 6 23.17 22.78 18.61
N GLY K 7 23.10 23.24 17.38
CA GLY K 7 23.69 24.52 17.04
C GLY K 7 23.08 25.68 17.77
N VAL K 8 23.92 26.56 18.31
CA VAL K 8 23.45 27.72 19.03
C VAL K 8 24.02 28.97 18.43
N VAL K 9 23.18 29.96 18.20
CA VAL K 9 23.67 31.24 17.71
C VAL K 9 23.36 32.22 18.81
N LYS K 10 24.35 33.00 19.19
CA LYS K 10 24.13 33.91 20.29
C LYS K 10 24.57 35.31 19.92
N ASN K 11 23.87 36.31 20.44
CA ASN K 11 24.28 37.67 20.20
C ASN K 11 25.32 37.89 21.24
N ALA K 12 26.54 38.18 20.81
CA ALA K 12 27.64 38.36 21.70
C ALA K 12 27.51 39.53 22.64
N SER K 13 26.99 40.64 22.15
CA SER K 13 26.93 41.84 22.98
C SER K 13 25.99 41.73 24.17
N THR K 14 24.80 41.17 23.97
CA THR K 14 23.85 41.03 25.06
C THR K 14 23.84 39.64 25.67
N GLY K 15 24.67 38.74 25.16
CA GLY K 15 24.75 37.40 25.69
C GLY K 15 23.47 36.59 25.74
N ASP K 16 22.64 36.65 24.70
CA ASP K 16 21.46 35.82 24.67
C ASP K 16 21.31 34.93 23.45
N SER K 17 21.00 33.66 23.65
CA SER K 17 20.77 32.78 22.51
C SER K 17 19.55 33.29 21.78
N ILE K 18 19.55 33.21 20.46
CA ILE K 18 18.44 33.81 19.71
C ILE K 18 17.04 33.24 19.94
N GLY K 19 16.91 31.93 20.02
CA GLY K 19 15.61 31.32 20.25
C GLY K 19 15.41 30.02 19.52
N HIS K 20 14.18 29.53 19.46
CA HIS K 20 13.89 28.27 18.80
C HIS K 20 14.19 28.40 17.35
N LEU K 21 15.33 27.91 16.91
CA LEU K 21 15.71 28.13 15.53
C LEU K 21 15.50 26.98 14.58
N GLN K 22 15.04 27.25 13.39
CA GLN K 22 14.91 26.21 12.41
C GLN K 22 16.19 25.94 11.65
N SER K 23 16.86 26.97 11.18
CA SER K 23 18.05 26.76 10.34
C SER K 23 19.02 27.93 10.30
N TRP K 24 20.30 27.67 10.03
CA TRP K 24 21.27 28.76 9.90
C TRP K 24 22.09 28.60 8.65
N ALA K 25 22.68 29.68 8.16
CA ALA K 25 23.54 29.61 6.99
C ALA K 25 24.60 30.69 7.01
N LEU K 26 25.73 30.44 6.37
CA LEU K 26 26.80 31.43 6.30
C LEU K 26 27.43 31.26 4.96
N ASP K 27 28.00 32.33 4.40
CA ASP K 27 28.72 32.22 3.13
C ASP K 27 29.88 33.19 3.09
N THR K 28 30.96 32.85 2.42
CA THR K 28 32.07 33.79 2.26
C THR K 28 32.49 33.82 0.81
N GLN K 29 32.66 35.00 0.22
CA GLN K 29 32.96 35.11 -1.20
C GLN K 29 34.03 36.11 -1.51
N ARG K 30 34.84 35.84 -2.54
CA ARG K 30 35.84 36.80 -2.96
C ARG K 30 35.75 36.96 -4.47
N ASP K 31 35.62 38.18 -4.96
CA ASP K 31 35.44 38.41 -6.40
C ASP K 31 36.61 38.07 -7.32
N GLU K 32 36.32 37.70 -8.56
CA GLU K 32 37.38 37.39 -9.51
C GLU K 32 37.65 38.25 -10.72
N VAL K 33 38.92 38.49 -11.03
CA VAL K 33 39.27 39.32 -12.19
C VAL K 33 40.07 38.46 -13.14
N SER K 34 39.61 38.31 -14.38
CA SER K 34 40.31 37.48 -15.35
C SER K 34 40.85 38.26 -16.52
N GLY K 35 42.06 37.94 -16.97
CA GLY K 35 42.62 38.59 -18.12
C GLY K 35 43.36 37.67 -19.05
N TRP K 36 43.17 37.83 -20.36
CA TRP K 36 43.90 37.03 -21.32
C TRP K 36 44.36 37.94 -22.44
N GLY K 37 45.39 37.52 -23.17
CA GLY K 37 45.92 38.32 -24.26
C GLY K 37 45.84 37.61 -25.59
N MET K 38 46.14 38.32 -26.68
CA MET K 38 46.13 37.71 -27.98
C MET K 38 47.26 36.70 -28.06
N GLY K 39 46.94 35.45 -28.35
CA GLY K 39 47.95 34.42 -28.44
C GLY K 39 48.09 33.56 -27.20
N ASP K 40 47.17 33.66 -26.24
CA ASP K 40 47.29 32.91 -25.00
C ASP K 40 46.23 31.83 -24.82
N ASP K 41 46.64 30.62 -24.45
CA ASP K 41 45.70 29.50 -24.33
C ASP K 41 44.74 29.58 -23.15
N ALA K 42 45.22 29.98 -21.97
CA ALA K 42 44.38 30.00 -20.77
C ALA K 42 44.22 31.41 -20.23
N GLU K 43 43.22 31.63 -19.38
CA GLU K 43 43.05 32.95 -18.78
C GLU K 43 43.44 32.98 -17.32
N ARG K 44 44.36 33.87 -16.98
CA ARG K 44 44.80 34.01 -15.61
C ARG K 44 43.79 34.77 -14.76
N ALA K 45 43.75 34.50 -13.45
CA ALA K 45 42.78 35.16 -12.58
C ALA K 45 43.30 35.50 -11.20
N PHE K 46 42.71 36.48 -10.54
CA PHE K 46 43.09 36.81 -9.16
C PHE K 46 41.89 37.25 -8.33
N THR K 47 41.98 37.15 -7.01
CA THR K 47 40.85 37.48 -6.14
C THR K 47 41.07 38.81 -5.46
N THR K 48 40.10 39.72 -5.55
CA THR K 48 40.32 41.05 -5.00
C THR K 48 39.78 41.46 -3.61
N VAL K 49 38.49 41.28 -3.33
CA VAL K 49 37.93 41.74 -2.06
C VAL K 49 36.91 40.76 -1.52
N GLY K 50 36.66 40.76 -0.22
CA GLY K 50 35.78 39.76 0.34
C GLY K 50 34.59 40.20 1.15
N ARG K 51 33.47 39.52 0.97
CA ARG K 51 32.27 39.83 1.72
C ARG K 51 31.68 38.57 2.31
N ALA K 52 30.87 38.70 3.34
CA ALA K 52 30.22 37.54 3.91
C ALA K 52 28.78 37.82 4.21
N SER K 53 27.92 36.82 4.13
CA SER K 53 26.53 37.02 4.42
C SER K 53 25.92 35.78 5.02
N GLY K 54 24.74 35.92 5.59
CA GLY K 54 24.07 34.77 6.12
C GLY K 54 22.67 35.04 6.57
N ASN K 55 21.93 34.02 6.93
CA ASN K 55 20.55 34.17 7.33
C ASN K 55 20.16 33.13 8.36
N PHE K 56 19.19 33.41 9.22
CA PHE K 56 18.72 32.39 10.15
C PHE K 56 17.21 32.45 10.30
N GLU K 57 16.57 31.33 10.56
CA GLU K 57 15.12 31.29 10.65
C GLU K 57 14.66 30.84 12.00
N VAL K 58 13.69 31.53 12.61
CA VAL K 58 13.25 31.11 13.93
C VAL K 58 11.76 31.27 14.04
N TYR K 59 10.99 30.41 14.89
CA TYR K 59 9.57 30.56 15.12
C TYR K 59 9.41 31.94 15.73
N LEU K 60 8.31 32.61 15.40
CA LEU K 60 8.08 33.96 15.91
C LEU K 60 8.03 34.04 17.44
N ASP K 61 8.77 34.96 18.07
CA ASP K 61 8.83 35.06 19.55
C ASP K 61 8.58 36.40 20.24
N PRO K 62 7.59 36.47 21.15
CA PRO K 62 7.32 37.69 21.92
C PRO K 62 7.93 37.66 23.30
N ALA K 63 8.58 36.55 23.67
CA ALA K 63 9.15 36.39 25.01
C ALA K 63 10.66 36.25 25.00
N ASP K 64 11.28 36.51 23.88
CA ASP K 64 12.71 36.27 23.77
C ASP K 64 13.25 37.42 23.03
N PRO K 65 14.57 37.64 22.97
CA PRO K 65 15.27 38.66 22.20
C PRO K 65 15.14 38.44 20.72
N SER K 66 14.51 37.33 20.34
CA SER K 66 14.27 37.09 18.96
C SER K 66 13.49 38.30 18.54
N ASP K 67 12.59 38.73 19.38
CA ASP K 67 11.76 39.85 19.04
C ASP K 67 12.53 41.13 18.76
N ASP K 68 13.56 41.45 19.55
CA ASP K 68 14.28 42.73 19.41
C ASP K 68 15.05 43.11 18.18
N LEU K 69 15.76 42.19 17.53
CA LEU K 69 16.61 42.60 16.36
C LEU K 69 15.83 43.38 15.24
N GLU K 70 16.41 44.41 14.61
CA GLU K 70 15.65 45.21 13.67
C GLU K 70 16.48 45.44 12.43
N PRO K 71 15.83 45.62 11.23
CA PRO K 71 16.72 45.96 10.12
C PRO K 71 17.52 47.20 10.41
N GLY K 72 18.77 47.21 10.00
CA GLY K 72 19.66 48.34 10.19
C GLY K 72 20.51 48.27 11.43
N ASP K 73 20.18 47.36 12.33
CA ASP K 73 20.94 47.22 13.57
C ASP K 73 22.31 46.66 13.33
N LEU K 74 23.28 47.03 14.16
CA LEU K 74 24.61 46.45 14.05
C LEU K 74 24.79 45.55 15.24
N VAL K 75 25.14 44.28 15.01
CA VAL K 75 25.22 43.33 16.10
C VAL K 75 26.45 42.46 16.02
N ASP K 76 26.86 41.87 17.14
CA ASP K 76 27.98 40.96 17.09
C ASP K 76 27.42 39.57 17.24
N LEU K 77 27.70 38.69 16.29
CA LEU K 77 27.10 37.38 16.32
C LEU K 77 28.14 36.31 16.46
N GLU K 78 27.94 35.38 17.39
CA GLU K 78 28.85 34.27 17.50
C GLU K 78 28.01 33.06 17.20
N LEU K 79 28.43 32.27 16.24
CA LEU K 79 27.64 31.13 15.84
C LEU K 79 28.41 29.87 16.18
N TYR K 80 27.71 28.86 16.98
CA TYR K 80 28.35 27.62 17.31
C TYR K 80 27.66 26.54 16.50
N PRO K 81 28.41 26.09 15.44
CA PRO K 81 27.84 25.01 14.64
C PRO K 81 27.57 23.74 15.42
N GLY K 82 28.49 23.35 16.28
CA GLY K 82 28.32 22.12 17.01
C GLY K 82 27.98 22.26 18.46
N GLY K 83 27.63 23.46 18.87
CA GLY K 83 27.28 23.68 20.26
C GLY K 83 28.40 24.36 21.01
N GLU K 84 28.21 24.57 22.30
CA GLU K 84 29.20 25.27 23.10
C GLU K 84 30.08 24.34 23.90
N SER K 85 30.04 23.05 23.57
CA SER K 85 30.81 22.06 24.31
C SER K 85 32.27 22.40 24.12
N THR K 86 33.09 22.11 25.11
CA THR K 86 34.50 22.51 25.02
C THR K 86 35.16 21.91 23.80
N GLY K 87 35.97 22.72 23.12
CA GLY K 87 36.63 22.24 21.94
C GLY K 87 35.79 22.29 20.68
N SER K 88 34.64 22.96 20.74
CA SER K 88 33.82 23.08 19.55
C SER K 88 34.03 24.41 18.89
N GLY K 89 34.31 24.39 17.59
CA GLY K 89 34.61 25.62 16.88
C GLY K 89 33.47 26.60 16.78
N TYR K 90 33.76 27.88 16.95
CA TYR K 90 32.76 28.89 16.80
C TYR K 90 33.09 29.92 15.76
N ARG K 91 32.14 30.22 14.88
CA ARG K 91 32.36 31.27 13.92
C ARG K 91 31.87 32.59 14.42
N SER K 92 32.79 33.56 14.59
CA SER K 92 32.41 34.83 15.18
C SER K 92 32.49 35.93 14.16
N VAL K 93 31.38 36.63 13.96
CA VAL K 93 31.38 37.73 13.01
C VAL K 93 31.19 39.01 13.78
N ALA K 94 32.06 39.98 13.56
CA ALA K 94 31.95 41.26 14.24
C ALA K 94 31.35 42.29 13.32
N GLY K 95 30.53 43.19 13.86
CA GLY K 95 29.95 44.23 13.06
C GLY K 95 28.97 43.73 12.03
N ALA K 96 28.21 42.69 12.36
CA ALA K 96 27.20 42.18 11.45
C ALA K 96 26.08 43.20 11.31
N LEU K 97 25.66 43.48 10.10
CA LEU K 97 24.65 44.49 9.87
C LEU K 97 23.45 43.74 9.39
N ILE K 98 22.30 43.97 9.99
CA ILE K 98 21.11 43.21 9.63
C ILE K 98 20.33 43.94 8.55
N LEU K 99 20.48 43.50 7.31
CA LEU K 99 19.77 44.12 6.21
C LEU K 99 18.25 43.96 6.19
N SER K 100 17.74 42.76 6.43
CA SER K 100 16.29 42.54 6.29
C SER K 100 15.66 41.49 7.20
N THR K 101 14.38 41.69 7.56
CA THR K 101 13.67 40.70 8.36
C THR K 101 12.30 40.40 7.72
N ALA K 102 11.85 39.15 7.77
CA ALA K 102 10.60 38.76 7.10
C ALA K 102 9.66 37.88 7.94
N GLU K 103 8.45 38.32 8.24
CA GLU K 103 7.55 37.51 9.03
C GLU K 103 6.44 36.91 8.19
N SER K 104 6.13 35.64 8.41
CA SER K 104 5.11 34.96 7.63
C SER K 104 4.33 33.92 8.40
N ALA K 105 3.11 33.62 7.96
CA ALA K 105 2.33 32.58 8.61
C ALA K 105 1.31 32.00 7.67
N SER K 106 0.75 30.86 8.04
CA SER K 106 -0.28 30.24 7.22
C SER K 106 -1.29 29.66 8.18
N LYS K 107 -2.43 29.22 7.67
CA LYS K 107 -3.47 28.73 8.55
C LYS K 107 -3.02 27.50 9.30
N ASP K 108 -2.27 26.63 8.64
CA ASP K 108 -1.86 25.39 9.27
C ASP K 108 -0.47 25.38 9.88
N GLY K 109 0.17 26.53 10.01
CA GLY K 109 1.54 26.53 10.49
C GLY K 109 1.91 27.56 11.52
N ILE K 110 3.04 27.33 12.19
CA ILE K 110 3.54 28.30 13.16
C ILE K 110 4.17 29.51 12.47
N PRO K 111 3.95 30.73 13.01
CA PRO K 111 4.55 31.93 12.43
C PRO K 111 6.07 31.91 12.46
N MET K 112 6.73 32.39 11.40
CA MET K 112 8.18 32.31 11.32
C MET K 112 8.86 33.62 10.95
N LEU K 113 10.07 33.85 11.46
CA LEU K 113 10.82 35.06 11.14
C LEU K 113 12.15 34.70 10.54
N THR K 114 12.54 35.35 9.45
CA THR K 114 13.82 35.08 8.81
C THR K 114 14.66 36.34 8.81
N VAL K 115 15.88 36.26 9.31
CA VAL K 115 16.72 37.43 9.41
C VAL K 115 17.91 37.28 8.48
N ASN K 116 18.21 38.30 7.68
CA ASN K 116 19.34 38.23 6.77
C ASN K 116 20.38 39.25 7.16
N TRP K 117 21.64 38.85 7.20
CA TRP K 117 22.69 39.76 7.64
C TRP K 117 23.87 39.83 6.68
N ARG K 118 24.62 40.92 6.74
CA ARG K 118 25.81 41.04 5.93
C ARG K 118 26.88 41.46 6.86
N THR K 119 28.13 41.37 6.45
CA THR K 119 29.20 41.87 7.29
C THR K 119 29.70 43.20 6.80
N SER K 120 29.97 44.11 7.72
CA SER K 120 30.52 45.39 7.36
C SER K 120 31.87 45.64 7.98
N GLY K 121 32.91 45.77 7.16
CA GLY K 121 34.22 46.10 7.65
C GLY K 121 35.03 45.00 8.28
N ALA K 122 34.47 43.79 8.36
CA ALA K 122 35.17 42.70 9.02
C ALA K 122 34.89 41.40 8.30
N LEU K 123 35.67 40.36 8.57
CA LEU K 123 35.46 39.08 7.96
C LEU K 123 35.28 38.02 9.07
N PRO K 124 34.41 36.97 8.88
CA PRO K 124 34.20 36.03 9.99
C PRO K 124 35.47 35.37 10.42
N GLN K 125 35.68 35.25 11.72
CA GLN K 125 36.90 34.66 12.23
C GLN K 125 36.65 33.34 12.93
N LYS K 126 37.25 32.28 12.44
CA LYS K 126 37.11 30.98 13.08
C LYS K 126 37.92 30.93 14.36
N ALA K 127 37.43 30.24 15.38
CA ALA K 127 38.17 30.10 16.62
C ALA K 127 37.66 28.87 17.32
N THR K 128 38.42 28.36 18.26
CA THR K 128 38.03 27.15 18.97
C THR K 128 37.69 27.46 20.41
N VAL K 129 36.52 27.00 20.85
CA VAL K 129 36.09 27.30 22.20
C VAL K 129 36.90 26.58 23.26
N SER K 130 37.00 27.19 24.43
CA SER K 130 37.74 26.58 25.52
C SER K 130 37.08 25.27 25.93
N MET L 1 -17.73 32.48 0.98
CA MET L 1 -17.18 31.27 0.39
C MET L 1 -18.02 30.82 -0.77
N LEU L 2 -17.95 31.51 -1.91
CA LEU L 2 -18.66 31.05 -3.07
C LEU L 2 -18.19 29.67 -3.46
N LYS L 3 -19.07 28.88 -4.02
CA LYS L 3 -18.73 27.52 -4.43
C LYS L 3 -17.68 27.43 -5.52
N GLY L 4 -17.79 28.25 -6.55
CA GLY L 4 -16.75 28.25 -7.57
C GLY L 4 -16.90 27.23 -8.66
N LYS L 5 -17.92 26.40 -8.59
CA LYS L 5 -18.19 25.48 -9.68
C LYS L 5 -19.34 26.02 -10.49
N ASP L 6 -19.92 27.13 -10.03
CA ASP L 6 -21.07 27.69 -10.72
C ASP L 6 -20.76 29.00 -11.43
N GLY L 7 -19.50 29.39 -11.48
CA GLY L 7 -19.15 30.66 -12.08
C GLY L 7 -19.49 30.74 -13.54
N VAL L 8 -20.10 31.84 -13.96
CA VAL L 8 -20.47 32.03 -15.35
C VAL L 8 -19.86 33.30 -15.87
N VAL L 9 -19.26 33.24 -17.05
CA VAL L 9 -18.73 34.45 -17.66
C VAL L 9 -19.53 34.61 -18.91
N LYS L 10 -20.06 35.79 -19.14
CA LYS L 10 -20.89 36.00 -20.30
C LYS L 10 -20.45 37.20 -21.08
N ASN L 11 -20.58 37.16 -22.39
CA ASN L 11 -20.27 38.31 -23.19
C ASN L 11 -21.52 39.12 -23.13
N ALA L 12 -21.41 40.32 -22.59
CA ALA L 12 -22.55 41.17 -22.42
C ALA L 12 -23.22 41.61 -23.69
N SER L 13 -22.44 41.92 -24.71
CA SER L 13 -23.00 42.44 -25.94
C SER L 13 -23.88 41.45 -26.70
N THR L 14 -23.44 40.20 -26.82
CA THR L 14 -24.21 39.19 -27.53
C THR L 14 -25.00 38.28 -26.61
N GLY L 15 -24.90 38.50 -25.30
CA GLY L 15 -25.63 37.70 -24.34
C GLY L 15 -25.43 36.20 -24.38
N ASP L 16 -24.20 35.73 -24.56
CA ASP L 16 -23.96 34.30 -24.51
C ASP L 16 -22.90 33.86 -23.52
N SER L 17 -23.20 32.84 -22.73
CA SER L 17 -22.20 32.32 -21.82
C SER L 17 -21.08 31.75 -22.66
N ILE L 18 -19.84 31.89 -22.21
CA ILE L 18 -18.72 31.47 -23.04
C ILE L 18 -18.61 29.98 -23.40
N GLY L 19 -18.84 29.10 -22.44
CA GLY L 19 -18.79 27.67 -22.72
C GLY L 19 -18.24 26.87 -21.56
N HIS L 20 -17.90 25.61 -21.80
CA HIS L 20 -17.40 24.74 -20.75
C HIS L 20 -16.09 25.27 -20.27
N LEU L 21 -16.09 25.97 -19.15
CA LEU L 21 -14.85 26.60 -18.73
C LEU L 21 -14.07 25.91 -17.64
N GLN L 22 -12.77 25.87 -17.75
CA GLN L 22 -11.96 25.31 -16.70
C GLN L 22 -11.67 26.29 -15.59
N SER L 23 -11.26 27.50 -15.92
CA SER L 23 -10.85 28.45 -14.88
C SER L 23 -10.90 29.92 -15.29
N TRP L 24 -11.06 30.83 -14.34
CA TRP L 24 -11.05 32.26 -14.66
C TRP L 24 -10.13 33.01 -13.73
N ALA L 25 -9.67 34.18 -14.14
CA ALA L 25 -8.82 35.01 -13.28
C ALA L 25 -8.99 36.47 -13.60
N LEU L 26 -8.75 37.34 -12.62
CA LEU L 26 -8.84 38.77 -12.83
C LEU L 26 -7.77 39.38 -11.96
N ASP L 27 -7.25 40.53 -12.35
CA ASP L 27 -6.27 41.23 -11.52
C ASP L 27 -6.43 42.73 -11.68
N THR L 28 -6.15 43.50 -10.63
CA THR L 28 -6.18 44.96 -10.75
C THR L 28 -4.92 45.54 -10.13
N GLN L 29 -4.24 46.44 -10.82
CA GLN L 29 -2.97 46.96 -10.33
C GLN L 29 -2.82 48.44 -10.47
N ARG L 30 -2.13 49.09 -9.53
CA ARG L 30 -1.87 50.51 -9.64
C ARG L 30 -0.40 50.76 -9.38
N ASP L 31 0.30 51.43 -10.28
CA ASP L 31 1.74 51.64 -10.14
C ASP L 31 2.21 52.51 -8.98
N GLU L 32 3.41 52.25 -8.47
CA GLU L 32 3.96 53.06 -7.40
C GLU L 32 5.16 53.96 -7.58
N VAL L 33 5.12 55.16 -7.02
CA VAL L 33 6.25 56.09 -7.15
C VAL L 33 6.77 56.38 -5.77
N SER L 34 8.06 56.11 -5.53
CA SER L 34 8.64 56.33 -4.22
C SER L 34 9.72 57.39 -4.22
N GLY L 35 9.73 58.23 -3.19
CA GLY L 35 10.77 59.24 -3.08
C GLY L 35 11.29 59.43 -1.67
N TRP L 36 12.60 59.57 -1.53
CA TRP L 36 13.17 59.83 -0.22
C TRP L 36 14.24 60.89 -0.37
N GLY L 37 14.56 61.58 0.71
CA GLY L 37 15.57 62.63 0.66
C GLY L 37 16.73 62.36 1.60
N MET L 38 17.78 63.17 1.49
CA MET L 38 18.92 63.00 2.37
C MET L 38 18.52 63.33 3.78
N GLY L 39 18.68 62.39 4.70
CA GLY L 39 18.32 62.61 6.08
C GLY L 39 16.98 62.04 6.48
N ASP L 40 16.36 61.22 5.63
CA ASP L 40 15.02 60.69 5.93
C ASP L 40 15.00 59.19 6.18
N ASP L 41 14.34 58.76 7.26
CA ASP L 41 14.32 57.34 7.63
C ASP L 41 13.50 56.44 6.71
N ALA L 42 12.32 56.88 6.30
CA ALA L 42 11.43 56.04 5.48
C ALA L 42 11.17 56.65 4.11
N GLU L 43 10.70 55.85 3.16
CA GLU L 43 10.38 56.40 1.85
C GLU L 43 8.91 56.51 1.61
N ARG L 44 8.44 57.71 1.28
CA ARG L 44 7.05 57.94 0.99
C ARG L 44 6.66 57.44 -0.39
N ALA L 45 5.40 57.06 -0.58
CA ALA L 45 4.95 56.54 -1.87
C ALA L 45 3.55 56.95 -2.26
N PHE L 46 3.25 56.95 -3.56
CA PHE L 46 1.88 57.24 -4.03
C PHE L 46 1.51 56.41 -5.25
N THR L 47 0.22 56.23 -5.51
CA THR L 47 -0.21 55.38 -6.62
C THR L 47 -0.71 56.23 -7.77
N THR L 48 -0.22 56.00 -8.98
CA THR L 48 -0.58 56.86 -10.09
C THR L 48 -1.67 56.46 -11.10
N VAL L 49 -1.59 55.29 -11.71
CA VAL L 49 -2.56 54.92 -12.75
C VAL L 49 -2.92 53.44 -12.67
N GLY L 50 -4.08 53.06 -13.18
CA GLY L 50 -4.52 51.69 -13.01
C GLY L 50 -4.86 50.86 -14.22
N ARG L 51 -4.47 49.60 -14.21
CA ARG L 51 -4.80 48.72 -15.31
C ARG L 51 -5.37 47.43 -14.79
N ALA L 52 -6.09 46.69 -15.62
CA ALA L 52 -6.62 45.42 -15.20
C ALA L 52 -6.44 44.38 -16.27
N SER L 53 -6.27 43.13 -15.89
CA SER L 53 -6.11 42.08 -16.89
C SER L 53 -6.69 40.79 -16.39
N GLY L 54 -6.87 39.84 -17.29
CA GLY L 54 -7.35 38.55 -16.87
C GLY L 54 -7.33 37.52 -17.96
N ASN L 55 -7.62 36.29 -17.64
CA ASN L 55 -7.57 35.21 -18.60
C ASN L 55 -8.60 34.15 -18.27
N PHE L 56 -9.09 33.41 -19.26
CA PHE L 56 -9.99 32.30 -18.97
C PHE L 56 -9.68 31.10 -19.86
N GLU L 57 -9.91 29.90 -19.37
CA GLU L 57 -9.58 28.70 -20.14
C GLU L 57 -10.80 27.86 -20.41
N VAL L 58 -10.98 27.41 -21.64
CA VAL L 58 -12.17 26.62 -21.93
C VAL L 58 -11.81 25.49 -22.88
N TYR L 59 -12.52 24.25 -22.85
CA TYR L 59 -12.31 23.17 -23.78
C TYR L 59 -12.62 23.75 -25.13
N LEU L 60 -11.90 23.32 -26.15
CA LEU L 60 -12.10 23.84 -27.51
C LEU L 60 -13.52 23.62 -28.04
N ASP L 61 -14.18 24.66 -28.57
CA ASP L 61 -15.59 24.53 -29.05
C ASP L 61 -15.96 25.02 -30.45
N PRO L 62 -16.52 24.12 -31.30
CA PRO L 62 -16.98 24.50 -32.65
C PRO L 62 -18.46 24.77 -32.70
N ALA L 63 -19.18 24.58 -31.58
CA ALA L 63 -20.64 24.75 -31.55
C ALA L 63 -21.08 25.87 -30.64
N ASP L 64 -20.16 26.69 -30.19
CA ASP L 64 -20.50 27.71 -29.21
C ASP L 64 -19.79 28.92 -29.64
N PRO L 65 -20.08 30.11 -29.09
CA PRO L 65 -19.39 31.38 -29.32
C PRO L 65 -18.00 31.37 -28.78
N SER L 66 -17.63 30.29 -28.11
CA SER L 66 -16.29 30.16 -27.64
C SER L 66 -15.48 30.30 -28.89
N ASP L 67 -15.95 29.70 -29.96
CA ASP L 67 -15.20 29.74 -31.19
C ASP L 67 -14.97 31.15 -31.73
N ASP L 68 -15.95 32.03 -31.66
CA ASP L 68 -15.85 33.38 -32.28
C ASP L 68 -14.84 34.39 -31.81
N LEU L 69 -14.58 34.53 -30.51
CA LEU L 69 -13.66 35.62 -30.05
C LEU L 69 -12.25 35.61 -30.75
N GLU L 70 -11.67 36.77 -31.08
CA GLU L 70 -10.43 36.77 -31.86
C GLU L 70 -9.47 37.75 -31.23
N PRO L 71 -8.11 37.52 -31.37
CA PRO L 71 -7.28 38.59 -30.85
C PRO L 71 -7.59 39.92 -31.50
N GLY L 72 -7.56 40.99 -30.72
CA GLY L 72 -7.81 42.32 -31.22
C GLY L 72 -9.25 42.78 -31.08
N ASP L 73 -10.15 41.85 -30.78
CA ASP L 73 -11.56 42.18 -30.64
C ASP L 73 -11.81 42.99 -29.40
N LEU L 74 -12.82 43.86 -29.43
CA LEU L 74 -13.19 44.61 -28.23
C LEU L 74 -14.51 44.04 -27.77
N VAL L 75 -14.58 43.62 -26.51
CA VAL L 75 -15.79 42.96 -26.03
C VAL L 75 -16.21 43.46 -24.65
N ASP L 76 -17.47 43.27 -24.30
CA ASP L 76 -17.90 43.65 -22.96
C ASP L 76 -18.09 42.37 -22.19
N LEU L 77 -17.41 42.22 -21.07
CA LEU L 77 -17.46 40.98 -20.34
C LEU L 77 -18.06 41.16 -18.99
N GLU L 78 -19.03 40.32 -18.63
CA GLU L 78 -19.57 40.38 -17.28
C GLU L 78 -19.22 39.06 -16.67
N LEU L 79 -18.56 39.08 -15.54
CA LEU L 79 -18.14 37.84 -14.93
C LEU L 79 -18.88 37.67 -13.62
N TYR L 80 -19.58 36.41 -13.42
CA TYR L 80 -20.28 36.15 -12.19
C TYR L 80 -19.48 35.09 -11.46
N PRO L 81 -18.76 35.59 -10.38
CA PRO L 81 -18.01 34.62 -9.59
C PRO L 81 -18.87 33.55 -8.95
N GLY L 82 -20.00 33.93 -8.40
CA GLY L 82 -20.83 32.97 -7.72
C GLY L 82 -22.09 32.56 -8.44
N GLY L 83 -22.19 32.92 -9.70
CA GLY L 83 -23.36 32.56 -10.48
C GLY L 83 -24.29 33.73 -10.64
N GLU L 84 -25.43 33.52 -11.28
CA GLU L 84 -26.35 34.59 -11.56
C GLU L 84 -27.51 34.64 -10.57
N SER L 85 -27.39 33.90 -9.47
CA SER L 85 -28.46 33.83 -8.51
C SER L 85 -28.65 35.22 -7.94
N THR L 86 -29.87 35.57 -7.57
CA THR L 86 -30.12 36.93 -7.13
C THR L 86 -29.27 37.30 -5.94
N GLY L 87 -28.73 38.52 -5.96
CA GLY L 87 -27.87 38.94 -4.88
C GLY L 87 -26.43 38.49 -5.00
N SER L 88 -26.06 37.95 -6.15
CA SER L 88 -24.68 37.54 -6.34
C SER L 88 -23.91 38.59 -7.10
N GLY L 89 -22.76 38.99 -6.55
CA GLY L 89 -22.00 40.05 -7.18
C GLY L 89 -21.42 39.73 -8.53
N TYR L 90 -21.47 40.68 -9.44
CA TYR L 90 -20.87 40.48 -10.73
C TYR L 90 -19.82 41.51 -11.08
N ARG L 91 -18.67 41.05 -11.56
CA ARG L 91 -17.66 41.99 -11.99
C ARG L 91 -17.80 42.29 -13.46
N SER L 92 -18.08 43.56 -13.81
CA SER L 92 -18.32 43.91 -15.19
C SER L 92 -17.21 44.76 -15.73
N VAL L 93 -16.59 44.32 -16.80
CA VAL L 93 -15.52 45.09 -17.40
C VAL L 93 -16.00 45.57 -18.75
N ALA L 94 -15.89 46.86 -19.00
CA ALA L 94 -16.31 47.42 -20.28
C ALA L 94 -15.10 47.68 -21.15
N GLY L 95 -15.23 47.47 -22.46
CA GLY L 95 -14.14 47.72 -23.37
C GLY L 95 -12.97 46.80 -23.18
N ALA L 96 -13.22 45.54 -22.85
CA ALA L 96 -12.15 44.58 -22.71
C ALA L 96 -11.54 44.30 -24.06
N LEU L 97 -10.22 44.31 -24.16
CA LEU L 97 -9.56 44.12 -25.42
C LEU L 97 -8.87 42.79 -25.32
N ILE L 98 -9.08 41.91 -26.29
CA ILE L 98 -8.51 40.58 -26.21
C ILE L 98 -7.15 40.55 -26.87
N LEU L 99 -6.09 40.59 -26.09
CA LEU L 99 -4.75 40.55 -26.64
C LEU L 99 -4.32 39.24 -27.30
N SER L 100 -4.58 38.10 -26.68
CA SER L 100 -4.07 36.83 -27.22
C SER L 100 -4.90 35.58 -26.99
N THR L 101 -4.84 34.62 -27.92
CA THR L 101 -5.55 33.36 -27.75
C THR L 101 -4.60 32.19 -28.03
N ALA L 102 -4.70 31.09 -27.28
CA ALA L 102 -3.77 29.96 -27.45
C ALA L 102 -4.42 28.58 -27.47
N GLU L 103 -4.29 27.82 -28.55
CA GLU L 103 -4.91 26.51 -28.62
C GLU L 103 -3.88 25.41 -28.47
N SER L 104 -4.19 24.38 -27.69
CA SER L 104 -3.27 23.29 -27.45
C SER L 104 -3.92 21.94 -27.26
N ALA L 105 -3.21 20.86 -27.52
CA ALA L 105 -3.76 19.53 -27.30
C ALA L 105 -2.66 18.52 -27.10
N SER L 106 -3.02 17.35 -26.59
CA SER L 106 -2.05 16.29 -26.40
C SER L 106 -2.75 15.00 -26.75
N LYS L 107 -2.01 13.92 -26.85
CA LYS L 107 -2.62 12.66 -27.26
C LYS L 107 -3.64 12.19 -26.26
N ASP L 108 -3.37 12.38 -24.98
CA ASP L 108 -4.28 11.90 -23.95
C ASP L 108 -5.25 12.92 -23.39
N GLY L 109 -5.38 14.08 -24.02
CA GLY L 109 -6.24 15.10 -23.44
C GLY L 109 -7.16 15.84 -24.36
N ILE L 110 -8.15 16.51 -23.79
CA ILE L 110 -9.06 17.33 -24.57
C ILE L 110 -8.41 18.64 -25.02
N PRO L 111 -8.67 19.09 -26.26
CA PRO L 111 -8.11 20.36 -26.73
C PRO L 111 -8.58 21.55 -25.92
N MET L 112 -7.70 22.52 -25.65
CA MET L 112 -8.06 23.65 -24.80
C MET L 112 -7.70 25.01 -25.37
N LEU L 113 -8.49 26.03 -25.08
CA LEU L 113 -8.22 27.38 -25.55
C LEU L 113 -8.09 28.32 -24.38
N THR L 114 -7.07 29.18 -24.39
CA THR L 114 -6.88 30.15 -23.31
C THR L 114 -6.93 31.55 -23.88
N VAL L 115 -7.76 32.40 -23.30
CA VAL L 115 -7.92 33.74 -23.83
C VAL L 115 -7.41 34.74 -22.81
N ASN L 116 -6.59 35.69 -23.23
CA ASN L 116 -6.07 36.69 -22.32
C ASN L 116 -6.58 38.06 -22.70
N TRP L 117 -7.05 38.83 -21.74
CA TRP L 117 -7.62 40.13 -22.03
C TRP L 117 -7.04 41.26 -21.19
N ARG L 118 -7.15 42.49 -21.67
CA ARG L 118 -6.71 43.63 -20.90
C ARG L 118 -7.84 44.59 -20.95
N THR L 119 -7.82 45.60 -20.11
CA THR L 119 -8.85 46.62 -20.19
C THR L 119 -8.32 47.87 -20.83
N SER L 120 -9.13 48.47 -21.69
CA SER L 120 -8.76 49.71 -22.32
C SER L 120 -9.69 50.84 -22.00
N GLY L 121 -9.19 51.87 -21.31
CA GLY L 121 -9.99 53.04 -21.03
C GLY L 121 -10.99 52.95 -19.90
N ALA L 122 -11.09 51.79 -19.25
CA ALA L 122 -12.07 51.61 -18.21
C ALA L 122 -11.52 50.74 -17.11
N LEU L 123 -12.16 50.72 -15.95
CA LEU L 123 -11.72 49.90 -14.86
C LEU L 123 -12.89 48.97 -14.43
N PRO L 124 -12.62 47.70 -14.00
CA PRO L 124 -13.74 46.81 -13.68
C PRO L 124 -14.63 47.38 -12.60
N GLN L 125 -15.93 47.28 -12.79
CA GLN L 125 -16.86 47.84 -11.81
C GLN L 125 -17.66 46.76 -11.12
N LYS L 126 -17.54 46.70 -9.79
CA LYS L 126 -18.30 45.74 -9.02
C LYS L 126 -19.74 46.17 -8.93
N ALA L 127 -20.67 45.22 -8.93
CA ALA L 127 -22.08 45.54 -8.79
C ALA L 127 -22.78 44.31 -8.29
N THR L 128 -23.97 44.49 -7.75
CA THR L 128 -24.72 43.36 -7.20
C THR L 128 -25.93 43.05 -8.05
N VAL L 129 -26.08 41.79 -8.42
CA VAL L 129 -27.18 41.41 -9.29
C VAL L 129 -28.53 41.49 -8.59
N SER L 130 -29.57 41.75 -9.37
CA SER L 130 -30.91 41.82 -8.81
C SER L 130 -31.31 40.47 -8.23
N MET M 1 -23.53 5.27 -18.75
CA MET M 1 -24.70 4.44 -19.01
C MET M 1 -24.31 3.01 -19.21
N SER M 2 -24.34 2.24 -18.14
CA SER M 2 -23.90 0.87 -18.21
C SER M 2 -24.72 0.07 -19.17
N GLU M 3 -26.03 0.25 -19.14
CA GLU M 3 -26.86 -0.61 -19.96
C GLU M 3 -26.50 -0.46 -21.41
N ALA M 4 -26.31 0.76 -21.86
CA ALA M 4 -25.98 1.00 -23.25
C ALA M 4 -24.64 0.42 -23.64
N ILE M 5 -23.65 0.65 -22.79
CA ILE M 5 -22.32 0.12 -23.05
C ILE M 5 -22.39 -1.40 -22.98
N ILE M 6 -23.12 -1.92 -22.01
CA ILE M 6 -23.27 -3.36 -21.89
C ILE M 6 -24.02 -3.84 -23.13
N ALA M 7 -25.00 -3.08 -23.59
CA ALA M 7 -25.73 -3.46 -24.78
C ALA M 7 -24.82 -3.49 -25.99
N ALA M 8 -23.91 -2.54 -26.09
CA ALA M 8 -22.96 -2.53 -27.19
C ALA M 8 -22.11 -3.77 -27.05
N ALA M 9 -21.70 -4.05 -25.83
CA ALA M 9 -20.92 -5.25 -25.58
C ALA M 9 -21.74 -6.46 -25.89
N ARG M 10 -23.02 -6.40 -25.55
CA ARG M 10 -23.88 -7.54 -25.76
C ARG M 10 -23.92 -7.82 -27.25
N GLY M 11 -24.10 -6.79 -28.07
CA GLY M 11 -24.05 -7.01 -29.50
C GLY M 11 -22.67 -7.42 -29.95
N ARG M 12 -21.64 -6.78 -29.40
CA ARG M 12 -20.27 -7.04 -29.82
C ARG M 12 -19.73 -8.40 -29.45
N LEU M 13 -20.20 -8.96 -28.35
CA LEU M 13 -19.74 -10.29 -27.94
C LEU M 13 -20.70 -11.44 -28.18
N ILE M 14 -21.89 -11.14 -28.70
CA ILE M 14 -22.81 -12.22 -29.01
C ILE M 14 -22.36 -13.01 -30.23
N SER M 15 -21.44 -12.46 -31.03
CA SER M 15 -21.00 -13.10 -32.28
C SER M 15 -20.36 -14.49 -32.16
N PRO M 16 -19.52 -14.71 -31.13
CA PRO M 16 -19.01 -16.08 -31.02
C PRO M 16 -20.23 -16.94 -30.90
N PRO M 17 -20.21 -18.13 -31.52
CA PRO M 17 -21.47 -18.88 -31.52
C PRO M 17 -21.78 -19.59 -30.24
N PHE M 18 -22.13 -18.85 -29.19
CA PHE M 18 -22.54 -19.42 -27.90
C PHE M 18 -23.14 -18.31 -27.04
N SER M 19 -24.07 -18.66 -26.15
CA SER M 19 -24.77 -17.65 -25.35
C SER M 19 -23.90 -16.96 -24.32
N ASP M 20 -24.17 -15.69 -24.08
CA ASP M 20 -23.43 -14.97 -23.04
C ASP M 20 -24.37 -14.67 -21.90
N ALA M 21 -24.02 -15.12 -20.70
CA ALA M 21 -24.84 -14.85 -19.54
C ALA M 21 -24.04 -14.06 -18.52
N THR M 22 -24.59 -12.93 -18.07
CA THR M 22 -23.87 -12.09 -17.14
C THR M 22 -24.58 -12.03 -15.80
N GLY M 23 -23.83 -12.22 -14.71
CA GLY M 23 -24.41 -12.16 -13.39
C GLY M 23 -25.53 -13.13 -13.07
N ASP M 24 -25.43 -14.37 -13.56
CA ASP M 24 -26.44 -15.36 -13.17
C ASP M 24 -25.82 -16.21 -12.07
N VAL M 25 -26.18 -15.92 -10.82
CA VAL M 25 -25.59 -16.65 -9.70
C VAL M 25 -25.93 -18.11 -9.67
N TYR M 26 -27.20 -18.41 -9.89
CA TYR M 26 -27.61 -19.78 -9.78
C TYR M 26 -26.92 -20.54 -10.89
N ARG M 27 -26.76 -19.90 -12.05
CA ARG M 27 -26.17 -20.69 -13.13
C ARG M 27 -24.68 -20.89 -13.11
N THR M 28 -24.29 -22.16 -13.20
CA THR M 28 -22.89 -22.49 -13.23
C THR M 28 -22.74 -23.67 -14.17
N PRO M 29 -23.19 -23.57 -15.44
CA PRO M 29 -23.18 -24.77 -16.30
C PRO M 29 -21.92 -25.29 -16.94
N GLU M 30 -21.85 -26.59 -17.24
CA GLU M 30 -20.72 -27.15 -17.98
C GLU M 30 -21.16 -27.48 -19.39
N ALA M 31 -22.48 -27.54 -19.61
CA ALA M 31 -23.03 -27.85 -20.94
C ALA M 31 -22.66 -26.77 -21.94
N ALA M 32 -22.67 -25.51 -21.52
CA ALA M 32 -22.26 -24.45 -22.40
C ALA M 32 -20.75 -24.36 -22.31
N LEU M 33 -20.04 -25.33 -22.88
CA LEU M 33 -18.58 -25.35 -22.77
C LEU M 33 -17.93 -24.03 -23.19
N PRO M 34 -18.18 -23.54 -24.44
CA PRO M 34 -17.54 -22.25 -24.71
C PRO M 34 -18.34 -21.23 -23.95
N ALA M 35 -17.69 -20.42 -23.12
CA ALA M 35 -18.44 -19.49 -22.28
C ALA M 35 -17.96 -18.06 -22.33
N ILE M 36 -18.90 -17.12 -22.45
CA ILE M 36 -18.55 -15.71 -22.48
C ILE M 36 -19.40 -14.91 -21.51
N ILE M 37 -18.79 -13.95 -20.79
CA ILE M 37 -19.55 -13.08 -19.88
C ILE M 37 -18.89 -11.70 -19.83
N VAL M 38 -19.68 -10.64 -19.98
CA VAL M 38 -19.14 -9.28 -19.95
C VAL M 38 -19.67 -8.47 -18.77
N GLU M 39 -18.76 -7.84 -18.03
CA GLU M 39 -19.17 -7.05 -16.86
C GLU M 39 -18.73 -5.59 -16.93
N LEU M 40 -19.66 -4.67 -16.75
CA LEU M 40 -19.32 -3.23 -16.74
C LEU M 40 -18.57 -2.81 -15.48
N ASP M 41 -18.67 -3.59 -14.41
CA ASP M 41 -17.92 -3.31 -13.17
C ASP M 41 -18.15 -1.96 -12.47
N TYR M 42 -17.06 -1.23 -12.18
CA TYR M 42 -17.18 0.00 -11.39
C TYR M 42 -16.85 1.31 -12.10
N THR M 43 -17.42 2.43 -11.60
CA THR M 43 -17.12 3.74 -12.17
C THR M 43 -16.70 4.75 -11.10
N ASP M 44 -15.45 5.20 -11.12
CA ASP M 44 -15.01 6.26 -10.15
C ASP M 44 -15.22 7.59 -10.83
N ALA M 45 -15.21 8.74 -10.13
CA ALA M 45 -15.48 9.96 -10.93
C ALA M 45 -14.91 11.35 -10.59
N GLU M 46 -14.89 12.26 -11.58
CA GLU M 46 -14.41 13.65 -11.35
C GLU M 46 -15.21 14.71 -12.14
N ARG M 47 -15.20 15.96 -11.69
CA ARG M 47 -15.98 17.05 -12.32
C ARG M 47 -15.57 17.47 -13.73
N ILE M 48 -16.52 17.99 -14.50
CA ILE M 48 -16.20 18.47 -15.84
C ILE M 48 -16.66 19.89 -16.03
N SER M 49 -15.74 20.77 -16.42
CA SER M 49 -16.08 22.16 -16.71
C SER M 49 -16.44 22.97 -15.48
N MET M 50 -16.89 24.19 -15.69
CA MET M 50 -17.39 24.99 -14.58
C MET M 50 -18.82 25.18 -14.99
N GLY M 51 -19.75 24.94 -14.08
CA GLY M 51 -21.15 25.00 -14.43
C GLY M 51 -21.75 23.65 -14.75
N GLY M 52 -20.97 22.59 -14.70
CA GLY M 52 -21.57 21.27 -14.87
C GLY M 52 -21.09 20.21 -15.81
N GLY M 53 -20.69 19.05 -15.28
CA GLY M 53 -20.32 17.94 -16.13
C GLY M 53 -19.70 16.91 -15.22
N PHE M 54 -19.71 15.64 -15.61
CA PHE M 54 -19.03 14.64 -14.80
C PHE M 54 -18.44 13.60 -15.71
N ILE M 55 -17.31 13.03 -15.33
CA ILE M 55 -16.72 11.97 -16.12
C ILE M 55 -16.35 10.83 -15.19
N ALA M 56 -16.26 9.63 -15.73
CA ALA M 56 -16.00 8.48 -14.89
C ALA M 56 -14.84 7.65 -15.34
N SER M 57 -14.20 6.94 -14.42
CA SER M 57 -13.14 6.04 -14.80
C SER M 57 -13.80 4.69 -14.67
N ALA M 58 -13.86 3.92 -15.75
CA ALA M 58 -14.59 2.67 -15.69
C ALA M 58 -13.86 1.47 -16.23
N GLU M 59 -14.15 0.30 -15.68
CA GLU M 59 -13.49 -0.92 -16.12
C GLU M 59 -14.46 -1.93 -16.66
N LEU M 60 -14.16 -2.49 -17.82
CA LEU M 60 -15.01 -3.52 -18.38
C LEU M 60 -14.25 -4.82 -18.38
N ARG M 61 -14.80 -5.85 -17.76
CA ARG M 61 -14.10 -7.12 -17.68
C ARG M 61 -14.77 -8.17 -18.54
N VAL M 62 -14.00 -8.81 -19.42
CA VAL M 62 -14.55 -9.88 -20.26
C VAL M 62 -13.93 -11.22 -19.90
N GLU M 63 -14.77 -12.23 -19.63
CA GLU M 63 -14.22 -13.51 -19.20
C GLU M 63 -14.65 -14.66 -20.08
N ILE M 64 -13.72 -15.53 -20.44
CA ILE M 64 -14.02 -16.65 -21.31
C ILE M 64 -13.66 -18.01 -20.71
N LEU M 65 -14.60 -18.94 -20.73
CA LEU M 65 -14.35 -20.28 -20.19
C LEU M 65 -14.46 -21.30 -21.32
N ALA M 66 -13.48 -22.19 -21.49
CA ALA M 66 -13.54 -23.08 -22.65
C ALA M 66 -12.96 -24.48 -22.53
N LYS M 67 -13.40 -25.41 -23.39
CA LYS M 67 -12.84 -26.76 -23.41
C LYS M 67 -12.73 -27.38 -24.79
N ARG M 68 -11.78 -28.28 -24.99
CA ARG M 68 -11.66 -29.03 -26.26
C ARG M 68 -11.50 -28.36 -27.61
N ASP M 69 -12.34 -28.71 -28.57
CA ASP M 69 -12.23 -28.18 -29.94
C ASP M 69 -12.54 -26.71 -30.09
N ASP M 70 -13.16 -26.13 -29.09
CA ASP M 70 -13.40 -24.70 -29.13
C ASP M 70 -12.03 -24.07 -29.23
N TRP M 71 -11.07 -24.60 -28.47
CA TRP M 71 -9.69 -24.12 -28.59
C TRP M 71 -9.18 -24.44 -29.97
N SER M 72 -9.43 -25.65 -30.45
CA SER M 72 -8.85 -26.08 -31.74
C SER M 72 -9.59 -25.69 -33.01
N LEU M 73 -9.76 -24.39 -33.24
CA LEU M 73 -10.37 -23.94 -34.49
C LEU M 73 -9.51 -24.15 -35.73
N LEU M 74 -8.23 -23.78 -35.64
CA LEU M 74 -7.37 -23.87 -36.81
C LEU M 74 -5.97 -24.34 -36.51
N THR M 75 -5.21 -23.49 -35.84
CA THR M 75 -3.81 -23.82 -35.56
C THR M 75 -3.67 -24.94 -34.56
N PRO M 76 -2.54 -25.65 -34.62
CA PRO M 76 -2.29 -26.75 -33.69
C PRO M 76 -1.96 -26.28 -32.29
N THR M 77 -2.02 -27.19 -31.33
CA THR M 77 -1.71 -26.86 -29.92
C THR M 77 -2.48 -25.71 -29.28
N PRO M 78 -3.81 -25.62 -29.49
CA PRO M 78 -4.52 -24.58 -28.75
C PRO M 78 -4.99 -25.20 -27.45
N ALA M 79 -4.74 -26.49 -27.26
CA ALA M 79 -5.05 -27.14 -26.00
C ALA M 79 -4.17 -26.46 -25.00
N ASN M 80 -2.96 -26.10 -25.43
CA ASN M 80 -2.07 -25.37 -24.55
C ASN M 80 -2.90 -24.19 -24.15
N THR M 81 -2.97 -23.93 -22.87
CA THR M 81 -3.85 -22.89 -22.41
C THR M 81 -3.48 -21.55 -22.98
N ALA M 82 -2.19 -21.25 -22.98
CA ALA M 82 -1.84 -19.92 -23.40
C ALA M 82 -2.23 -19.63 -24.84
N GLU M 83 -1.93 -20.57 -25.74
CA GLU M 83 -2.23 -20.33 -27.14
C GLU M 83 -3.73 -20.24 -27.32
N GLY M 84 -4.46 -21.14 -26.68
CA GLY M 84 -5.88 -21.15 -26.87
C GLY M 84 -6.53 -19.89 -26.37
N MET M 85 -6.14 -19.46 -25.17
CA MET M 85 -6.74 -18.29 -24.59
C MET M 85 -6.41 -17.08 -25.43
N ALA M 86 -5.16 -16.99 -25.88
CA ALA M 86 -4.75 -15.87 -26.70
C ALA M 86 -5.52 -15.88 -28.00
N ARG M 87 -5.74 -17.06 -28.55
CA ARG M 87 -6.39 -17.13 -29.83
C ARG M 87 -7.79 -16.55 -29.76
N LEU M 88 -8.55 -16.94 -28.74
CA LEU M 88 -9.88 -16.34 -28.58
C LEU M 88 -9.78 -14.89 -28.18
N ALA M 89 -8.85 -14.57 -27.29
CA ALA M 89 -8.78 -13.21 -26.75
C ALA M 89 -8.46 -12.11 -27.73
N ALA M 90 -7.52 -12.34 -28.63
CA ALA M 90 -7.12 -11.27 -29.51
C ALA M 90 -8.27 -10.83 -30.41
N LEU M 91 -8.99 -11.81 -30.94
CA LEU M 91 -10.14 -11.48 -31.76
C LEU M 91 -11.19 -10.79 -30.92
N VAL M 92 -11.37 -11.25 -29.69
CA VAL M 92 -12.34 -10.62 -28.80
C VAL M 92 -11.87 -9.19 -28.59
N ARG M 93 -10.57 -9.00 -28.45
CA ARG M 93 -10.06 -7.67 -28.19
C ARG M 93 -10.44 -6.80 -29.35
N THR M 94 -10.24 -7.29 -30.56
CA THR M 94 -10.61 -6.52 -31.74
C THR M 94 -12.11 -6.29 -31.81
N ALA M 95 -12.92 -7.26 -31.39
CA ALA M 95 -14.36 -7.06 -31.40
C ALA M 95 -14.73 -5.85 -30.58
N ILE M 96 -14.39 -5.86 -29.30
CA ILE M 96 -14.69 -4.72 -28.44
C ILE M 96 -13.94 -3.44 -28.82
N LEU M 97 -12.68 -3.58 -29.20
CA LEU M 97 -11.87 -2.41 -29.53
C LEU M 97 -12.02 -2.14 -31.00
N ALA M 98 -13.19 -2.39 -31.55
CA ALA M 98 -13.37 -2.26 -32.99
C ALA M 98 -13.41 -0.84 -33.49
N PRO M 99 -13.20 -0.65 -34.79
CA PRO M 99 -13.31 0.68 -35.38
C PRO M 99 -14.67 1.40 -35.30
N PRO M 100 -15.81 0.66 -35.31
CA PRO M 100 -17.07 1.42 -35.32
C PRO M 100 -17.20 2.49 -34.26
N SER M 101 -17.63 3.66 -34.68
CA SER M 101 -17.71 4.80 -33.76
C SER M 101 -18.64 4.67 -32.59
N ASP M 102 -19.81 4.09 -32.78
CA ASP M 102 -20.75 4.07 -31.67
C ASP M 102 -20.12 3.30 -30.54
N LEU M 103 -19.52 2.17 -30.87
CA LEU M 103 -18.91 1.35 -29.84
C LEU M 103 -17.80 2.12 -29.19
N SER M 104 -16.97 2.77 -29.99
CA SER M 104 -15.88 3.59 -29.47
C SER M 104 -16.32 4.85 -28.72
N GLY M 105 -17.35 5.55 -29.19
CA GLY M 105 -17.73 6.82 -28.61
C GLY M 105 -18.18 6.88 -27.16
N LEU M 106 -19.04 5.96 -26.75
CA LEU M 106 -19.53 6.03 -25.39
C LEU M 106 -18.39 5.53 -24.56
N ALA M 107 -17.51 4.76 -25.17
CA ALA M 107 -16.36 4.21 -24.45
C ALA M 107 -15.13 5.10 -24.35
N TRP M 108 -14.97 6.04 -25.29
CA TRP M 108 -13.77 6.90 -25.28
C TRP M 108 -12.65 5.91 -25.35
N SER M 109 -11.72 5.98 -24.42
CA SER M 109 -10.57 5.10 -24.47
C SER M 109 -10.97 3.65 -24.33
N ILE M 110 -10.35 2.77 -25.09
CA ILE M 110 -10.62 1.36 -24.95
C ILE M 110 -9.28 0.68 -24.88
N ALA M 111 -8.61 0.80 -23.75
CA ALA M 111 -7.29 0.22 -23.61
C ALA M 111 -7.34 -1.10 -22.87
N PRO M 112 -6.47 -2.08 -23.23
CA PRO M 112 -6.56 -3.30 -22.43
C PRO M 112 -5.89 -3.13 -21.09
N ALA M 113 -6.67 -3.02 -20.04
CA ALA M 113 -6.11 -2.89 -18.70
C ALA M 113 -5.34 -4.12 -18.24
N GLY M 114 -5.85 -5.32 -18.54
CA GLY M 114 -5.18 -6.53 -18.09
C GLY M 114 -5.50 -7.76 -18.92
N TYR M 115 -4.69 -8.80 -18.78
CA TYR M 115 -4.95 -10.06 -19.49
C TYR M 115 -4.60 -11.24 -18.60
N GLU M 116 -5.30 -12.36 -18.72
CA GLU M 116 -4.95 -13.54 -17.93
C GLU M 116 -5.43 -14.86 -18.49
N PHE M 117 -4.75 -15.97 -18.18
CA PHE M 117 -5.23 -17.29 -18.56
C PHE M 117 -5.20 -18.09 -17.28
N GLU M 118 -6.23 -18.88 -17.02
CA GLU M 118 -6.29 -19.61 -15.77
C GLU M 118 -6.66 -21.04 -15.98
N THR M 119 -6.29 -21.91 -15.04
CA THR M 119 -6.52 -23.33 -15.24
C THR M 119 -7.30 -24.01 -14.13
N GLU M 120 -8.42 -24.64 -14.48
CA GLU M 120 -9.21 -25.38 -13.50
C GLU M 120 -9.28 -26.82 -13.98
N ARG M 121 -9.05 -27.79 -13.09
CA ARG M 121 -8.99 -29.19 -13.55
C ARG M 121 -10.31 -29.92 -13.69
N GLY M 122 -11.05 -29.76 -14.80
CA GLY M 122 -12.26 -30.59 -15.05
C GLY M 122 -11.97 -31.78 -16.00
N GLU M 123 -12.80 -32.84 -16.10
CA GLU M 123 -12.51 -33.94 -17.08
C GLU M 123 -12.20 -33.25 -18.33
N THR M 124 -13.19 -32.69 -19.00
CA THR M 124 -12.75 -31.72 -19.93
C THR M 124 -12.12 -30.53 -19.28
N PRO M 125 -10.94 -30.20 -19.72
CA PRO M 125 -10.18 -29.11 -19.11
C PRO M 125 -10.84 -27.76 -19.37
N LEU M 126 -11.01 -26.97 -18.32
CA LEU M 126 -11.63 -25.66 -18.48
C LEU M 126 -10.64 -24.57 -18.14
N ALA M 127 -10.59 -23.55 -18.98
CA ALA M 127 -9.62 -22.48 -18.77
C ALA M 127 -10.27 -21.11 -18.80
N ARG M 128 -9.92 -20.26 -17.84
CA ARG M 128 -10.53 -18.94 -17.75
C ARG M 128 -9.65 -17.81 -18.28
N ALA M 129 -10.20 -16.95 -19.13
CA ALA M 129 -9.44 -15.83 -19.69
C ALA M 129 -10.08 -14.49 -19.36
N THR M 130 -9.29 -13.51 -18.90
CA THR M 130 -9.84 -12.20 -18.54
C THR M 130 -9.28 -11.12 -19.41
N GLN M 131 -10.13 -10.24 -19.90
CA GLN M 131 -9.68 -9.16 -20.77
C GLN M 131 -10.23 -7.82 -20.33
N SER M 132 -9.64 -7.23 -19.29
CA SER M 132 -10.14 -5.97 -18.79
C SER M 132 -9.90 -4.88 -19.81
N PHE M 133 -10.92 -4.09 -20.09
CA PHE M 133 -10.79 -2.98 -21.04
C PHE M 133 -11.21 -1.76 -20.29
N ALA M 134 -10.39 -0.72 -20.32
CA ALA M 134 -10.75 0.43 -19.52
C ALA M 134 -11.41 1.46 -20.41
N LEU M 135 -12.64 1.82 -20.06
CA LEU M 135 -13.37 2.80 -20.84
C LEU M 135 -13.72 3.98 -19.96
N GLN M 136 -13.45 5.19 -20.41
CA GLN M 136 -13.85 6.33 -19.61
C GLN M 136 -15.09 6.88 -20.25
N ILE M 137 -16.17 6.92 -19.49
CA ILE M 137 -17.42 7.35 -20.07
C ILE M 137 -17.92 8.62 -19.38
N LEU M 138 -18.37 9.58 -20.17
CA LEU M 138 -18.91 10.78 -19.58
C LEU M 138 -20.17 10.38 -18.90
N GLN M 139 -20.36 10.82 -17.67
CA GLN M 139 -21.62 10.54 -17.02
C GLN M 139 -22.67 11.35 -17.76
N PRO M 140 -23.81 10.73 -18.08
CA PRO M 140 -24.83 11.42 -18.85
C PRO M 140 -25.23 12.73 -18.19
N MET N 1 25.38 -12.95 -11.10
CA MET N 1 25.85 -14.32 -10.98
C MET N 1 25.70 -14.82 -9.57
N SER N 2 24.57 -15.45 -9.30
CA SER N 2 24.32 -15.88 -7.94
C SER N 2 25.33 -16.86 -7.46
N GLU N 3 25.73 -17.80 -8.30
CA GLU N 3 26.60 -18.83 -7.81
C GLU N 3 27.88 -18.24 -7.31
N ALA N 4 28.44 -17.31 -8.06
CA ALA N 4 29.70 -16.70 -7.66
C ALA N 4 29.57 -15.89 -6.39
N ILE N 5 28.52 -15.10 -6.29
CA ILE N 5 28.30 -14.32 -5.09
C ILE N 5 28.02 -15.27 -3.94
N ILE N 6 27.23 -16.30 -4.19
CA ILE N 6 26.95 -17.28 -3.16
C ILE N 6 28.25 -17.97 -2.80
N ALA N 7 29.10 -18.23 -3.80
CA ALA N 7 30.39 -18.86 -3.53
C ALA N 7 31.24 -17.96 -2.66
N ALA N 8 31.22 -16.66 -2.93
CA ALA N 8 31.97 -15.74 -2.10
C ALA N 8 31.41 -15.80 -0.71
N ALA N 9 30.09 -15.82 -0.62
CA ALA N 9 29.46 -15.93 0.67
C ALA N 9 29.81 -17.25 1.29
N ARG N 10 29.86 -18.29 0.47
CA ARG N 10 30.14 -19.61 1.00
C ARG N 10 31.51 -19.57 1.63
N GLY N 11 32.49 -18.99 0.96
CA GLY N 11 33.80 -18.85 1.57
C GLY N 11 33.76 -17.93 2.76
N ARG N 12 33.03 -16.82 2.63
CA ARG N 12 32.99 -15.81 3.68
C ARG N 12 32.27 -16.23 4.95
N LEU N 13 31.27 -17.10 4.82
CA LEU N 13 30.54 -17.56 6.00
C LEU N 13 30.89 -18.97 6.49
N ILE N 14 31.77 -19.67 5.78
CA ILE N 14 32.17 -20.99 6.24
C ILE N 14 33.07 -20.90 7.47
N SER N 15 33.63 -19.71 7.75
CA SER N 15 34.59 -19.56 8.85
C SER N 15 34.08 -19.87 10.26
N PRO N 16 32.81 -19.49 10.58
CA PRO N 16 32.36 -19.89 11.92
C PRO N 16 32.47 -21.39 11.93
N PRO N 17 32.86 -21.97 13.06
CA PRO N 17 33.12 -23.40 13.00
C PRO N 17 31.89 -24.26 13.03
N PHE N 18 31.11 -24.27 11.94
CA PHE N 18 29.94 -25.13 11.80
C PHE N 18 29.48 -25.10 10.34
N SER N 19 28.85 -26.18 9.89
CA SER N 19 28.46 -26.26 8.47
C SER N 19 27.34 -25.34 8.08
N ASP N 20 27.38 -24.84 6.84
CA ASP N 20 26.30 -24.00 6.36
C ASP N 20 25.54 -24.74 5.28
N ALA N 21 24.24 -24.91 5.48
CA ALA N 21 23.42 -25.60 4.49
C ALA N 21 22.36 -24.64 3.98
N THR N 22 22.27 -24.50 2.66
CA THR N 22 21.29 -23.58 2.09
C THR N 22 20.25 -24.31 1.28
N GLY N 23 18.98 -23.99 1.51
CA GLY N 23 17.92 -24.62 0.77
C GLY N 23 17.78 -26.13 0.87
N ASP N 24 18.03 -26.70 2.04
CA ASP N 24 17.81 -28.13 2.19
C ASP N 24 16.46 -28.31 2.86
N VAL N 25 15.42 -28.62 2.08
CA VAL N 25 14.08 -28.75 2.65
C VAL N 25 13.94 -29.87 3.62
N TYR N 26 14.46 -31.03 3.25
CA TYR N 26 14.28 -32.18 4.10
C TYR N 26 15.01 -31.90 5.40
N ARG N 27 16.15 -31.21 5.32
CA ARG N 27 16.87 -31.03 6.57
C ARG N 27 16.38 -29.97 7.51
N THR N 28 16.15 -30.38 8.75
CA THR N 28 15.73 -29.45 9.76
C THR N 28 16.39 -29.89 11.06
N PRO N 29 17.74 -29.98 11.12
CA PRO N 29 18.36 -30.55 12.32
C PRO N 29 18.51 -29.74 13.60
N GLU N 30 18.57 -30.41 14.75
CA GLU N 30 18.86 -29.70 16.01
C GLU N 30 20.27 -30.05 16.46
N ALA N 31 20.85 -31.10 15.88
CA ALA N 31 22.22 -31.50 16.22
C ALA N 31 23.22 -30.43 15.86
N ALA N 32 23.02 -29.78 14.73
CA ALA N 32 23.89 -28.68 14.35
C ALA N 32 23.38 -27.43 15.04
N LEU N 33 23.56 -27.35 16.36
CA LEU N 33 23.03 -26.23 17.12
C LEU N 33 23.44 -24.87 16.53
N PRO N 34 24.77 -24.59 16.37
CA PRO N 34 25.02 -23.29 15.76
C PRO N 34 24.70 -23.44 14.30
N ALA N 35 23.84 -22.59 13.74
CA ALA N 35 23.41 -22.77 12.36
C ALA N 35 23.56 -21.54 11.49
N ILE N 36 24.09 -21.73 10.29
CA ILE N 36 24.22 -20.62 9.34
C ILE N 36 23.68 -20.98 7.97
N ILE N 37 22.96 -20.06 7.33
CA ILE N 37 22.46 -20.28 5.96
C ILE N 37 22.43 -18.96 5.20
N VAL N 38 22.96 -18.96 3.98
CA VAL N 38 23.00 -17.72 3.17
C VAL N 38 22.17 -17.86 1.90
N GLU N 39 21.30 -16.88 1.65
CA GLU N 39 20.43 -16.93 0.47
C GLU N 39 20.59 -15.72 -0.44
N LEU N 40 20.84 -15.95 -1.73
CA LEU N 40 20.94 -14.85 -2.69
C LEU N 40 19.60 -14.20 -3.01
N ASP N 41 18.50 -14.89 -2.74
CA ASP N 41 17.15 -14.32 -2.95
C ASP N 41 16.77 -13.83 -4.34
N TYR N 42 16.29 -12.58 -4.45
CA TYR N 42 15.78 -12.08 -5.72
C TYR N 42 16.54 -10.94 -6.39
N THR N 43 16.42 -10.81 -7.71
CA THR N 43 17.07 -9.73 -8.44
C THR N 43 16.08 -8.97 -9.34
N ASP N 44 15.80 -7.70 -9.04
CA ASP N 44 14.92 -6.88 -9.94
C ASP N 44 15.83 -6.17 -10.91
N ALA N 45 15.33 -5.60 -12.03
CA ALA N 45 16.36 -4.99 -12.90
C ALA N 45 16.09 -3.77 -13.81
N GLU N 46 17.15 -3.07 -14.24
CA GLU N 46 17.02 -1.91 -15.16
C GLU N 46 18.14 -1.81 -16.20
N ARG N 47 17.92 -1.14 -17.32
CA ARG N 47 18.91 -1.04 -18.41
C ARG N 47 20.17 -0.24 -18.12
N ILE N 48 21.27 -0.58 -18.81
CA ILE N 48 22.52 0.16 -18.63
C ILE N 48 23.05 0.65 -19.96
N SER N 49 23.28 1.96 -20.06
CA SER N 49 23.86 2.55 -21.27
C SER N 49 22.94 2.53 -22.45
N MET N 50 23.46 2.91 -23.60
CA MET N 50 22.68 2.82 -24.83
C MET N 50 23.50 1.85 -25.62
N GLY N 51 22.88 0.82 -26.18
CA GLY N 51 23.64 -0.21 -26.87
C GLY N 51 23.91 -1.41 -26.01
N GLY N 52 23.47 -1.42 -24.76
CA GLY N 52 23.60 -2.64 -23.98
C GLY N 52 24.18 -2.72 -22.60
N GLY N 53 23.39 -3.17 -21.63
CA GLY N 53 23.91 -3.40 -20.29
C GLY N 53 22.72 -3.64 -19.41
N PHE N 54 22.89 -4.33 -18.30
CA PHE N 54 21.78 -4.48 -17.37
C PHE N 54 22.30 -4.49 -15.96
N ILE N 55 21.52 -3.98 -15.03
CA ILE N 55 21.93 -4.01 -13.63
C ILE N 55 20.77 -4.51 -12.81
N ALA N 56 21.08 -5.06 -11.64
CA ALA N 56 20.02 -5.66 -10.83
C ALA N 56 19.99 -5.13 -9.42
N SER N 57 18.81 -5.18 -8.80
CA SER N 57 18.72 -4.81 -7.41
C SER N 57 18.60 -6.14 -6.72
N ALA N 58 19.50 -6.47 -5.81
CA ALA N 58 19.47 -7.80 -5.22
C ALA N 58 19.59 -7.83 -3.72
N GLU N 59 18.98 -8.83 -3.10
CA GLU N 59 19.00 -8.93 -1.65
C GLU N 59 19.64 -10.22 -1.19
N LEU N 60 20.56 -10.13 -0.25
CA LEU N 60 21.19 -11.32 0.29
C LEU N 60 20.76 -11.47 1.73
N ARG N 61 20.18 -12.62 2.08
CA ARG N 61 19.70 -12.81 3.43
C ARG N 61 20.54 -13.82 4.17
N VAL N 62 21.04 -13.44 5.35
CA VAL N 62 21.84 -14.36 6.15
C VAL N 62 21.12 -14.73 7.44
N GLU N 63 20.96 -16.00 7.73
CA GLU N 63 20.19 -16.39 8.91
C GLU N 63 20.97 -17.27 9.86
N ILE N 64 20.90 -16.98 11.15
CA ILE N 64 21.65 -17.74 12.15
C ILE N 64 20.76 -18.33 13.23
N LEU N 65 20.91 -19.63 13.50
CA LEU N 65 20.12 -20.28 14.55
C LEU N 65 21.06 -20.80 15.62
N ALA N 66 20.80 -20.50 16.90
CA ALA N 66 21.78 -20.89 17.93
C ALA N 66 21.28 -21.27 19.32
N LYS N 67 22.09 -22.03 20.06
CA LYS N 67 21.72 -22.37 21.44
C LYS N 67 22.91 -22.42 22.40
N ARG N 68 22.67 -22.16 23.68
CA ARG N 68 23.71 -22.32 24.72
C ARG N 68 25.05 -21.58 24.66
N ASP N 69 26.15 -22.32 24.79
CA ASP N 69 27.49 -21.70 24.82
C ASP N 69 27.95 -21.07 23.53
N ASP N 70 27.27 -21.38 22.44
CA ASP N 70 27.60 -20.72 21.19
C ASP N 70 27.38 -19.26 21.44
N TRP N 71 26.30 -18.91 22.14
CA TRP N 71 26.09 -17.52 22.52
C TRP N 71 27.19 -17.08 23.46
N SER N 72 27.54 -17.91 24.43
CA SER N 72 28.51 -17.50 25.45
C SER N 72 29.99 -17.67 25.13
N LEU N 73 30.46 -17.02 24.07
CA LEU N 73 31.89 -17.05 23.75
C LEU N 73 32.76 -16.30 24.73
N LEU N 74 32.37 -15.07 25.08
CA LEU N 74 33.21 -14.26 25.95
C LEU N 74 32.43 -13.46 26.98
N THR N 75 31.70 -12.46 26.51
CA THR N 75 30.99 -11.58 27.42
C THR N 75 29.82 -12.27 28.10
N PRO N 76 29.45 -11.78 29.29
CA PRO N 76 28.33 -12.36 30.02
C PRO N 76 26.98 -12.04 29.40
N THR N 77 25.95 -12.76 29.81
CA THR N 77 24.59 -12.54 29.29
C THR N 77 24.37 -12.58 27.79
N PRO N 78 24.98 -13.56 27.08
CA PRO N 78 24.65 -13.64 25.66
C PRO N 78 23.47 -14.57 25.52
N ALA N 79 23.01 -15.15 26.63
CA ALA N 79 21.82 -15.98 26.61
C ALA N 79 20.72 -15.03 26.25
N ASN N 80 20.82 -13.78 26.72
CA ASN N 80 19.85 -12.78 26.35
C ASN N 80 19.91 -12.82 24.85
N THR N 81 18.74 -12.92 24.23
CA THR N 81 18.73 -13.08 22.80
C THR N 81 19.36 -11.92 22.10
N ALA N 82 19.04 -10.72 22.54
CA ALA N 82 19.54 -9.58 21.78
C ALA N 82 21.05 -9.51 21.77
N GLU N 83 21.67 -9.69 22.93
CA GLU N 83 23.11 -9.58 22.99
C GLU N 83 23.74 -10.68 22.19
N GLY N 84 23.21 -11.90 22.33
CA GLY N 84 23.81 -13.01 21.65
C GLY N 84 23.71 -12.87 20.15
N MET N 85 22.53 -12.49 19.68
CA MET N 85 22.35 -12.38 18.24
C MET N 85 23.23 -11.28 17.71
N ALA N 86 23.30 -10.16 18.42
CA ALA N 86 24.12 -9.06 17.98
C ALA N 86 25.57 -9.47 17.96
N ARG N 87 25.97 -10.26 18.95
CA ARG N 87 27.37 -10.62 19.05
C ARG N 87 27.80 -11.41 17.82
N LEU N 88 27.01 -12.40 17.43
CA LEU N 88 27.32 -13.14 16.21
C LEU N 88 27.15 -12.27 14.98
N ALA N 89 26.08 -11.48 14.95
CA ALA N 89 25.77 -10.71 13.75
C ALA N 89 26.76 -9.66 13.34
N ALA N 90 27.30 -8.91 14.28
CA ALA N 90 28.18 -7.83 13.88
C ALA N 90 29.42 -8.35 13.20
N LEU N 91 29.99 -9.42 13.75
CA LEU N 91 31.16 -10.02 13.13
C LEU N 91 30.76 -10.58 11.78
N VAL N 92 29.59 -11.19 11.69
CA VAL N 92 29.14 -11.72 10.42
C VAL N 92 29.02 -10.56 9.46
N ARG N 93 28.54 -9.42 9.95
CA ARG N 93 28.34 -8.28 9.08
C ARG N 93 29.68 -7.89 8.52
N THR N 94 30.69 -7.84 9.38
CA THR N 94 32.03 -7.51 8.92
C THR N 94 32.59 -8.55 7.98
N ALA N 95 32.27 -9.83 8.19
CA ALA N 95 32.73 -10.86 7.28
C ALA N 95 32.26 -10.58 5.87
N ILE N 96 30.96 -10.51 5.68
CA ILE N 96 30.40 -10.22 4.37
C ILE N 96 30.72 -8.82 3.85
N LEU N 97 30.70 -7.83 4.74
CA LEU N 97 30.95 -6.46 4.32
C LEU N 97 32.42 -6.19 4.47
N ALA N 98 33.25 -7.19 4.21
CA ALA N 98 34.67 -7.04 4.43
C ALA N 98 35.38 -6.15 3.43
N PRO N 99 36.57 -5.69 3.78
CA PRO N 99 37.37 -4.90 2.83
C PRO N 99 37.80 -5.58 1.52
N PRO N 100 38.03 -6.92 1.50
CA PRO N 100 38.53 -7.48 0.23
C PRO N 100 37.72 -7.13 -0.99
N SER N 101 38.42 -6.72 -2.04
CA SER N 101 37.77 -6.25 -3.25
C SER N 101 36.92 -7.26 -3.98
N ASP N 102 37.35 -8.51 -4.08
CA ASP N 102 36.57 -9.43 -4.89
C ASP N 102 35.21 -9.56 -4.28
N LEU N 103 35.17 -9.68 -2.96
CA LEU N 103 33.89 -9.84 -2.29
C LEU N 103 33.06 -8.59 -2.51
N SER N 104 33.68 -7.43 -2.35
CA SER N 104 32.99 -6.17 -2.60
C SER N 104 32.61 -5.90 -4.05
N GLY N 105 33.46 -6.24 -5.00
CA GLY N 105 33.21 -5.89 -6.39
C GLY N 105 31.99 -6.43 -7.10
N LEU N 106 31.72 -7.72 -6.94
CA LEU N 106 30.59 -8.28 -7.65
C LEU N 106 29.39 -7.80 -6.90
N ALA N 107 29.60 -7.44 -5.64
CA ALA N 107 28.50 -6.96 -4.81
C ALA N 107 28.17 -5.47 -4.90
N TRP N 108 29.15 -4.65 -5.29
CA TRP N 108 28.93 -3.21 -5.35
C TRP N 108 28.52 -2.87 -3.94
N SER N 109 27.37 -2.24 -3.79
CA SER N 109 26.94 -1.81 -2.46
C SER N 109 26.71 -3.01 -1.56
N ILE N 110 27.13 -2.90 -0.31
CA ILE N 110 26.83 -3.97 0.63
C ILE N 110 26.28 -3.31 1.86
N ALA N 111 25.03 -2.86 1.77
CA ALA N 111 24.43 -2.18 2.90
C ALA N 111 23.53 -3.10 3.72
N PRO N 112 23.47 -2.92 5.06
CA PRO N 112 22.56 -3.83 5.74
C PRO N 112 21.13 -3.40 5.58
N ALA N 113 20.37 -4.13 4.76
CA ALA N 113 18.96 -3.81 4.56
C ALA N 113 18.12 -3.98 5.81
N GLY N 114 18.36 -5.03 6.59
CA GLY N 114 17.57 -5.28 7.78
C GLY N 114 18.25 -6.12 8.83
N TYR N 115 17.72 -6.10 10.05
CA TYR N 115 18.28 -6.93 11.12
C TYR N 115 17.15 -7.48 11.99
N GLU N 116 17.29 -8.68 12.54
CA GLU N 116 16.27 -9.20 13.45
C GLU N 116 16.73 -10.27 14.41
N PHE N 117 16.07 -10.42 15.55
CA PHE N 117 16.37 -11.51 16.48
C PHE N 117 15.03 -12.17 16.75
N GLU N 118 14.97 -13.49 16.77
CA GLU N 118 13.69 -14.14 16.94
C GLU N 118 13.78 -15.24 17.96
N THR N 119 12.65 -15.59 18.56
CA THR N 119 12.68 -16.56 19.64
C THR N 119 11.76 -17.77 19.44
N GLU N 120 12.32 -18.97 19.46
CA GLU N 120 11.52 -20.19 19.35
C GLU N 120 11.76 -21.01 20.61
N ARG N 121 10.72 -21.54 21.23
CA ARG N 121 10.90 -22.22 22.52
C ARG N 121 11.33 -23.68 22.44
N GLY N 122 12.62 -24.00 22.26
CA GLY N 122 13.08 -25.42 22.35
C GLY N 122 13.72 -25.73 23.74
N GLU N 123 13.89 -27.01 24.17
CA GLU N 123 14.55 -27.26 25.50
C GLU N 123 15.75 -26.42 25.48
N THR N 124 16.75 -26.78 24.70
CA THR N 124 17.66 -25.71 24.43
C THR N 124 17.03 -24.63 23.62
N PRO N 125 17.16 -23.41 24.11
CA PRO N 125 16.53 -22.27 23.45
C PRO N 125 17.17 -21.97 22.11
N LEU N 126 16.36 -21.81 21.08
CA LEU N 126 16.89 -21.52 19.76
C LEU N 126 16.44 -20.15 19.31
N ALA N 127 17.38 -19.37 18.77
CA ALA N 127 17.05 -18.02 18.36
C ALA N 127 17.48 -17.72 16.94
N ARG N 128 16.61 -17.10 16.16
CA ARG N 128 16.91 -16.83 14.76
C ARG N 128 17.32 -15.39 14.48
N ALA N 129 18.42 -15.19 13.75
CA ALA N 129 18.90 -13.85 13.42
C ALA N 129 18.98 -13.62 11.92
N THR N 130 18.46 -12.50 11.42
CA THR N 130 18.48 -12.24 9.98
C THR N 130 19.30 -11.02 9.67
N GLN N 131 20.15 -11.11 8.66
CA GLN N 131 21.01 -10.00 8.30
C GLN N 131 20.96 -9.71 6.81
N SER N 132 19.89 -9.06 6.34
CA SER N 132 19.78 -8.80 4.93
C SER N 132 20.82 -7.81 4.49
N PHE N 133 21.52 -8.13 3.39
CA PHE N 133 22.53 -7.23 2.86
C PHE N 133 22.14 -6.97 1.44
N ALA N 134 22.09 -5.71 1.05
CA ALA N 134 21.62 -5.44 -0.29
C ALA N 134 22.81 -5.24 -1.20
N LEU N 135 22.90 -6.06 -2.23
CA LEU N 135 23.99 -5.95 -3.18
C LEU N 135 23.44 -5.68 -4.56
N GLN N 136 23.97 -4.68 -5.24
CA GLN N 136 23.52 -4.46 -6.61
C GLN N 136 24.57 -5.04 -7.51
N ILE N 137 24.18 -5.99 -8.33
CA ILE N 137 25.16 -6.65 -9.16
C ILE N 137 24.85 -6.42 -10.63
N LEU N 138 25.88 -6.09 -11.41
CA LEU N 138 25.66 -5.91 -12.83
C LEU N 138 25.33 -7.26 -13.37
N GLN N 139 24.29 -7.34 -14.19
CA GLN N 139 24.00 -8.61 -14.82
C GLN N 139 25.13 -8.86 -15.79
N PRO N 140 25.67 -10.09 -15.80
CA PRO N 140 26.80 -10.38 -16.67
C PRO N 140 26.50 -10.03 -18.11
N MET O 1 25.53 -0.79 16.80
CA MET O 1 25.93 -1.73 17.85
C MET O 1 24.79 -1.99 18.79
N SER O 2 24.03 -3.02 18.51
CA SER O 2 22.86 -3.30 19.32
C SER O 2 23.20 -3.58 20.74
N GLU O 3 24.26 -4.33 20.98
CA GLU O 3 24.54 -4.73 22.34
C GLU O 3 24.77 -3.51 23.19
N ALA O 4 25.55 -2.56 22.68
CA ALA O 4 25.85 -1.37 23.45
C ALA O 4 24.62 -0.52 23.70
N ILE O 5 23.81 -0.33 22.68
CA ILE O 5 22.59 0.44 22.85
C ILE O 5 21.67 -0.31 23.78
N ILE O 6 21.58 -1.62 23.60
CA ILE O 6 20.75 -2.43 24.48
C ILE O 6 21.33 -2.34 25.88
N ALA O 7 22.65 -2.33 26.00
CA ALA O 7 23.27 -2.19 27.30
C ALA O 7 22.92 -0.88 27.95
N ALA O 8 22.90 0.19 27.15
CA ALA O 8 22.52 1.49 27.68
C ALA O 8 21.10 1.41 28.13
N ALA O 9 20.27 0.76 27.32
CA ALA O 9 18.89 0.57 27.68
C ALA O 9 18.81 -0.29 28.90
N ARG O 10 19.66 -1.30 28.98
CA ARG O 10 19.61 -2.21 30.09
C ARG O 10 19.88 -1.41 31.35
N GLY O 11 20.88 -0.55 31.33
CA GLY O 11 21.12 0.29 32.48
C GLY O 11 19.98 1.27 32.69
N ARG O 12 19.51 1.86 31.60
CA ARG O 12 18.47 2.89 31.68
C ARG O 12 17.11 2.40 32.14
N LEU O 13 16.79 1.15 31.82
CA LEU O 13 15.49 0.60 32.24
C LEU O 13 15.53 -0.37 33.42
N ILE O 14 16.71 -0.67 33.94
CA ILE O 14 16.79 -1.53 35.11
C ILE O 14 16.30 -0.81 36.37
N SER O 15 16.20 0.52 36.32
CA SER O 15 15.83 1.31 37.51
C SER O 15 14.46 1.03 38.13
N PRO O 16 13.42 0.80 37.29
CA PRO O 16 12.16 0.45 37.94
C PRO O 16 12.46 -0.78 38.74
N PRO O 17 11.86 -0.89 39.93
CA PRO O 17 12.30 -2.02 40.76
C PRO O 17 11.71 -3.35 40.37
N PHE O 18 12.14 -3.90 39.24
CA PHE O 18 11.71 -5.24 38.79
C PHE O 18 12.61 -5.68 37.64
N SER O 19 12.81 -6.98 37.48
CA SER O 19 13.73 -7.48 36.45
C SER O 19 13.25 -7.29 35.04
N ASP O 20 14.19 -7.05 34.12
CA ASP O 20 13.82 -6.92 32.73
C ASP O 20 14.37 -8.11 31.96
N ALA O 21 13.49 -8.84 31.29
CA ALA O 21 13.93 -9.99 30.51
C ALA O 21 13.57 -9.77 29.06
N THR O 22 14.55 -9.91 28.18
CA THR O 22 14.31 -9.68 26.76
C THR O 22 14.48 -10.96 25.95
N GLY O 23 13.52 -11.25 25.09
CA GLY O 23 13.61 -12.43 24.26
C GLY O 23 13.70 -13.77 24.95
N ASP O 24 12.99 -13.95 26.07
CA ASP O 24 12.97 -15.27 26.69
C ASP O 24 11.69 -15.95 26.26
N VAL O 25 11.77 -16.85 25.29
CA VAL O 25 10.58 -17.50 24.78
C VAL O 25 9.89 -18.38 25.78
N TYR O 26 10.68 -19.17 26.48
CA TYR O 26 10.08 -20.11 27.39
C TYR O 26 9.41 -19.30 28.47
N ARG O 27 10.01 -18.18 28.87
CA ARG O 27 9.39 -17.47 29.97
C ARG O 27 8.18 -16.64 29.67
N THR O 28 7.13 -16.88 30.42
CA THR O 28 5.91 -16.11 30.27
C THR O 28 5.32 -15.95 31.66
N PRO O 29 6.06 -15.38 32.63
CA PRO O 29 5.54 -15.37 34.02
C PRO O 29 4.46 -14.38 34.45
N GLU O 30 3.68 -14.74 35.47
CA GLU O 30 2.72 -13.78 36.04
C GLU O 30 3.23 -13.33 37.40
N ALA O 31 4.20 -14.04 37.96
CA ALA O 31 4.77 -13.68 39.26
C ALA O 31 5.47 -12.34 39.20
N ALA O 32 6.16 -12.06 38.11
CA ALA O 32 6.78 -10.76 37.94
C ALA O 32 5.73 -9.82 37.40
N LEU O 33 4.76 -9.44 38.23
CA LEU O 33 3.66 -8.59 37.76
C LEU O 33 4.15 -7.33 37.05
N PRO O 34 4.99 -6.48 37.70
CA PRO O 34 5.42 -5.34 36.90
C PRO O 34 6.43 -5.88 35.92
N ALA O 35 6.25 -5.64 34.63
CA ALA O 35 7.14 -6.23 33.64
C ALA O 35 7.72 -5.27 32.64
N ILE O 36 9.02 -5.36 32.39
CA ILE O 36 9.68 -4.50 31.41
C ILE O 36 10.52 -5.31 30.44
N ILE O 37 10.49 -4.96 29.16
CA ILE O 37 11.34 -5.63 28.16
C ILE O 37 11.72 -4.64 27.05
N VAL O 38 13.01 -4.58 26.72
CA VAL O 38 13.47 -3.65 25.68
C VAL O 38 14.04 -4.37 24.47
N GLU O 39 13.58 -3.99 23.28
CA GLU O 39 14.05 -4.64 22.05
C GLU O 39 14.67 -3.68 21.06
N LEU O 40 15.88 -3.97 20.59
CA LEU O 40 16.53 -3.14 19.58
C LEU O 40 15.91 -3.27 18.20
N ASP O 41 15.19 -4.36 17.95
CA ASP O 41 14.48 -4.55 16.66
C ASP O 41 15.30 -4.54 15.37
N TYR O 42 14.91 -3.71 14.40
CA TYR O 42 15.57 -3.75 13.08
C TYR O 42 16.36 -2.51 12.66
N THR O 43 17.32 -2.69 11.76
CA THR O 43 18.10 -1.56 11.26
C THR O 43 18.14 -1.53 9.72
N ASP O 44 17.52 -0.53 9.09
CA ASP O 44 17.61 -0.40 7.59
C ASP O 44 18.80 0.48 7.31
N ALA O 45 19.32 0.55 6.06
CA ALA O 45 20.52 1.43 5.95
C ALA O 45 20.90 2.19 4.66
N GLU O 46 21.74 3.23 4.78
CA GLU O 46 22.21 4.01 3.61
C GLU O 46 23.67 4.47 3.73
N ARG O 47 24.33 4.74 2.60
CA ARG O 47 25.76 5.12 2.60
C ARG O 47 26.13 6.47 3.21
N ILE O 48 27.36 6.59 3.71
CA ILE O 48 27.81 7.84 4.29
C ILE O 48 29.10 8.30 3.65
N SER O 49 29.10 9.52 3.11
CA SER O 49 30.31 10.10 2.53
C SER O 49 30.74 9.44 1.24
N MET O 50 31.90 9.83 0.74
CA MET O 50 32.45 9.17 -0.42
C MET O 50 33.72 8.60 0.14
N GLY O 51 33.98 7.32 -0.10
CA GLY O 51 35.13 6.69 0.52
C GLY O 51 34.80 5.92 1.77
N GLY O 52 33.53 5.92 2.18
CA GLY O 52 33.18 5.05 3.30
C GLY O 52 32.43 5.50 4.53
N GLY O 53 31.25 4.90 4.76
CA GLY O 53 30.52 5.18 5.98
C GLY O 53 29.17 4.54 5.81
N PHE O 54 28.48 4.22 6.89
CA PHE O 54 27.13 3.70 6.76
C PHE O 54 26.30 4.20 7.91
N ILE O 55 25.01 4.42 7.68
CA ILE O 55 24.13 4.83 8.75
C ILE O 55 22.89 3.97 8.71
N ALA O 56 22.21 3.83 9.84
CA ALA O 56 21.06 2.96 9.89
C ALA O 56 19.82 3.62 10.41
N SER O 57 18.66 3.13 10.01
CA SER O 57 17.42 3.65 10.57
C SER O 57 17.02 2.55 11.52
N ALA O 58 16.86 2.86 12.80
CA ALA O 58 16.59 1.80 13.75
C ALA O 58 15.45 2.09 14.71
N GLU O 59 14.77 1.03 15.14
CA GLU O 59 13.64 1.19 16.03
C GLU O 59 13.84 0.47 17.34
N LEU O 60 13.59 1.15 18.45
CA LEU O 60 13.71 0.52 19.75
C LEU O 60 12.33 0.42 20.36
N ARG O 61 11.91 -0.77 20.72
CA ARG O 61 10.58 -0.95 21.26
C ARG O 61 10.63 -1.29 22.74
N VAL O 62 9.91 -0.53 23.57
CA VAL O 62 9.86 -0.81 25.00
C VAL O 62 8.48 -1.24 25.43
N GLU O 63 8.36 -2.38 26.09
CA GLU O 63 7.04 -2.87 26.45
C GLU O 63 6.87 -3.09 27.94
N ILE O 64 5.73 -2.66 28.49
CA ILE O 64 5.48 -2.79 29.92
C ILE O 64 4.20 -3.55 30.23
N LEU O 65 4.28 -4.54 31.11
CA LEU O 65 3.10 -5.31 31.50
C LEU O 65 2.86 -5.12 32.99
N ALA O 66 1.64 -4.77 33.40
CA ALA O 66 1.43 -4.47 34.82
C ALA O 66 0.09 -4.80 35.46
N LYS O 67 0.07 -4.94 36.80
CA LYS O 67 -1.18 -5.16 37.51
C LYS O 67 -1.27 -4.50 38.87
N ARG O 68 -2.48 -4.16 39.32
CA ARG O 68 -2.69 -3.62 40.68
C ARG O 68 -2.00 -2.35 41.17
N ASP O 69 -1.35 -2.44 42.33
CA ASP O 69 -0.71 -1.26 42.94
C ASP O 69 0.49 -0.72 42.21
N ASP O 70 1.03 -1.49 41.28
CA ASP O 70 2.12 -0.98 40.47
C ASP O 70 1.56 0.22 39.77
N TRP O 71 0.31 0.12 39.28
CA TRP O 71 -0.33 1.28 38.69
C TRP O 71 -0.53 2.35 39.74
N SER O 72 -0.98 1.96 40.93
CA SER O 72 -1.31 2.94 41.97
C SER O 72 -0.17 3.46 42.84
N LEU O 73 0.84 4.06 42.23
CA LEU O 73 1.92 4.67 43.01
C LEU O 73 1.51 5.91 43.80
N LEU O 74 0.80 6.83 43.15
CA LEU O 74 0.45 8.08 43.80
C LEU O 74 -0.94 8.57 43.49
N THR O 75 -1.15 9.00 42.25
CA THR O 75 -2.44 9.57 41.87
C THR O 75 -3.53 8.53 41.82
N PRO O 76 -4.78 8.98 42.01
CA PRO O 76 -5.91 8.06 41.95
C PRO O 76 -6.25 7.59 40.56
N THR O 77 -7.05 6.53 40.46
CA THR O 77 -7.45 5.99 39.16
C THR O 77 -6.35 5.59 38.17
N PRO O 78 -5.28 4.93 38.65
CA PRO O 78 -4.31 4.46 37.65
C PRO O 78 -4.73 3.06 37.23
N ALA O 79 -5.78 2.54 37.85
CA ALA O 79 -6.33 1.26 37.44
C ALA O 79 -6.81 1.48 36.04
N ASN O 80 -7.33 2.67 35.78
CA ASN O 80 -7.75 3.01 34.44
C ASN O 80 -6.51 2.75 33.64
N THR O 81 -6.66 2.00 32.57
CA THR O 81 -5.49 1.61 31.82
C THR O 81 -4.77 2.80 31.28
N ALA O 82 -5.49 3.75 30.73
CA ALA O 82 -4.79 4.83 30.09
C ALA O 82 -3.93 5.63 31.05
N GLU O 83 -4.47 5.96 32.21
CA GLU O 83 -3.71 6.77 33.15
C GLU O 83 -2.52 5.98 33.64
N GLY O 84 -2.75 4.71 33.95
CA GLY O 84 -1.68 3.92 34.49
C GLY O 84 -0.56 3.74 33.52
N MET O 85 -0.90 3.42 32.27
CA MET O 85 0.12 3.19 31.28
C MET O 85 0.88 4.46 31.02
N ALA O 86 0.16 5.58 30.94
CA ALA O 86 0.81 6.86 30.72
C ALA O 86 1.72 7.19 31.87
N ARG O 87 1.28 6.88 33.07
CA ARG O 87 2.07 7.25 34.22
C ARG O 87 3.42 6.57 34.19
N LEU O 88 3.44 5.27 33.92
CA LEU O 88 4.73 4.59 33.79
C LEU O 88 5.47 5.03 32.55
N ALA O 89 4.76 5.19 31.44
CA ALA O 89 5.41 5.51 30.18
C ALA O 89 6.15 6.82 30.10
N ALA O 90 5.58 7.88 30.63
CA ALA O 90 6.22 9.17 30.47
C ALA O 90 7.57 9.20 31.16
N LEU O 91 7.63 8.64 32.37
CA LEU O 91 8.89 8.58 33.07
C LEU O 91 9.85 7.69 32.32
N VAL O 92 9.34 6.59 31.77
CA VAL O 92 10.19 5.70 31.01
C VAL O 92 10.71 6.47 29.82
N ARG O 93 9.85 7.31 29.24
CA ARG O 93 10.25 8.05 28.06
C ARG O 93 11.40 8.93 28.44
N THR O 94 11.28 9.61 29.57
CA THR O 94 12.37 10.45 30.04
C THR O 94 13.62 9.66 30.37
N ALA O 95 13.47 8.45 30.90
CA ALA O 95 14.63 7.63 31.19
C ALA O 95 15.45 7.41 29.93
N ILE O 96 14.84 6.80 28.92
CA ILE O 96 15.53 6.57 27.67
C ILE O 96 15.91 7.84 26.92
N LEU O 97 15.02 8.83 26.93
CA LEU O 97 15.27 10.07 26.19
C LEU O 97 15.96 11.03 27.12
N ALA O 98 16.80 10.52 28.00
CA ALA O 98 17.41 11.38 29.00
C ALA O 98 18.48 12.30 28.47
N PRO O 99 18.81 13.34 29.24
CA PRO O 99 19.90 14.24 28.85
C PRO O 99 21.31 13.63 28.71
N PRO O 100 21.67 12.59 29.50
CA PRO O 100 23.06 12.14 29.39
C PRO O 100 23.53 11.85 27.99
N SER O 101 24.72 12.36 27.65
CA SER O 101 25.23 12.23 26.30
C SER O 101 25.50 10.85 25.80
N ASP O 102 26.03 9.96 26.63
CA ASP O 102 26.38 8.66 26.10
C ASP O 102 25.13 8.00 25.61
N LEU O 103 24.06 8.09 26.38
CA LEU O 103 22.82 7.46 26.00
C LEU O 103 22.32 8.09 24.72
N SER O 104 22.36 9.41 24.66
CA SER O 104 21.95 10.14 23.45
C SER O 104 22.86 9.93 22.24
N GLY O 105 24.18 9.88 22.43
CA GLY O 105 25.09 9.83 21.29
C GLY O 105 25.05 8.66 20.35
N LEU O 106 24.96 7.45 20.87
CA LEU O 106 24.99 6.32 19.99
C LEU O 106 23.61 6.28 19.39
N ALA O 107 22.66 6.89 20.08
CA ALA O 107 21.29 6.92 19.59
C ALA O 107 20.94 8.03 18.60
N TRP O 108 21.67 9.15 18.63
CA TRP O 108 21.36 10.27 17.75
C TRP O 108 19.94 10.60 18.12
N SER O 109 19.05 10.63 17.14
CA SER O 109 17.68 11.00 17.41
C SER O 109 17.01 10.02 18.34
N ILE O 110 16.23 10.51 19.28
CA ILE O 110 15.48 9.61 20.15
C ILE O 110 14.06 10.12 20.16
N ALA O 111 13.34 9.89 19.07
CA ALA O 111 11.98 10.38 18.98
C ALA O 111 10.97 9.30 19.30
N PRO O 112 9.82 9.64 19.93
CA PRO O 112 8.90 8.54 20.16
C PRO O 112 8.14 8.20 18.90
N ALA O 113 8.49 7.08 18.29
CA ALA O 113 7.79 6.63 17.09
C ALA O 113 6.31 6.30 17.32
N GLY O 114 6.01 5.64 18.44
CA GLY O 114 4.64 5.24 18.71
C GLY O 114 4.32 5.03 20.17
N TYR O 115 3.03 4.99 20.50
CA TYR O 115 2.63 4.72 21.88
C TYR O 115 1.37 3.86 21.89
N GLU O 116 1.21 2.98 22.87
CA GLU O 116 -0.02 2.20 22.97
C GLU O 116 -0.36 1.65 24.34
N PHE O 117 -1.63 1.41 24.62
CA PHE O 117 -2.03 0.76 25.88
C PHE O 117 -2.91 -0.39 25.46
N GLU O 118 -2.74 -1.55 26.06
CA GLU O 118 -3.51 -2.70 25.63
C GLU O 118 -4.09 -3.44 26.80
N THR O 119 -5.17 -4.18 26.57
CA THR O 119 -5.87 -4.83 27.67
C THR O 119 -6.02 -6.33 27.52
N GLU O 120 -5.53 -7.10 28.50
CA GLU O 120 -5.70 -8.55 28.49
C GLU O 120 -6.44 -8.92 29.77
N ARG O 121 -7.46 -9.77 29.67
CA ARG O 121 -8.26 -10.06 30.87
C ARG O 121 -7.73 -11.12 31.80
N GLY O 122 -6.80 -10.82 32.72
CA GLY O 122 -6.38 -11.80 33.75
C GLY O 122 -7.08 -11.52 35.12
N GLU O 123 -7.12 -12.46 36.09
CA GLU O 123 -7.75 -12.14 37.41
C GLU O 123 -7.20 -10.84 37.79
N THR O 124 -5.94 -10.81 38.19
CA THR O 124 -5.37 -9.50 38.13
C THR O 124 -5.26 -9.00 36.73
N PRO O 125 -5.78 -7.82 36.50
CA PRO O 125 -5.79 -7.24 35.16
C PRO O 125 -4.40 -6.91 34.68
N LEU O 126 -4.07 -7.32 33.46
CA LEU O 126 -2.75 -7.05 32.93
C LEU O 126 -2.86 -6.15 31.71
N ALA O 127 -2.02 -5.14 31.65
CA ALA O 127 -2.10 -4.20 30.55
C ALA O 127 -0.75 -3.96 29.89
N ARG O 128 -0.73 -3.99 28.56
CA ARG O 128 0.52 -3.84 27.82
C ARG O 128 0.76 -2.45 27.24
N ALA O 129 1.94 -1.87 27.47
CA ALA O 129 2.25 -0.55 26.94
C ALA O 129 3.48 -0.57 26.03
N THR O 130 3.39 0.06 24.86
CA THR O 130 4.52 0.06 23.92
C THR O 130 5.04 1.45 23.70
N GLN O 131 6.36 1.61 23.74
CA GLN O 131 6.96 2.92 23.55
C GLN O 131 8.08 2.89 22.54
N SER O 132 7.74 2.86 21.26
CA SER O 132 8.76 2.79 20.23
C SER O 132 9.56 4.07 20.21
N PHE O 133 10.88 3.95 20.20
CA PHE O 133 11.75 5.11 20.13
C PHE O 133 12.63 4.91 18.94
N ALA O 134 12.70 5.90 18.07
CA ALA O 134 13.47 5.69 16.87
C ALA O 134 14.85 6.28 17.04
N LEU O 135 15.86 5.44 16.90
CA LEU O 135 17.23 5.90 17.05
C LEU O 135 17.98 5.63 15.76
N GLN O 136 18.67 6.64 15.24
CA GLN O 136 19.48 6.38 14.05
C GLN O 136 20.89 6.24 14.51
N ILE O 137 21.49 5.09 14.24
CA ILE O 137 22.82 4.85 14.73
C ILE O 137 23.79 4.66 13.57
N LEU O 138 24.95 5.30 13.65
CA LEU O 138 25.93 5.12 12.62
C LEU O 138 26.40 3.70 12.74
N GLN O 139 26.47 2.99 11.62
CA GLN O 139 27.02 1.65 11.68
C GLN O 139 28.49 1.81 11.99
N PRO O 140 29.00 1.02 12.93
CA PRO O 140 30.40 1.17 13.34
C PRO O 140 31.32 1.08 12.14
N MET P 1 1.13 14.42 26.94
CA MET P 1 0.68 13.98 28.25
C MET P 1 -0.69 13.35 28.16
N SER P 2 -0.72 12.05 27.99
CA SER P 2 -2.00 11.38 27.80
C SER P 2 -2.89 11.55 28.98
N GLU P 3 -2.37 11.45 30.18
CA GLU P 3 -3.23 11.47 31.33
C GLU P 3 -3.99 12.77 31.39
N ALA P 4 -3.30 13.87 31.15
CA ALA P 4 -3.94 15.17 31.21
C ALA P 4 -4.99 15.36 30.13
N ILE P 5 -4.64 14.96 28.91
CA ILE P 5 -5.60 15.06 27.83
C ILE P 5 -6.76 14.11 28.10
N ILE P 6 -6.45 12.91 28.58
CA ILE P 6 -7.49 11.97 28.92
C ILE P 6 -8.31 12.55 30.04
N ALA P 7 -7.66 13.23 30.99
CA ALA P 7 -8.38 13.85 32.08
C ALA P 7 -9.31 14.93 31.57
N ALA P 8 -8.86 15.70 30.59
CA ALA P 8 -9.71 16.72 30.01
C ALA P 8 -10.87 16.03 29.36
N ALA P 9 -10.58 14.95 28.66
CA ALA P 9 -11.63 14.18 28.03
C ALA P 9 -12.51 13.59 29.09
N ARG P 10 -11.93 13.16 30.19
CA ARG P 10 -12.70 12.53 31.23
C ARG P 10 -13.69 13.56 31.74
N GLY P 11 -13.25 14.78 31.99
CA GLY P 11 -14.18 15.81 32.39
C GLY P 11 -15.15 16.14 31.27
N ARG P 12 -14.64 16.23 30.05
CA ARG P 12 -15.47 16.63 28.91
C ARG P 12 -16.53 15.61 28.50
N LEU P 13 -16.26 14.33 28.71
CA LEU P 13 -17.23 13.30 28.35
C LEU P 13 -18.00 12.68 29.51
N ILE P 14 -17.70 13.09 30.74
CA ILE P 14 -18.46 12.57 31.87
C ILE P 14 -19.87 13.17 31.91
N SER P 15 -20.11 14.26 31.19
CA SER P 15 -21.41 14.95 31.23
C SER P 15 -22.64 14.15 30.80
N PRO P 16 -22.52 13.31 29.74
CA PRO P 16 -23.70 12.51 29.44
C PRO P 16 -23.98 11.73 30.68
N PRO P 17 -25.25 11.54 31.03
CA PRO P 17 -25.49 10.92 32.33
C PRO P 17 -25.29 9.43 32.35
N PHE P 18 -24.04 8.97 32.27
CA PHE P 18 -23.70 7.55 32.38
C PHE P 18 -22.19 7.41 32.53
N SER P 19 -21.74 6.36 33.21
CA SER P 19 -20.31 6.21 33.48
C SER P 19 -19.47 5.90 32.26
N ASP P 20 -18.24 6.41 32.25
CA ASP P 20 -17.34 6.11 31.15
C ASP P 20 -16.21 5.24 31.66
N ALA P 21 -16.06 4.07 31.05
CA ALA P 21 -14.99 3.16 31.46
C ALA P 21 -14.05 2.94 30.28
N THR P 22 -12.76 3.15 30.51
CA THR P 22 -11.80 2.99 29.43
C THR P 22 -10.83 1.85 29.70
N GLY P 23 -10.64 0.99 28.71
CA GLY P 23 -9.73 -0.12 28.87
C GLY P 23 -10.02 -1.12 29.98
N ASP P 24 -11.28 -1.42 30.22
CA ASP P 24 -11.58 -2.46 31.20
C ASP P 24 -11.85 -3.75 30.43
N VAL P 25 -10.86 -4.64 30.37
CA VAL P 25 -11.03 -5.87 29.60
C VAL P 25 -12.08 -6.78 30.13
N TYR P 26 -12.07 -6.98 31.44
CA TYR P 26 -13.00 -7.92 32.01
C TYR P 26 -14.38 -7.37 31.79
N ARG P 27 -14.53 -6.04 31.88
CA ARG P 27 -15.90 -5.54 31.74
C ARG P 27 -16.47 -5.47 30.37
N THR P 28 -17.65 -6.07 30.20
CA THR P 28 -18.34 -6.01 28.95
C THR P 28 -19.82 -5.94 29.26
N PRO P 29 -20.28 -4.93 30.03
CA PRO P 29 -21.69 -4.94 30.46
C PRO P 29 -22.82 -4.54 29.52
N GLU P 30 -24.02 -5.05 29.74
CA GLU P 30 -25.18 -4.60 28.96
C GLU P 30 -26.07 -3.75 29.85
N ALA P 31 -25.86 -3.79 31.17
CA ALA P 31 -26.64 -2.99 32.11
C ALA P 31 -26.42 -1.51 31.89
N ALA P 32 -25.18 -1.12 31.60
CA ALA P 32 -24.92 0.27 31.28
C ALA P 32 -25.23 0.48 29.82
N LEU P 33 -26.51 0.48 29.46
CA LEU P 33 -26.90 0.59 28.06
C LEU P 33 -26.25 1.80 27.36
N PRO P 34 -26.44 3.04 27.88
CA PRO P 34 -25.73 4.10 27.16
C PRO P 34 -24.28 3.97 27.55
N ALA P 35 -23.39 3.87 26.57
CA ALA P 35 -21.98 3.62 26.89
C ALA P 35 -21.01 4.58 26.24
N ILE P 36 -20.05 5.08 27.02
CA ILE P 36 -19.03 5.97 26.48
C ILE P 36 -17.63 5.53 26.88
N ILE P 37 -16.68 5.60 25.97
CA ILE P 37 -15.28 5.27 26.28
C ILE P 37 -14.34 6.12 25.43
N VAL P 38 -13.34 6.74 26.07
CA VAL P 38 -12.39 7.60 25.34
C VAL P 38 -10.98 7.05 25.37
N GLU P 39 -10.34 6.95 24.21
CA GLU P 39 -8.98 6.42 24.14
C GLU P 39 -7.98 7.38 23.53
N LEU P 40 -6.87 7.64 24.22
CA LEU P 40 -5.82 8.50 23.67
C LEU P 40 -5.03 7.86 22.53
N ASP P 41 -5.07 6.54 22.44
CA ASP P 41 -4.40 5.83 21.33
C ASP P 41 -2.89 6.01 21.14
N TYR P 42 -2.47 6.37 19.92
CA TYR P 42 -1.03 6.44 19.63
C TYR P 42 -0.44 7.81 19.31
N THR P 43 0.86 7.99 19.53
CA THR P 43 1.52 9.25 19.22
C THR P 43 2.78 9.04 18.36
N ASP P 44 2.78 9.50 17.10
CA ASP P 44 4.00 9.41 16.25
C ASP P 44 4.77 10.69 16.45
N ALA P 45 6.06 10.80 16.06
CA ALA P 45 6.68 12.11 16.37
C ALA P 45 7.81 12.73 15.52
N GLU P 46 8.02 14.05 15.65
CA GLU P 46 9.10 14.76 14.92
C GLU P 46 9.76 15.87 15.73
N ARG P 47 11.00 16.26 15.41
CA ARG P 47 11.75 17.27 16.17
C ARG P 47 11.24 18.70 16.12
N ILE P 48 11.53 19.48 17.16
CA ILE P 48 11.11 20.88 17.18
C ILE P 48 12.29 21.79 17.45
N SER P 49 12.52 22.75 16.56
CA SER P 49 13.58 23.74 16.74
C SER P 49 14.97 23.17 16.63
N MET P 50 15.96 23.98 16.93
CA MET P 50 17.33 23.48 16.95
C MET P 50 17.68 23.70 18.40
N GLY P 51 18.24 22.69 19.06
CA GLY P 51 18.50 22.80 20.47
C GLY P 51 17.43 22.18 21.33
N GLY P 52 16.37 21.64 20.73
CA GLY P 52 15.42 20.92 21.54
C GLY P 52 13.92 21.13 21.52
N GLY P 53 13.17 20.08 21.16
CA GLY P 53 11.72 20.18 21.24
C GLY P 53 11.20 18.95 20.54
N PHE P 54 9.99 18.52 20.86
CA PHE P 54 9.42 17.40 20.13
C PHE P 54 7.92 17.61 20.00
N ILE P 55 7.35 17.14 18.90
CA ILE P 55 5.91 17.24 18.73
C ILE P 55 5.38 15.90 18.29
N ALA P 56 4.11 15.64 18.54
CA ALA P 56 3.57 14.33 18.23
C ALA P 56 2.32 14.40 17.38
N SER P 57 2.06 13.35 16.61
CA SER P 57 0.83 13.28 15.87
C SER P 57 0.02 12.30 16.66
N ALA P 58 -1.16 12.71 17.13
CA ALA P 58 -1.91 11.81 18.01
C ALA P 58 -3.37 11.67 17.65
N GLU P 59 -3.93 10.50 17.95
CA GLU P 59 -5.32 10.24 17.62
C GLU P 59 -6.14 9.94 18.85
N LEU P 60 -7.29 10.58 18.99
CA LEU P 60 -8.17 10.31 20.11
C LEU P 60 -9.42 9.67 19.59
N ARG P 61 -9.76 8.49 20.09
CA ARG P 61 -10.92 7.78 19.59
C ARG P 61 -12.03 7.76 20.63
N VAL P 62 -13.23 8.21 20.26
CA VAL P 62 -14.36 8.18 21.17
C VAL P 62 -15.43 7.20 20.70
N GLU P 63 -15.84 6.29 21.55
CA GLU P 63 -16.80 5.28 21.11
C GLU P 63 -18.06 5.25 21.95
N ILE P 64 -19.21 5.16 21.29
CA ILE P 64 -20.49 5.17 22.02
C ILE P 64 -21.34 3.95 21.70
N LEU P 65 -21.85 3.28 22.73
CA LEU P 65 -22.70 2.11 22.54
C LEU P 65 -24.08 2.40 23.13
N ALA P 66 -25.16 2.18 22.39
CA ALA P 66 -26.48 2.58 22.91
C ALA P 66 -27.70 1.75 22.55
N LYS P 67 -28.76 1.84 23.35
CA LYS P 67 -30.01 1.15 23.03
C LYS P 67 -31.27 1.92 23.42
N ARG P 68 -32.37 1.70 22.71
CA ARG P 68 -33.68 2.28 23.08
C ARG P 68 -33.89 3.78 23.20
N ASP P 69 -34.44 4.22 24.34
CA ASP P 69 -34.76 5.64 24.54
C ASP P 69 -33.58 6.57 24.66
N ASP P 70 -32.39 6.01 24.87
CA ASP P 70 -31.21 6.84 24.89
C ASP P 70 -31.16 7.48 23.52
N TRP P 71 -31.46 6.71 22.47
CA TRP P 71 -31.54 7.29 21.14
C TRP P 71 -32.67 8.30 21.10
N SER P 72 -33.83 7.94 21.66
CA SER P 72 -35.01 8.81 21.55
C SER P 72 -35.16 9.93 22.55
N LEU P 73 -34.18 10.85 22.59
CA LEU P 73 -34.31 12.02 23.47
C LEU P 73 -35.36 13.01 23.03
N LEU P 74 -35.40 13.36 21.75
CA LEU P 74 -36.34 14.37 21.28
C LEU P 74 -36.96 14.07 19.94
N THR P 75 -36.15 14.14 18.89
CA THR P 75 -36.66 13.94 17.55
C THR P 75 -37.09 12.51 17.29
N PRO P 76 -38.01 12.31 16.34
CA PRO P 76 -38.46 10.96 16.01
C PRO P 76 -37.45 10.17 15.22
N THR P 77 -37.65 8.87 15.13
CA THR P 77 -36.73 7.98 14.39
C THR P 77 -35.25 8.01 14.76
N PRO P 78 -34.91 8.03 16.06
CA PRO P 78 -33.49 7.94 16.37
C PRO P 78 -33.16 6.47 16.52
N ALA P 79 -34.16 5.60 16.44
CA ALA P 79 -33.94 4.17 16.46
C ALA P 79 -33.12 3.90 15.23
N ASN P 80 -33.40 4.64 14.17
CA ASN P 80 -32.61 4.49 12.96
C ASN P 80 -31.21 4.74 13.45
N THR P 81 -30.32 3.85 13.11
CA THR P 81 -28.98 3.96 13.65
C THR P 81 -28.33 5.24 13.26
N ALA P 82 -28.45 5.61 12.00
CA ALA P 82 -27.71 6.79 11.58
C ALA P 82 -28.12 8.04 12.32
N GLU P 83 -29.43 8.26 12.45
CA GLU P 83 -29.89 9.47 13.10
C GLU P 83 -29.48 9.45 14.55
N GLY P 84 -29.66 8.30 15.19
CA GLY P 84 -29.36 8.23 16.59
C GLY P 84 -27.89 8.45 16.87
N MET P 85 -27.04 7.81 16.09
CA MET P 85 -25.62 7.94 16.31
C MET P 85 -25.19 9.36 16.06
N ALA P 86 -25.72 9.96 15.00
CA ALA P 86 -25.37 11.33 14.69
C ALA P 86 -25.84 12.25 15.78
N ARG P 87 -27.01 11.96 16.32
CA ARG P 87 -27.55 12.85 17.32
C ARG P 87 -26.65 12.92 18.53
N LEU P 88 -26.20 11.77 19.02
CA LEU P 88 -25.26 11.78 20.14
C LEU P 88 -23.91 12.32 19.71
N ALA P 89 -23.45 11.93 18.53
CA ALA P 89 -22.10 12.32 18.10
C ALA P 89 -21.84 13.78 17.91
N ALA P 90 -22.77 14.50 17.32
CA ALA P 90 -22.49 15.90 17.03
C ALA P 90 -22.28 16.69 18.31
N LEU P 91 -23.13 16.44 19.29
CA LEU P 91 -22.97 17.11 20.57
C LEU P 91 -21.67 16.68 21.21
N VAL P 92 -21.35 15.40 21.09
CA VAL P 92 -20.10 14.92 21.65
C VAL P 92 -18.98 15.65 20.94
N ARG P 93 -19.12 15.85 19.64
CA ARG P 93 -18.07 16.49 18.88
C ARG P 93 -17.87 17.87 19.44
N THR P 94 -18.96 18.57 19.67
CA THR P 94 -18.86 19.91 20.26
C THR P 94 -18.29 19.88 21.65
N ALA P 95 -18.60 18.86 22.45
CA ALA P 95 -18.03 18.76 23.78
C ALA P 95 -16.52 18.76 23.71
N ILE P 96 -15.96 17.78 23.02
CA ILE P 96 -14.50 17.70 22.89
C ILE P 96 -13.89 18.85 22.10
N LEU P 97 -14.58 19.28 21.03
CA LEU P 97 -14.04 20.34 20.19
C LEU P 97 -14.57 21.65 20.71
N ALA P 98 -14.71 21.77 22.02
CA ALA P 98 -15.31 22.97 22.58
C ALA P 98 -14.43 24.19 22.54
N PRO P 99 -15.03 25.36 22.70
CA PRO P 99 -14.24 26.60 22.76
C PRO P 99 -13.24 26.74 23.91
N PRO P 100 -13.49 26.15 25.11
CA PRO P 100 -12.54 26.42 26.19
C PRO P 100 -11.09 26.16 25.85
N SER P 101 -10.24 27.12 26.20
CA SER P 101 -8.83 27.04 25.83
C SER P 101 -8.04 25.88 26.40
N ASP P 102 -8.27 25.52 27.65
CA ASP P 102 -7.42 24.49 28.22
C ASP P 102 -7.63 23.23 27.42
N LEU P 103 -8.88 22.93 27.11
CA LEU P 103 -9.17 21.71 26.36
C LEU P 103 -8.53 21.81 25.00
N SER P 104 -8.68 22.96 24.35
CA SER P 104 -8.05 23.17 23.05
C SER P 104 -6.52 23.24 23.06
N GLY P 105 -5.93 23.87 24.07
CA GLY P 105 -4.49 24.08 24.06
C GLY P 105 -3.54 22.90 24.07
N LEU P 106 -3.82 21.90 24.89
CA LEU P 106 -2.91 20.78 24.96
C LEU P 106 -3.20 19.99 23.71
N ALA P 107 -4.39 20.18 23.18
CA ALA P 107 -4.78 19.45 21.97
C ALA P 107 -4.37 20.08 20.64
N TRP P 108 -4.16 21.40 20.61
CA TRP P 108 -3.82 22.06 19.36
C TRP P 108 -4.97 21.72 18.46
N SER P 109 -4.69 21.15 17.30
CA SER P 109 -5.76 20.85 16.35
C SER P 109 -6.71 19.84 16.92
N ILE P 110 -8.00 20.04 16.69
CA ILE P 110 -8.98 19.05 17.12
C ILE P 110 -9.87 18.80 15.93
N ALA P 111 -9.37 18.08 14.95
CA ALA P 111 -10.15 17.83 13.75
C ALA P 111 -10.80 16.45 13.78
N PRO P 112 -12.02 16.31 13.21
CA PRO P 112 -12.55 14.95 13.26
C PRO P 112 -11.91 14.08 12.20
N ALA P 113 -11.04 13.18 12.63
CA ALA P 113 -10.38 12.26 11.69
C ALA P 113 -11.36 11.30 11.01
N GLY P 114 -12.32 10.77 11.76
CA GLY P 114 -13.25 9.81 11.20
C GLY P 114 -14.58 9.71 11.91
N TYR P 115 -15.57 9.11 11.27
CA TYR P 115 -16.86 8.92 11.91
C TYR P 115 -17.44 7.57 11.50
N GLU P 116 -18.19 6.90 12.37
CA GLU P 116 -18.83 5.65 11.98
C GLU P 116 -20.04 5.25 12.80
N PHE P 117 -20.95 4.46 12.24
CA PHE P 117 -22.08 3.92 12.99
C PHE P 117 -22.06 2.43 12.73
N GLU P 118 -22.26 1.61 13.75
CA GLU P 118 -22.16 0.18 13.54
C GLU P 118 -23.31 -0.54 14.18
N THR P 119 -23.61 -1.73 13.68
CA THR P 119 -24.79 -2.44 14.17
C THR P 119 -24.51 -3.84 14.70
N GLU P 120 -24.88 -4.10 15.95
CA GLU P 120 -24.74 -5.44 16.53
C GLU P 120 -26.13 -5.90 16.95
N ARG P 121 -26.50 -7.14 16.62
CA ARG P 121 -27.87 -7.58 16.91
C ARG P 121 -28.15 -8.07 18.31
N GLY P 122 -28.40 -7.20 19.30
CA GLY P 122 -28.84 -7.68 20.64
C GLY P 122 -30.38 -7.55 20.83
N GLU P 123 -31.04 -8.22 21.81
CA GLU P 123 -32.52 -8.04 21.97
C GLU P 123 -32.72 -6.59 21.93
N THR P 124 -32.33 -5.88 22.98
CA THR P 124 -32.17 -4.49 22.68
C THR P 124 -31.06 -4.25 21.73
N PRO P 125 -31.37 -3.51 20.68
CA PRO P 125 -30.39 -3.25 19.63
C PRO P 125 -29.27 -2.36 20.12
N LEU P 126 -28.02 -2.76 19.86
CA LEU P 126 -26.88 -1.98 20.30
C LEU P 126 -26.12 -1.47 19.10
N ALA P 127 -25.76 -0.18 19.13
CA ALA P 127 -25.07 0.40 17.99
C ALA P 127 -23.81 1.13 18.40
N ARG P 128 -22.72 0.91 17.68
CA ARG P 128 -21.44 1.52 18.02
C ARG P 128 -21.08 2.73 17.18
N ALA P 129 -20.67 3.84 17.81
CA ALA P 129 -20.29 5.04 17.08
C ALA P 129 -18.86 5.46 17.39
N THR P 130 -18.06 5.77 16.37
CA THR P 130 -16.67 6.16 16.59
C THR P 130 -16.42 7.58 16.14
N GLN P 131 -15.74 8.36 16.96
CA GLN P 131 -15.46 9.74 16.61
C GLN P 131 -14.00 10.09 16.80
N SER P 132 -13.16 9.68 15.86
CA SER P 132 -11.74 9.95 15.99
C SER P 132 -11.47 11.43 15.90
N PHE P 133 -10.70 11.96 16.82
CA PHE P 133 -10.35 13.38 16.80
C PHE P 133 -8.85 13.43 16.80
N ALA P 134 -8.27 14.18 15.89
CA ALA P 134 -6.83 14.16 15.81
C ALA P 134 -6.28 15.37 16.54
N LEU P 135 -5.45 15.11 17.55
CA LEU P 135 -4.87 16.19 18.31
C LEU P 135 -3.36 16.12 18.21
N GLN P 136 -2.71 17.22 17.89
CA GLN P 136 -1.25 17.20 17.88
C GLN P 136 -0.80 17.84 19.15
N ILE P 137 -0.06 17.10 19.94
CA ILE P 137 0.35 17.61 21.24
C ILE P 137 1.86 17.72 21.32
N LEU P 138 2.35 18.85 21.82
CA LEU P 138 3.77 18.99 21.98
C LEU P 138 4.17 18.02 23.04
N GLN P 139 5.23 17.27 22.80
CA GLN P 139 5.71 16.39 23.84
C GLN P 139 6.28 17.29 24.92
N PRO P 140 5.93 17.01 26.18
CA PRO P 140 6.38 17.88 27.27
C PRO P 140 7.88 18.05 27.25
N MET Q 1 -23.40 17.44 9.14
CA MET Q 1 -24.64 17.06 9.79
C MET Q 1 -25.24 15.84 9.12
N SER Q 2 -24.91 14.68 9.64
CA SER Q 2 -25.38 13.47 9.01
C SER Q 2 -26.87 13.37 9.00
N GLU Q 3 -27.52 13.74 10.09
CA GLU Q 3 -28.95 13.53 10.14
C GLU Q 3 -29.62 14.30 9.05
N ALA Q 4 -29.23 15.54 8.84
CA ALA Q 4 -29.85 16.35 7.82
C ALA Q 4 -29.60 15.83 6.42
N ILE Q 5 -28.37 15.45 6.15
CA ILE Q 5 -28.05 14.89 4.85
C ILE Q 5 -28.77 13.56 4.69
N ILE Q 6 -28.79 12.76 5.74
CA ILE Q 6 -29.50 11.50 5.70
C ILE Q 6 -30.98 11.80 5.51
N ALA Q 7 -31.48 12.86 6.16
CA ALA Q 7 -32.87 13.23 6.00
C ALA Q 7 -33.16 13.62 4.57
N ALA Q 8 -32.24 14.35 3.95
CA ALA Q 8 -32.43 14.71 2.55
C ALA Q 8 -32.45 13.45 1.75
N ALA Q 9 -31.54 12.54 2.06
CA ALA Q 9 -31.51 11.27 1.38
C ALA Q 9 -32.78 10.52 1.67
N ARG Q 10 -33.25 10.61 2.90
CA ARG Q 10 -34.43 9.87 3.27
C ARG Q 10 -35.57 10.36 2.41
N GLY Q 11 -35.72 11.66 2.25
CA GLY Q 11 -36.74 12.17 1.36
C GLY Q 11 -36.46 11.81 -0.07
N ARG Q 12 -35.20 11.92 -0.47
CA ARG Q 12 -34.81 11.67 -1.87
C ARG Q 12 -34.91 10.22 -2.31
N LEU Q 13 -34.72 9.29 -1.39
CA LEU Q 13 -34.82 7.88 -1.75
C LEU Q 13 -36.09 7.16 -1.30
N ILE Q 14 -36.98 7.86 -0.60
CA ILE Q 14 -38.23 7.24 -0.21
C ILE Q 14 -39.17 7.08 -1.41
N SER Q 15 -38.90 7.78 -2.52
CA SER Q 15 -39.79 7.76 -3.68
C SER Q 15 -40.01 6.41 -4.36
N PRO Q 16 -38.96 5.57 -4.48
CA PRO Q 16 -39.26 4.26 -5.06
C PRO Q 16 -40.29 3.66 -4.16
N PRO Q 17 -41.26 2.94 -4.72
CA PRO Q 17 -42.34 2.51 -3.84
C PRO Q 17 -42.00 1.32 -2.97
N PHE Q 18 -41.15 1.52 -1.96
CA PHE Q 18 -40.82 0.48 -1.00
C PHE Q 18 -40.06 1.11 0.17
N SER Q 19 -40.17 0.53 1.36
CA SER Q 19 -39.55 1.14 2.54
C SER Q 19 -38.04 1.08 2.56
N ASP Q 20 -37.41 2.11 3.12
CA ASP Q 20 -35.97 2.10 3.24
C ASP Q 20 -35.59 1.97 4.70
N ALA Q 21 -34.82 0.94 5.03
CA ALA Q 21 -34.38 0.74 6.41
C ALA Q 21 -32.87 0.81 6.47
N THR Q 22 -32.35 1.65 7.35
CA THR Q 22 -30.90 1.80 7.46
C THR Q 22 -30.39 1.32 8.80
N GLY Q 23 -29.34 0.51 8.79
CA GLY Q 23 -28.77 0.02 10.02
C GLY Q 23 -29.66 -0.79 10.94
N ASP Q 24 -30.52 -1.62 10.38
CA ASP Q 24 -31.32 -2.50 11.24
C ASP Q 24 -30.65 -3.86 11.24
N VAL Q 25 -29.88 -4.17 12.29
CA VAL Q 25 -29.16 -5.43 12.33
C VAL Q 25 -30.04 -6.63 12.38
N TYR Q 26 -31.06 -6.58 13.23
CA TYR Q 26 -31.89 -7.74 13.39
C TYR Q 26 -32.60 -7.97 12.07
N ARG Q 27 -32.96 -6.89 11.38
CA ARG Q 27 -33.71 -7.14 10.16
C ARG Q 27 -32.95 -7.59 8.95
N THR Q 28 -33.39 -8.69 8.37
CA THR Q 28 -32.77 -9.18 7.17
C THR Q 28 -33.89 -9.78 6.33
N PRO Q 29 -34.93 -9.00 5.97
CA PRO Q 29 -36.08 -9.62 5.28
C PRO Q 29 -36.03 -9.97 3.80
N GLU Q 30 -36.82 -10.96 3.38
CA GLU Q 30 -36.93 -11.25 1.94
C GLU Q 30 -38.29 -10.80 1.44
N ALA Q 31 -39.21 -10.52 2.36
CA ALA Q 31 -40.55 -10.05 1.99
C ALA Q 31 -40.49 -8.71 1.30
N ALA Q 32 -39.61 -7.83 1.76
CA ALA Q 32 -39.44 -6.55 1.09
C ALA Q 32 -38.47 -6.76 -0.05
N LEU Q 33 -38.91 -7.44 -1.11
CA LEU Q 33 -38.03 -7.77 -2.22
C LEU Q 33 -37.29 -6.53 -2.77
N PRO Q 34 -38.02 -5.47 -3.20
CA PRO Q 34 -37.21 -4.34 -3.65
C PRO Q 34 -36.67 -3.69 -2.40
N ALA Q 35 -35.36 -3.51 -2.31
CA ALA Q 35 -34.78 -2.99 -1.07
C ALA Q 35 -33.85 -1.80 -1.26
N ILE Q 36 -34.02 -0.78 -0.41
CA ILE Q 36 -33.14 0.38 -0.47
C ILE Q 36 -32.61 0.75 0.90
N ILE Q 37 -31.32 1.11 0.98
CA ILE Q 37 -30.73 1.55 2.24
C ILE Q 37 -29.65 2.60 1.98
N VAL Q 38 -29.69 3.71 2.71
CA VAL Q 38 -28.71 4.79 2.50
C VAL Q 38 -27.84 5.01 3.74
N GLU Q 39 -26.52 5.04 3.54
CA GLU Q 39 -25.60 5.22 4.66
C GLU Q 39 -24.69 6.43 4.52
N LEU Q 40 -24.66 7.30 5.52
CA LEU Q 40 -23.76 8.46 5.50
C LEU Q 40 -22.30 8.09 5.69
N ASP Q 41 -22.02 6.92 6.24
CA ASP Q 41 -20.63 6.45 6.40
C ASP Q 41 -19.65 7.30 7.21
N TYR Q 42 -18.48 7.61 6.63
CA TYR Q 42 -17.44 8.32 7.38
C TYR Q 42 -17.08 9.73 6.93
N THR Q 43 -16.54 10.54 7.84
CA THR Q 43 -16.11 11.89 7.50
C THR Q 43 -14.67 12.17 7.95
N ASP Q 44 -13.74 12.36 7.00
CA ASP Q 44 -12.34 12.73 7.38
C ASP Q 44 -12.27 14.24 7.38
N ALA Q 45 -11.24 14.88 7.96
CA ALA Q 45 -11.35 16.36 7.93
C ALA Q 45 -10.12 17.30 7.89
N GLU Q 46 -10.32 18.56 7.46
CA GLU Q 46 -9.23 19.56 7.43
C GLU Q 46 -9.69 20.98 7.81
N ARG Q 47 -8.79 21.85 8.25
CA ARG Q 47 -9.13 23.21 8.70
C ARG Q 47 -9.61 24.19 7.64
N ILE Q 48 -10.42 25.17 8.05
CA ILE Q 48 -10.90 26.18 7.10
C ILE Q 48 -10.60 27.57 7.60
N SER Q 49 -9.91 28.36 6.79
CA SER Q 49 -9.61 29.75 7.13
C SER Q 49 -8.63 29.91 8.25
N MET Q 50 -8.44 31.13 8.69
CA MET Q 50 -7.60 31.37 9.86
C MET Q 50 -8.59 31.96 10.81
N GLY Q 51 -8.64 31.47 12.04
CA GLY Q 51 -9.65 31.93 12.97
C GLY Q 51 -10.85 31.03 13.04
N GLY Q 52 -10.88 29.95 12.26
CA GLY Q 52 -11.97 29.01 12.44
C GLY Q 52 -12.84 28.47 11.33
N GLY Q 53 -12.81 27.14 11.12
CA GLY Q 53 -13.71 26.54 10.16
C GLY Q 53 -13.25 25.12 10.01
N PHE Q 54 -14.12 24.21 9.59
CA PHE Q 54 -13.68 22.86 9.33
C PHE Q 54 -14.45 22.30 8.16
N ILE Q 55 -13.82 21.43 7.39
CA ILE Q 55 -14.53 20.80 6.28
C ILE Q 55 -14.24 19.32 6.33
N ALA Q 56 -15.14 18.53 5.75
CA ALA Q 56 -14.98 17.08 5.83
C ALA Q 56 -15.01 16.41 4.50
N SER Q 57 -14.37 15.24 4.40
CA SER Q 57 -14.47 14.47 3.17
C SER Q 57 -15.41 13.37 3.56
N ALA Q 58 -16.52 13.22 2.86
CA ALA Q 58 -17.51 12.24 3.28
C ALA Q 58 -18.03 11.35 2.18
N GLU Q 59 -18.41 10.13 2.54
CA GLU Q 59 -18.89 9.18 1.55
C GLU Q 59 -20.29 8.74 1.86
N LEU Q 60 -21.16 8.76 0.86
CA LEU Q 60 -22.53 8.29 1.04
C LEU Q 60 -22.71 7.04 0.21
N ARG Q 61 -23.12 5.95 0.85
CA ARG Q 61 -23.27 4.70 0.13
C ARG Q 61 -24.74 4.32 -0.01
N VAL Q 62 -25.19 4.07 -1.23
CA VAL Q 62 -26.56 3.66 -1.45
C VAL Q 62 -26.63 2.22 -1.96
N GLU Q 63 -27.41 1.37 -1.31
CA GLU Q 63 -27.44 -0.03 -1.72
C GLU Q 63 -28.82 -0.52 -2.06
N ILE Q 64 -28.95 -1.26 -3.16
CA ILE Q 64 -30.25 -1.75 -3.61
C ILE Q 64 -30.29 -3.26 -3.76
N LEU Q 65 -31.30 -3.90 -3.18
CA LEU Q 65 -31.44 -5.35 -3.30
C LEU Q 65 -32.74 -5.67 -4.02
N ALA Q 66 -32.72 -6.51 -5.06
CA ALA Q 66 -33.97 -6.71 -5.83
C ALA Q 66 -34.22 -8.07 -6.46
N LYS Q 67 -35.49 -8.37 -6.74
CA LYS Q 67 -35.83 -9.62 -7.42
C LYS Q 67 -36.99 -9.50 -8.41
N ARG Q 68 -37.01 -10.34 -9.44
CA ARG Q 68 -38.15 -10.40 -10.38
C ARG Q 68 -38.62 -9.19 -11.17
N ASP Q 69 -39.92 -8.89 -11.11
CA ASP Q 69 -40.50 -7.79 -11.90
C ASP Q 69 -40.07 -6.40 -11.49
N ASP Q 70 -39.47 -6.28 -10.32
CA ASP Q 70 -38.95 -5.00 -9.92
C ASP Q 70 -37.93 -4.65 -10.96
N TRP Q 71 -37.13 -5.62 -11.39
CA TRP Q 71 -36.20 -5.38 -12.48
C TRP Q 71 -36.97 -5.08 -13.75
N SER Q 72 -38.02 -5.84 -14.02
CA SER Q 72 -38.74 -5.69 -15.29
C SER Q 72 -39.82 -4.62 -15.36
N LEU Q 73 -39.45 -3.35 -15.13
CA LEU Q 73 -40.41 -2.26 -15.28
C LEU Q 73 -40.83 -1.99 -16.71
N LEU Q 74 -39.87 -1.92 -17.63
CA LEU Q 74 -40.20 -1.58 -19.01
C LEU Q 74 -39.41 -2.36 -20.04
N THR Q 75 -38.12 -2.09 -20.13
CA THR Q 75 -37.30 -2.73 -21.14
C THR Q 75 -37.09 -4.21 -20.88
N PRO Q 76 -36.84 -4.98 -21.94
CA PRO Q 76 -36.60 -6.41 -21.78
C PRO Q 76 -35.26 -6.74 -21.17
N THR Q 77 -35.09 -7.97 -20.73
CA THR Q 77 -33.83 -8.41 -20.11
C THR Q 77 -33.29 -7.62 -18.93
N PRO Q 78 -34.14 -7.22 -17.97
CA PRO Q 78 -33.56 -6.56 -16.80
C PRO Q 78 -33.26 -7.64 -15.78
N ALA Q 79 -33.62 -8.89 -16.09
CA ALA Q 79 -33.28 -10.00 -15.23
C ALA Q 79 -31.78 -10.05 -15.25
N ASN Q 80 -31.20 -9.73 -16.40
CA ASN Q 80 -29.75 -9.67 -16.50
C ASN Q 80 -29.40 -8.71 -15.41
N THR Q 81 -28.46 -9.10 -14.58
CA THR Q 81 -28.16 -8.27 -13.43
C THR Q 81 -27.67 -6.92 -13.84
N ALA Q 82 -26.80 -6.87 -14.83
CA ALA Q 82 -26.23 -5.57 -15.14
C ALA Q 82 -27.26 -4.57 -15.59
N GLU Q 83 -28.15 -4.99 -16.49
CA GLU Q 83 -29.13 -4.06 -17.01
C GLU Q 83 -30.06 -3.64 -15.91
N GLY Q 84 -30.50 -4.60 -15.11
CA GLY Q 84 -31.44 -4.28 -14.06
C GLY Q 84 -30.86 -3.34 -13.04
N MET Q 85 -29.64 -3.62 -12.61
CA MET Q 85 -29.04 -2.78 -11.60
C MET Q 85 -28.82 -1.40 -12.15
N ALA Q 86 -28.36 -1.31 -13.39
CA ALA Q 86 -28.13 -0.02 -14.00
C ALA Q 86 -29.43 0.73 -14.13
N ARG Q 87 -30.49 0.01 -14.47
CA ARG Q 87 -31.75 0.68 -14.68
C ARG Q 87 -32.22 1.38 -13.42
N LEU Q 88 -32.18 0.69 -12.30
CA LEU Q 88 -32.53 1.33 -11.03
C LEU Q 88 -31.51 2.38 -10.64
N ALA Q 89 -30.23 2.07 -10.82
CA ALA Q 89 -29.18 2.97 -10.36
C ALA Q 89 -29.11 4.32 -11.00
N ALA Q 90 -29.29 4.41 -12.30
CA ALA Q 90 -29.13 5.70 -12.95
C ALA Q 90 -30.17 6.68 -12.47
N LEU Q 91 -31.40 6.22 -12.34
CA LEU Q 91 -32.45 7.09 -11.84
C LEU Q 91 -32.15 7.46 -10.40
N VAL Q 92 -31.66 6.50 -9.62
CA VAL Q 92 -31.32 6.77 -8.25
C VAL Q 92 -30.23 7.82 -8.26
N ARG Q 93 -29.30 7.70 -9.19
CA ARG Q 93 -28.19 8.63 -9.23
C ARG Q 93 -28.76 10.01 -9.45
N THR Q 94 -29.69 10.13 -10.38
CA THR Q 94 -30.30 11.42 -10.63
C THR Q 94 -31.11 11.91 -9.44
N ALA Q 95 -31.75 11.01 -8.70
CA ALA Q 95 -32.49 11.42 -7.52
C ALA Q 95 -31.57 12.14 -6.55
N ILE Q 96 -30.53 11.45 -6.10
CA ILE Q 96 -29.58 12.06 -5.17
C ILE Q 96 -28.79 13.22 -5.77
N LEU Q 97 -28.39 13.08 -7.03
CA LEU Q 97 -27.58 14.11 -7.67
C LEU Q 97 -28.51 15.07 -8.35
N ALA Q 98 -29.66 15.32 -7.77
CA ALA Q 98 -30.65 16.15 -8.42
C ALA Q 98 -30.32 17.63 -8.45
N PRO Q 99 -30.98 18.37 -9.33
CA PRO Q 99 -30.79 19.82 -9.36
C PRO Q 99 -31.16 20.62 -8.10
N PRO Q 100 -32.17 20.19 -7.31
CA PRO Q 100 -32.54 21.06 -6.18
C PRO Q 100 -31.39 21.48 -5.29
N SER Q 101 -31.35 22.77 -4.98
CA SER Q 101 -30.24 23.32 -4.22
C SER Q 101 -30.06 22.80 -2.82
N ASP Q 102 -31.13 22.58 -2.07
CA ASP Q 102 -30.94 22.19 -0.69
C ASP Q 102 -30.22 20.88 -0.67
N LEU Q 103 -30.63 19.97 -1.54
CA LEU Q 103 -30.00 18.66 -1.57
C LEU Q 103 -28.55 18.83 -1.96
N SER Q 104 -28.30 19.63 -2.99
CA SER Q 104 -26.93 19.90 -3.41
C SER Q 104 -26.08 20.70 -2.43
N GLY Q 105 -26.65 21.69 -1.76
CA GLY Q 105 -25.86 22.57 -0.91
C GLY Q 105 -25.13 22.00 0.29
N LEU Q 106 -25.79 21.15 1.06
CA LEU Q 106 -25.14 20.64 2.24
C LEU Q 106 -24.18 19.62 1.73
N ALA Q 107 -24.45 19.11 0.54
CA ALA Q 107 -23.59 18.10 -0.06
C ALA Q 107 -22.38 18.61 -0.85
N TRP Q 108 -22.45 19.84 -1.36
CA TRP Q 108 -21.36 20.37 -2.17
C TRP Q 108 -21.24 19.37 -3.28
N SER Q 109 -20.05 18.82 -3.47
CA SER Q 109 -19.84 17.89 -4.58
C SER Q 109 -20.69 16.65 -4.41
N ILE Q 110 -21.27 16.18 -5.50
CA ILE Q 110 -22.01 14.92 -5.42
C ILE Q 110 -21.52 14.08 -6.58
N ALA Q 111 -20.32 13.54 -6.45
CA ALA Q 111 -19.76 12.75 -7.53
C ALA Q 111 -19.94 11.25 -7.28
N PRO Q 112 -20.15 10.45 -8.35
CA PRO Q 112 -20.27 9.04 -8.01
C PRO Q 112 -18.91 8.42 -7.77
N ALA Q 113 -18.61 8.13 -6.51
CA ALA Q 113 -17.33 7.50 -6.17
C ALA Q 113 -17.19 6.10 -6.74
N GLY Q 114 -18.25 5.30 -6.70
CA GLY Q 114 -18.16 3.93 -7.18
C GLY Q 114 -19.48 3.32 -7.61
N TYR Q 115 -19.43 2.22 -8.35
CA TYR Q 115 -20.66 1.54 -8.75
C TYR Q 115 -20.43 0.03 -8.72
N GLU Q 116 -21.46 -0.76 -8.40
CA GLU Q 116 -21.31 -2.21 -8.44
C GLU Q 116 -22.59 -3.00 -8.58
N PHE Q 117 -22.52 -4.21 -9.14
CA PHE Q 117 -23.69 -5.09 -9.20
C PHE Q 117 -23.22 -6.40 -8.61
N GLU Q 118 -24.02 -7.04 -7.77
CA GLU Q 118 -23.57 -8.25 -7.13
C GLU Q 118 -24.61 -9.32 -7.19
N THR Q 119 -24.20 -10.57 -7.10
CA THR Q 119 -25.13 -11.67 -7.26
C THR Q 119 -25.19 -12.66 -6.10
N GLU Q 120 -26.36 -12.85 -5.52
CA GLU Q 120 -26.53 -13.83 -4.44
C GLU Q 120 -27.58 -14.83 -4.90
N ARG Q 121 -27.33 -16.13 -4.73
CA ARG Q 121 -28.26 -17.12 -5.27
C ARG Q 121 -29.47 -17.45 -4.41
N GLY Q 122 -30.56 -16.65 -4.44
CA GLY Q 122 -31.81 -17.05 -3.74
C GLY Q 122 -32.86 -17.65 -4.72
N GLU Q 123 -33.91 -18.38 -4.28
CA GLU Q 123 -34.92 -18.91 -5.26
C GLU Q 123 -35.24 -17.77 -6.11
N THR Q 124 -35.97 -16.80 -5.60
CA THR Q 124 -35.87 -15.57 -6.34
C THR Q 124 -34.51 -14.98 -6.26
N PRO Q 125 -33.96 -14.68 -7.42
CA PRO Q 125 -32.60 -14.15 -7.49
C PRO Q 125 -32.50 -12.77 -6.89
N LEU Q 126 -31.52 -12.56 -6.02
CA LEU Q 126 -31.35 -11.27 -5.39
C LEU Q 126 -30.03 -10.65 -5.81
N ALA Q 127 -30.06 -9.37 -6.17
CA ALA Q 127 -28.85 -8.73 -6.64
C ALA Q 127 -28.58 -7.42 -5.93
N ARG Q 128 -27.33 -7.21 -5.50
CA ARG Q 128 -26.99 -6.01 -4.75
C ARG Q 128 -26.29 -4.93 -5.57
N ALA Q 129 -26.76 -3.68 -5.47
CA ALA Q 129 -26.14 -2.58 -6.22
C ALA Q 129 -25.65 -1.48 -5.30
N THR Q 130 -24.42 -1.00 -5.50
CA THR Q 130 -23.87 0.04 -4.63
C THR Q 130 -23.59 1.30 -5.40
N GLN Q 131 -23.98 2.44 -4.85
CA GLN Q 131 -23.78 3.70 -5.53
C GLN Q 131 -23.15 4.74 -4.63
N SER Q 132 -21.85 4.64 -4.41
CA SER Q 132 -21.20 5.58 -3.51
C SER Q 132 -21.21 6.96 -4.10
N PHE Q 133 -21.59 7.95 -3.32
CA PHE Q 133 -21.60 9.33 -3.78
C PHE Q 133 -20.76 10.10 -2.81
N ALA Q 134 -19.81 10.87 -3.30
CA ALA Q 134 -18.93 11.53 -2.37
C ALA Q 134 -19.40 12.96 -2.17
N LEU Q 135 -19.70 13.30 -0.94
CA LEU Q 135 -20.16 14.64 -0.62
C LEU Q 135 -19.20 15.28 0.35
N GLN Q 136 -18.76 16.50 0.07
CA GLN Q 136 -17.91 17.17 1.05
C GLN Q 136 -18.79 18.16 1.76
N ILE Q 137 -18.88 18.00 3.07
CA ILE Q 137 -19.78 18.86 3.82
C ILE Q 137 -18.99 19.69 4.82
N LEU Q 138 -19.30 20.98 4.89
CA LEU Q 138 -18.64 21.82 5.86
C LEU Q 138 -19.11 21.35 7.20
N GLN Q 139 -18.19 21.17 8.12
CA GLN Q 139 -18.61 20.83 9.47
C GLN Q 139 -19.31 22.05 10.02
N PRO Q 140 -20.48 21.85 10.65
CA PRO Q 140 -21.24 23.00 11.15
C PRO Q 140 -20.39 23.87 12.05
N MET R 1 0.85 -9.93 -28.91
CA MET R 1 0.53 -11.24 -29.45
C MET R 1 1.15 -12.32 -28.60
N SER R 2 0.38 -12.82 -27.64
CA SER R 2 0.92 -13.80 -26.74
C SER R 2 1.35 -15.04 -27.44
N GLU R 3 0.57 -15.51 -28.39
CA GLU R 3 0.89 -16.78 -29.00
C GLU R 3 2.25 -16.72 -29.65
N ALA R 4 2.51 -15.65 -30.37
CA ALA R 4 3.79 -15.52 -31.05
C ALA R 4 4.96 -15.41 -30.10
N ILE R 5 4.80 -14.61 -29.06
CA ILE R 5 5.85 -14.48 -28.07
C ILE R 5 6.01 -15.82 -27.35
N ILE R 6 4.89 -16.45 -27.02
CA ILE R 6 4.94 -17.75 -26.38
C ILE R 6 5.58 -18.72 -27.33
N ALA R 7 5.29 -18.60 -28.63
CA ALA R 7 5.90 -19.48 -29.61
C ALA R 7 7.40 -19.27 -29.66
N ALA R 8 7.83 -18.02 -29.57
CA ALA R 8 9.26 -17.75 -29.56
C ALA R 8 9.83 -18.38 -28.33
N ALA R 9 9.13 -18.23 -27.21
CA ALA R 9 9.57 -18.84 -25.98
C ALA R 9 9.54 -20.33 -26.13
N ARG R 10 8.54 -20.84 -26.82
CA ARG R 10 8.41 -22.27 -26.96
C ARG R 10 9.63 -22.77 -27.70
N GLY R 11 10.02 -22.11 -28.77
CA GLY R 11 11.25 -22.50 -29.45
C GLY R 11 12.46 -22.27 -28.59
N ARG R 12 12.48 -21.13 -27.90
CA ARG R 12 13.65 -20.76 -27.10
C ARG R 12 13.88 -21.62 -25.86
N LEU R 13 12.81 -22.15 -25.29
CA LEU R 13 12.96 -22.99 -24.10
C LEU R 13 12.79 -24.49 -24.33
N ILE R 14 12.49 -24.90 -25.56
CA ILE R 14 12.39 -26.32 -25.84
C ILE R 14 13.78 -26.98 -25.85
N SER R 15 14.84 -26.19 -25.95
CA SER R 15 16.21 -26.74 -26.06
C SER R 15 16.70 -27.60 -24.89
N PRO R 16 16.37 -27.23 -23.64
CA PRO R 16 16.80 -28.14 -22.58
C PRO R 16 16.16 -29.45 -22.91
N PRO R 17 16.86 -30.57 -22.68
CA PRO R 17 16.27 -31.82 -23.17
C PRO R 17 15.17 -32.36 -22.30
N PHE R 18 14.00 -31.72 -22.30
CA PHE R 18 12.84 -32.21 -21.57
C PHE R 18 11.61 -31.40 -22.02
N SER R 19 10.43 -32.01 -21.97
CA SER R 19 9.23 -31.34 -22.47
C SER R 19 8.77 -30.16 -21.63
N ASP R 20 8.21 -29.14 -22.28
CA ASP R 20 7.68 -28.01 -21.55
C ASP R 20 6.17 -28.00 -21.68
N ALA R 21 5.48 -28.04 -20.54
CA ALA R 21 4.02 -28.01 -20.56
C ALA R 21 3.54 -26.78 -19.83
N THR R 22 2.68 -26.00 -20.49
CA THR R 22 2.19 -24.78 -19.88
C THR R 22 0.69 -24.84 -19.63
N GLY R 23 0.28 -24.47 -18.42
CA GLY R 23 -1.13 -24.48 -18.08
C GLY R 23 -1.86 -25.81 -18.17
N ASP R 24 -1.21 -26.90 -17.80
CA ASP R 24 -1.93 -28.17 -17.77
C ASP R 24 -2.34 -28.43 -16.33
N VAL R 25 -3.60 -28.15 -16.00
CA VAL R 25 -4.05 -28.31 -14.62
C VAL R 25 -4.03 -29.73 -14.13
N TYR R 26 -4.52 -30.63 -14.96
CA TYR R 26 -4.61 -32.00 -14.51
C TYR R 26 -3.21 -32.50 -14.32
N ARG R 27 -2.28 -32.06 -15.17
CA ARG R 27 -0.94 -32.63 -15.01
C ARG R 27 -0.10 -32.09 -13.91
N THR R 28 0.41 -33.00 -13.08
CA THR R 28 1.30 -32.62 -12.01
C THR R 28 2.32 -33.73 -11.87
N PRO R 29 3.08 -34.06 -12.94
CA PRO R 29 3.97 -35.24 -12.85
C PRO R 29 5.30 -35.18 -12.11
N GLU R 30 5.77 -36.31 -11.61
CA GLU R 30 7.11 -36.36 -11.01
C GLU R 30 8.06 -37.11 -11.95
N ALA R 31 7.50 -37.83 -12.93
CA ALA R 31 8.31 -38.56 -13.90
C ALA R 31 9.15 -37.63 -14.73
N ALA R 32 8.59 -36.49 -15.11
CA ALA R 32 9.38 -35.50 -15.84
C ALA R 32 10.14 -34.68 -14.83
N LEU R 33 11.16 -35.27 -14.21
CA LEU R 33 11.91 -34.59 -13.16
C LEU R 33 12.40 -33.20 -13.60
N PRO R 34 13.18 -33.09 -14.71
CA PRO R 34 13.55 -31.72 -15.05
C PRO R 34 12.32 -31.10 -15.65
N ALA R 35 11.87 -29.96 -15.13
CA ALA R 35 10.62 -29.38 -15.60
C ALA R 35 10.71 -27.92 -16.01
N ILE R 36 10.12 -27.59 -17.15
CA ILE R 36 10.11 -26.20 -17.61
C ILE R 36 8.71 -25.76 -18.01
N ILE R 37 8.32 -24.54 -17.66
CA ILE R 37 7.02 -23.99 -18.07
C ILE R 37 7.12 -22.49 -18.26
N VAL R 38 6.62 -21.98 -19.38
CA VAL R 38 6.69 -20.53 -19.67
C VAL R 38 5.31 -19.90 -19.74
N GLU R 39 5.11 -18.80 -19.01
CA GLU R 39 3.81 -18.13 -19.00
C GLU R 39 3.88 -16.68 -19.45
N LEU R 40 3.05 -16.29 -20.42
CA LEU R 40 3.00 -14.90 -20.86
C LEU R 40 2.34 -13.96 -19.85
N ASP R 41 1.55 -14.51 -18.94
CA ASP R 41 0.92 -13.70 -17.88
C ASP R 41 0.01 -12.54 -18.27
N TYR R 42 0.28 -11.34 -17.74
CA TYR R 42 -0.63 -10.21 -17.98
C TYR R 42 -0.10 -9.03 -18.78
N THR R 43 -0.98 -8.26 -19.41
CA THR R 43 -0.57 -7.08 -20.17
C THR R 43 -1.37 -5.83 -19.76
N ASP R 44 -0.72 -4.84 -19.14
CA ASP R 44 -1.42 -3.56 -18.81
C ASP R 44 -1.21 -2.63 -19.97
N ALA R 45 -1.96 -1.51 -20.12
CA ALA R 45 -1.67 -0.73 -21.35
C ALA R 45 -1.84 0.80 -21.44
N GLU R 46 -1.19 1.43 -22.43
CA GLU R 46 -1.31 2.90 -22.65
C GLU R 46 -1.31 3.30 -24.13
N ARG R 47 -1.86 4.46 -24.48
CA ARG R 47 -1.97 4.90 -25.88
C ARG R 47 -0.68 5.24 -26.60
N ILE R 48 -0.68 5.11 -27.93
CA ILE R 48 0.51 5.45 -28.71
C ILE R 48 0.16 6.43 -29.81
N SER R 49 0.85 7.57 -29.83
CA SER R 49 0.67 8.56 -30.89
C SER R 49 -0.66 9.27 -30.83
N MET R 50 -0.94 10.07 -31.84
CA MET R 50 -2.25 10.70 -31.92
C MET R 50 -2.77 10.11 -33.20
N GLY R 51 -3.99 9.60 -33.20
CA GLY R 51 -4.50 8.92 -34.36
C GLY R 51 -4.37 7.43 -34.29
N GLY R 52 -3.79 6.89 -33.22
CA GLY R 52 -3.78 5.45 -33.09
C GLY R 52 -2.57 4.61 -32.79
N GLY R 53 -2.59 3.89 -31.66
CA GLY R 53 -1.51 2.96 -31.37
C GLY R 53 -1.72 2.53 -29.95
N PHE R 54 -1.22 1.37 -29.57
CA PHE R 54 -1.31 0.97 -28.17
C PHE R 54 -0.07 0.20 -27.79
N ILE R 55 0.35 0.32 -26.54
CA ILE R 55 1.50 -0.45 -26.08
C ILE R 55 1.15 -1.09 -24.77
N ALA R 56 1.83 -2.18 -24.43
CA ALA R 56 1.47 -2.91 -23.23
C ALA R 56 2.65 -3.13 -22.31
N SER R 57 2.38 -3.28 -21.02
CA SER R 57 3.43 -3.62 -20.09
C SER R 57 3.17 -5.07 -19.82
N ALA R 58 4.14 -5.94 -20.09
CA ALA R 58 3.87 -7.37 -19.95
C ALA R 58 4.92 -8.13 -19.19
N GLU R 59 4.50 -9.20 -18.51
CA GLU R 59 5.43 -9.99 -17.73
C GLU R 59 5.49 -11.42 -18.20
N LEU R 60 6.68 -11.95 -18.38
CA LEU R 60 6.83 -13.34 -18.77
C LEU R 60 7.47 -14.09 -17.64
N ARG R 61 6.82 -15.15 -17.16
CA ARG R 61 7.35 -15.89 -16.03
C ARG R 61 7.84 -17.26 -16.46
N VAL R 62 9.08 -17.58 -16.13
CA VAL R 62 9.63 -18.89 -16.48
C VAL R 62 9.91 -19.71 -15.21
N GLU R 63 9.39 -20.92 -15.14
CA GLU R 63 9.56 -21.69 -13.91
C GLU R 63 10.22 -23.04 -14.15
N ILE R 64 11.18 -23.40 -13.30
CA ILE R 64 11.89 -24.66 -13.47
C ILE R 64 11.82 -25.55 -12.24
N LEU R 65 11.46 -26.81 -12.42
CA LEU R 65 11.39 -27.75 -11.30
C LEU R 65 12.40 -28.87 -11.53
N ALA R 66 13.24 -29.19 -10.55
CA ALA R 66 14.30 -30.18 -10.81
C ALA R 66 14.75 -31.09 -9.69
N LYS R 67 15.35 -32.24 -10.02
CA LYS R 67 15.89 -33.14 -9.01
C LYS R 67 17.18 -33.84 -9.42
N ARG R 68 18.03 -34.19 -8.46
CA ARG R 68 19.24 -35.00 -8.73
C ARG R 68 20.31 -34.55 -9.72
N ASP R 69 20.67 -35.42 -10.66
CA ASP R 69 21.75 -35.13 -11.62
C ASP R 69 21.46 -34.04 -12.62
N ASP R 70 20.20 -33.67 -12.74
CA ASP R 70 19.87 -32.56 -13.62
C ASP R 70 20.62 -31.38 -13.04
N TRP R 71 20.64 -31.25 -11.72
CA TRP R 71 21.43 -30.20 -11.11
C TRP R 71 22.90 -30.45 -11.39
N SER R 72 23.35 -31.70 -11.25
CA SER R 72 24.77 -31.99 -11.38
C SER R 72 25.32 -32.23 -12.78
N LEU R 73 25.20 -31.23 -13.66
CA LEU R 73 25.78 -31.34 -15.00
C LEU R 73 27.30 -31.30 -15.02
N LEU R 74 27.90 -30.35 -14.29
CA LEU R 74 29.34 -30.20 -14.33
C LEU R 74 29.98 -29.89 -13.00
N THR R 75 29.73 -28.68 -12.51
CA THR R 75 30.35 -28.25 -11.27
C THR R 75 29.81 -28.99 -10.06
N PRO R 76 30.61 -29.07 -9.00
CA PRO R 76 30.18 -29.74 -7.77
C PRO R 76 29.16 -28.94 -6.99
N THR R 77 28.50 -29.59 -6.05
CA THR R 77 27.49 -28.93 -5.21
C THR R 77 26.34 -28.21 -5.90
N PRO R 78 25.74 -28.81 -6.96
CA PRO R 78 24.57 -28.14 -7.51
C PRO R 78 23.36 -28.68 -6.79
N ALA R 79 23.56 -29.64 -5.89
CA ALA R 79 22.48 -30.15 -5.08
C ALA R 79 22.05 -28.97 -4.24
N ASN R 80 23.02 -28.15 -3.86
CA ASN R 80 22.70 -26.95 -3.11
C ASN R 80 21.72 -26.26 -4.02
N THR R 81 20.60 -25.87 -3.45
CA THR R 81 19.56 -25.32 -4.29
C THR R 81 20.02 -24.08 -4.99
N ALA R 82 20.70 -23.21 -4.29
CA ALA R 82 21.03 -21.94 -4.93
C ALA R 82 21.91 -22.12 -6.14
N GLU R 83 22.95 -22.94 -6.01
CA GLU R 83 23.87 -23.11 -7.12
C GLU R 83 23.16 -23.77 -8.27
N GLY R 84 22.38 -24.80 -7.95
CA GLY R 84 21.73 -25.52 -9.01
C GLY R 84 20.74 -24.66 -9.76
N MET R 85 19.94 -23.92 -9.02
CA MET R 85 18.93 -23.10 -9.67
C MET R 85 19.60 -22.04 -10.50
N ALA R 86 20.65 -21.43 -9.97
CA ALA R 86 21.37 -20.41 -10.70
C ALA R 86 21.98 -20.99 -11.94
N ARG R 87 22.49 -22.21 -11.83
CA ARG R 87 23.17 -22.79 -12.96
C ARG R 87 22.22 -22.95 -14.13
N LEU R 88 21.03 -23.48 -13.89
CA LEU R 88 20.05 -23.59 -14.96
C LEU R 88 19.54 -22.21 -15.37
N ALA R 89 19.30 -21.35 -14.40
CA ALA R 89 18.69 -20.05 -14.70
C ALA R 89 19.48 -19.12 -15.56
N ALA R 90 20.78 -19.01 -15.34
CA ALA R 90 21.55 -18.03 -16.09
C ALA R 90 21.54 -18.36 -17.57
N LEU R 91 21.72 -19.64 -17.89
CA LEU R 91 21.68 -20.04 -19.28
C LEU R 91 20.29 -19.81 -19.83
N VAL R 92 19.28 -20.10 -19.03
CA VAL R 92 17.91 -19.87 -19.49
C VAL R 92 17.77 -18.39 -19.74
N ARG R 93 18.36 -17.57 -18.88
CA ARG R 93 18.22 -16.13 -19.03
C ARG R 93 18.80 -15.75 -20.36
N THR R 94 19.97 -16.29 -20.67
CA THR R 94 20.58 -15.99 -21.97
C THR R 94 19.76 -16.53 -23.13
N ALA R 95 19.12 -17.67 -22.96
CA ALA R 95 18.28 -18.20 -24.02
C ALA R 95 17.21 -17.20 -24.39
N ILE R 96 16.37 -16.83 -23.43
CA ILE R 96 15.31 -15.86 -23.69
C ILE R 96 15.83 -14.46 -24.01
N LEU R 97 16.89 -14.04 -23.32
CA LEU R 97 17.41 -12.69 -23.53
C LEU R 97 18.48 -12.78 -24.60
N ALA R 98 18.30 -13.64 -25.57
CA ALA R 98 19.34 -13.85 -26.56
C ALA R 98 19.49 -12.72 -27.56
N PRO R 99 20.63 -12.68 -28.25
CA PRO R 99 20.82 -11.68 -29.30
C PRO R 99 19.87 -11.70 -30.50
N PRO R 100 19.34 -12.88 -30.92
CA PRO R 100 18.53 -12.84 -32.13
C PRO R 100 17.42 -11.82 -32.12
N SER R 101 17.31 -11.07 -33.23
CA SER R 101 16.36 -9.98 -33.30
C SER R 101 14.90 -10.35 -33.20
N ASP R 102 14.47 -11.44 -33.81
CA ASP R 102 13.05 -11.72 -33.81
C ASP R 102 12.62 -11.90 -32.37
N LEU R 103 13.42 -12.64 -31.61
CA LEU R 103 13.07 -12.89 -30.22
C LEU R 103 13.04 -11.58 -29.48
N SER R 104 14.06 -10.75 -29.69
CA SER R 104 14.11 -9.44 -29.06
C SER R 104 13.05 -8.44 -29.54
N GLY R 105 12.74 -8.42 -30.83
CA GLY R 105 11.84 -7.41 -31.36
C GLY R 105 10.41 -7.33 -30.88
N LEU R 106 9.74 -8.47 -30.77
CA LEU R 106 8.36 -8.43 -30.37
C LEU R 106 8.41 -8.17 -28.88
N ALA R 107 9.53 -8.51 -28.28
CA ALA R 107 9.69 -8.32 -26.84
C ALA R 107 10.17 -6.94 -26.39
N TRP R 108 10.86 -6.20 -27.26
CA TRP R 108 11.39 -4.90 -26.87
C TRP R 108 12.25 -5.22 -25.68
N SER R 109 12.01 -4.56 -24.56
CA SER R 109 12.85 -4.77 -23.39
C SER R 109 12.73 -6.19 -22.90
N ILE R 110 13.86 -6.77 -22.50
CA ILE R 110 13.81 -8.10 -21.91
C ILE R 110 14.62 -8.03 -20.65
N ALA R 111 14.08 -7.40 -19.62
CA ALA R 111 14.81 -7.25 -18.37
C ALA R 111 14.40 -8.30 -17.34
N PRO R 112 15.35 -8.78 -16.50
CA PRO R 112 14.84 -9.74 -15.54
C PRO R 112 14.12 -9.06 -14.40
N ALA R 113 12.80 -9.17 -14.38
CA ALA R 113 12.02 -8.57 -13.31
C ALA R 113 12.29 -9.18 -11.94
N GLY R 114 12.44 -10.50 -11.87
CA GLY R 114 12.65 -11.16 -10.60
C GLY R 114 13.35 -12.51 -10.68
N TYR R 115 13.85 -12.99 -9.56
CA TYR R 115 14.48 -14.31 -9.54
C TYR R 115 14.16 -15.01 -8.23
N GLU R 116 14.03 -16.33 -8.23
CA GLU R 116 13.80 -17.05 -6.98
C GLU R 116 14.19 -18.52 -6.98
N PHE R 117 14.50 -19.09 -5.82
CA PHE R 117 14.76 -20.52 -5.71
C PHE R 117 13.86 -21.00 -4.59
N GLU R 118 13.20 -22.14 -4.76
CA GLU R 118 12.28 -22.57 -3.73
C GLU R 118 12.47 -24.03 -3.41
N THR R 119 12.07 -24.43 -2.21
CA THR R 119 12.33 -25.80 -1.78
C THR R 119 11.09 -26.58 -1.36
N GLU R 120 10.85 -27.72 -2.00
CA GLU R 120 9.73 -28.59 -1.62
C GLU R 120 10.32 -29.94 -1.24
N ARG R 121 9.88 -30.52 -0.12
CA ARG R 121 10.51 -31.77 0.34
C ARG R 121 10.01 -33.05 -0.29
N GLY R 122 10.46 -33.45 -1.48
CA GLY R 122 10.10 -34.79 -2.03
C GLY R 122 11.24 -35.83 -1.81
N GLU R 123 11.01 -37.17 -1.91
CA GLU R 123 12.15 -38.13 -1.74
C GLU R 123 13.23 -37.59 -2.57
N THR R 124 13.10 -37.69 -3.88
CA THR R 124 13.96 -36.79 -4.59
C THR R 124 13.58 -35.37 -4.37
N PRO R 125 14.57 -34.58 -3.98
CA PRO R 125 14.32 -33.18 -3.67
C PRO R 125 13.94 -32.38 -4.89
N LEU R 126 12.86 -31.60 -4.80
CA LEU R 126 12.42 -30.81 -5.93
C LEU R 126 12.53 -29.33 -5.60
N ALA R 127 13.08 -28.56 -6.53
CA ALA R 127 13.27 -27.14 -6.27
C ALA R 127 12.72 -26.28 -7.38
N ARG R 128 12.00 -25.22 -7.02
CA ARG R 128 11.37 -24.36 -8.01
C ARG R 128 12.11 -23.06 -8.27
N ALA R 129 12.34 -22.71 -9.54
CA ALA R 129 13.05 -21.47 -9.87
C ALA R 129 12.20 -20.57 -10.76
N THR R 130 12.10 -19.28 -10.44
CA THR R 130 11.29 -18.36 -11.24
C THR R 130 12.13 -17.30 -11.87
N GLN R 131 11.91 -17.03 -13.15
CA GLN R 131 12.69 -16.03 -13.85
C GLN R 131 11.81 -15.06 -14.62
N SER R 132 11.20 -14.11 -13.91
CA SER R 132 10.32 -13.17 -14.58
C SER R 132 11.10 -12.29 -15.52
N PHE R 133 10.62 -12.14 -16.74
CA PHE R 133 11.27 -11.28 -17.72
C PHE R 133 10.23 -10.30 -18.16
N ALA R 134 10.54 -9.02 -18.14
CA ALA R 134 9.51 -8.07 -18.48
C ALA R 134 9.69 -7.65 -19.92
N LEU R 135 8.65 -7.87 -20.72
CA LEU R 135 8.70 -7.50 -22.12
C LEU R 135 7.60 -6.51 -22.41
N GLN R 136 7.92 -5.41 -23.06
CA GLN R 136 6.86 -4.48 -23.44
C GLN R 136 6.59 -4.72 -24.89
N ILE R 137 5.36 -5.08 -25.21
CA ILE R 137 5.04 -5.41 -26.58
C ILE R 137 4.00 -4.45 -27.13
N LEU R 138 4.22 -3.96 -28.34
CA LEU R 138 3.24 -3.09 -28.94
C LEU R 138 2.04 -3.93 -29.21
N GLN R 139 0.87 -3.43 -28.85
CA GLN R 139 -0.32 -4.17 -29.18
C GLN R 139 -0.46 -4.10 -30.70
N PRO R 140 -0.74 -5.25 -31.33
CA PRO R 140 -0.82 -5.26 -32.79
C PRO R 140 -1.78 -4.21 -33.30
#